data_9G04
#
_entry.id   9G04
#
_cell.length_a   1.00
_cell.length_b   1.00
_cell.length_c   1.00
_cell.angle_alpha   90.00
_cell.angle_beta   90.00
_cell.angle_gamma   90.00
#
_symmetry.space_group_name_H-M   'P 1'
#
_entity_poly.entity_id   1
_entity_poly.type   'polypeptide(L)'
_entity_poly.pdbx_seq_one_letter_code
;MRDLYRNTNTFMIRTPIFSIDNYYEFFRKDGESDKIKDRLLEICNNSVFREAILVSSKSLYSTIIDFCDGKEIKKFDYFL
QSIYKYLIRMSMRPTPFGLFSGVDFGKYAEETVISYENDNFKKFARPDLEWIIKIVKELEDNHYKNLTFKINDSIFIKGE
RALLIHSTDKEDNNRIGEISIRATKPFMRTYDLAKDGIEYNKLKYILIDEYSIEDESKIDNFLKQLIEREFLISNLRPPL
TVLDQFDYLINEVKKAEIEIPLVDELTEIKEKLKLYNETPVGAGEETYLELYKKMESVANVKNILQVDMKLNLRDKKINK
KIISDVNDLMNILLDLSMSIENPEPFLSKYKQEFIEKYGQDREISLLEMLDNDIGIGPPMNYERPRNNRSLDVSVNELLD
NNVRDYFMEKYFQALKTNSRNIAIRDDEIKNLELQKIDYENIPDSLEINLLVKNKSEDNLSDEFQYYIGPNLGSTSAGKS
FGRFSHMMSEPKKFFEELDERNIELIDSEEYVTCEISYLPSEVRNANVTRNIHSSEYEMSLFTNGSKDNLYRIKLNDIYI
GLENNTFYAKSKTLNKKLLLTINNMLNPQTAPNAIRFLNDISLDEKKLWYKFVWSDVYKDFSYIPAIKYKNFVIMPETWK
MNKINMKINKKTEFNEFKNQFNDYRIKYGVPQYVYITFADNRILLNLDDEQCVKILYHECKNSFNEIILNSYEEEGVNIV
KESHKDYICELVIPLTKIKQETISDKVSARMLSSDISSLSKERVKDPFDEWLYIKLYGISSNVDDLIAYYISEFCNELVE
EEIISKYFFMRYVDPEQHIRLRLNSSQEKLLMIYPKIREWLSMIRKKGLMTYFSIDSYDREIERYGGIELINIAEKVFFF
DSIVTEDILRAKREGSFDFCDEIIGMISVVHYMESFGLPYAKQVEFLRSQVSSSEYREDFKQKRTEYMKLCNSNKDWEGL
RESEEGNILIEILNKRRKIIEYYGNKVRENEEVSTDLSILDSIIHLNCNRMFGIDREFEKKVRALASHALYALKHFKS
;
_entity_poly.pdbx_strand_id   A,B
#
# COMPACT_ATOMS: atom_id res chain seq x y z
N ARG A 2 -2.89 32.75 -23.33
CA ARG A 2 -4.22 32.63 -23.98
C ARG A 2 -5.29 32.34 -22.93
N ASP A 3 -6.31 33.19 -22.89
CA ASP A 3 -7.37 33.06 -21.90
C ASP A 3 -8.20 31.81 -22.12
N LEU A 4 -8.38 31.04 -21.05
CA LEU A 4 -9.19 29.82 -21.08
C LEU A 4 -10.63 30.06 -20.65
N TYR A 5 -10.91 31.16 -19.95
CA TYR A 5 -12.18 31.36 -19.28
C TYR A 5 -12.71 32.76 -19.56
N ARG A 6 -14.04 32.88 -19.61
CA ARG A 6 -14.71 34.17 -19.67
C ARG A 6 -15.71 34.33 -18.53
N ASN A 7 -15.95 35.58 -18.14
CA ASN A 7 -16.91 35.90 -17.10
C ASN A 7 -18.35 35.68 -17.56
N THR A 8 -19.23 35.48 -16.58
CA THR A 8 -20.67 35.59 -16.76
C THR A 8 -21.11 37.05 -16.58
N ASN A 9 -22.42 37.28 -16.59
CA ASN A 9 -22.97 38.62 -16.49
C ASN A 9 -22.83 39.27 -15.12
N THR A 10 -22.54 38.51 -14.05
CA THR A 10 -22.68 39.07 -12.71
C THR A 10 -21.84 38.28 -11.71
N PHE A 11 -21.64 38.88 -10.54
CA PHE A 11 -20.85 38.30 -9.45
C PHE A 11 -21.47 38.68 -8.11
N MET A 12 -21.10 37.94 -7.07
CA MET A 12 -21.62 38.13 -5.71
C MET A 12 -20.69 38.99 -4.87
N ILE A 13 -21.27 39.90 -4.09
CA ILE A 13 -20.57 40.73 -3.11
C ILE A 13 -21.01 40.31 -1.71
N ARG A 14 -20.04 40.17 -0.79
CA ARG A 14 -20.31 39.80 0.60
C ARG A 14 -19.65 40.78 1.56
N THR A 15 -20.35 41.14 2.63
CA THR A 15 -19.86 42.15 3.57
C THR A 15 -20.44 41.94 4.96
N PRO A 16 -19.66 42.12 6.03
CA PRO A 16 -20.22 42.11 7.38
C PRO A 16 -21.15 43.29 7.62
N ILE A 17 -21.93 43.19 8.70
CA ILE A 17 -22.88 44.25 9.04
C ILE A 17 -22.22 45.46 9.70
N PHE A 18 -21.08 45.29 10.38
CA PHE A 18 -20.36 46.39 11.00
C PHE A 18 -19.07 46.70 10.25
N SER A 19 -18.63 47.95 10.36
CA SER A 19 -17.33 48.36 9.86
C SER A 19 -16.22 47.91 10.79
N ILE A 20 -14.99 47.90 10.25
CA ILE A 20 -13.84 47.45 11.01
C ILE A 20 -13.50 48.38 12.16
N ASP A 21 -13.93 49.65 12.09
CA ASP A 21 -13.70 50.57 13.21
C ASP A 21 -14.34 50.07 14.50
N ASN A 22 -15.48 49.40 14.42
CA ASN A 22 -16.10 48.83 15.61
C ASN A 22 -15.22 47.77 16.26
N TYR A 23 -14.35 47.13 15.49
CA TYR A 23 -13.42 46.16 16.07
C TYR A 23 -12.33 46.87 16.87
N TYR A 24 -11.61 47.79 16.24
CA TYR A 24 -10.50 48.48 16.92
C TYR A 24 -10.98 49.34 18.08
N GLU A 25 -12.16 49.93 17.99
CA GLU A 25 -12.68 50.72 19.10
C GLU A 25 -13.07 49.86 20.30
N PHE A 26 -13.41 48.60 20.09
CA PHE A 26 -13.71 47.73 21.22
C PHE A 26 -12.46 47.26 21.94
N PHE A 27 -11.32 47.23 21.25
CA PHE A 27 -10.03 46.98 21.87
C PHE A 27 -9.26 48.27 22.13
N ARG A 28 -9.98 49.32 22.53
CA ARG A 28 -9.40 50.54 23.12
C ARG A 28 -8.32 51.14 22.23
N LYS A 29 -8.59 51.20 20.93
CA LYS A 29 -7.69 51.88 20.00
C LYS A 29 -7.50 53.33 20.38
N ASP A 30 -8.60 54.03 20.68
CA ASP A 30 -8.58 55.44 21.04
C ASP A 30 -9.03 55.68 22.48
N GLY A 31 -9.03 54.65 23.31
CA GLY A 31 -9.58 54.73 24.65
C GLY A 31 -8.56 54.36 25.71
N GLU A 32 -8.51 55.17 26.78
CA GLU A 32 -7.58 54.91 27.87
C GLU A 32 -8.07 53.81 28.79
N SER A 33 -9.38 53.71 29.00
CA SER A 33 -9.92 52.72 29.92
C SER A 33 -9.78 51.32 29.35
N ASP A 34 -9.47 50.36 30.21
CA ASP A 34 -9.35 48.97 29.83
C ASP A 34 -10.25 48.08 30.68
N LYS A 35 -11.34 48.65 31.19
CA LYS A 35 -12.32 47.88 31.95
C LYS A 35 -13.02 46.87 31.06
N ILE A 36 -13.44 45.76 31.68
CA ILE A 36 -14.21 44.74 30.97
C ILE A 36 -15.66 45.19 30.79
N LYS A 37 -16.27 45.67 31.86
CA LYS A 37 -17.61 46.25 31.76
C LYS A 37 -17.50 47.69 31.24
N ASP A 38 -18.57 48.46 31.39
CA ASP A 38 -18.80 49.67 30.60
C ASP A 38 -18.95 49.34 29.12
N ARG A 39 -17.86 48.93 28.46
CA ARG A 39 -17.99 48.48 27.08
C ARG A 39 -18.93 47.29 26.96
N LEU A 40 -18.85 46.36 27.93
CA LEU A 40 -19.78 45.24 27.93
C LEU A 40 -21.22 45.70 28.05
N LEU A 41 -21.48 46.75 28.83
CA LEU A 41 -22.82 47.33 28.85
C LEU A 41 -23.15 48.06 27.56
N GLU A 42 -22.20 48.82 27.01
CA GLU A 42 -22.48 49.62 25.83
C GLU A 42 -22.89 48.78 24.62
N ILE A 43 -22.23 47.65 24.39
CA ILE A 43 -22.63 46.79 23.27
C ILE A 43 -23.98 46.14 23.49
N CYS A 44 -24.29 45.72 24.72
CA CYS A 44 -25.60 45.13 24.98
C CYS A 44 -26.73 46.12 24.87
N ASN A 45 -26.45 47.42 24.87
CA ASN A 45 -27.45 48.44 24.57
C ASN A 45 -27.56 48.76 23.09
N ASN A 46 -26.73 48.13 22.24
CA ASN A 46 -26.85 48.31 20.80
C ASN A 46 -27.99 47.44 20.29
N SER A 47 -28.96 48.06 19.62
CA SER A 47 -30.16 47.35 19.18
C SER A 47 -29.91 46.40 18.02
N VAL A 48 -28.99 46.74 17.10
CA VAL A 48 -28.66 45.82 16.03
C VAL A 48 -28.00 44.56 16.57
N PHE A 49 -27.09 44.72 17.53
CA PHE A 49 -26.46 43.57 18.16
C PHE A 49 -27.49 42.67 18.85
N ARG A 50 -28.42 43.27 19.57
CA ARG A 50 -29.46 42.48 20.24
C ARG A 50 -30.30 41.69 19.25
N GLU A 51 -30.77 42.31 18.17
CA GLU A 51 -31.59 41.58 17.21
C GLU A 51 -30.80 40.51 16.47
N ALA A 52 -29.52 40.77 16.17
CA ALA A 52 -28.69 39.75 15.56
C ALA A 52 -28.53 38.54 16.48
N ILE A 53 -28.35 38.77 17.78
CA ILE A 53 -28.25 37.64 18.70
C ILE A 53 -29.60 36.94 18.85
N LEU A 54 -30.69 37.70 18.88
CA LEU A 54 -32.02 37.09 18.94
C LEU A 54 -32.28 36.14 17.79
N VAL A 55 -32.01 36.59 16.57
CA VAL A 55 -32.25 35.76 15.38
C VAL A 55 -31.38 34.51 15.38
N SER A 56 -30.24 34.54 16.05
CA SER A 56 -29.33 33.39 16.04
C SER A 56 -29.44 32.49 17.27
N SER A 57 -29.60 33.05 18.47
CA SER A 57 -29.63 32.21 19.67
C SER A 57 -30.52 32.88 20.72
N LYS A 58 -31.76 32.40 20.82
CA LYS A 58 -32.71 32.95 21.78
C LYS A 58 -32.29 32.69 23.22
N SER A 59 -31.53 31.61 23.47
CA SER A 59 -30.94 31.38 24.79
C SER A 59 -30.06 32.54 25.23
N LEU A 60 -29.00 32.82 24.48
CA LEU A 60 -28.08 33.91 24.85
C LEU A 60 -28.78 35.26 24.89
N TYR A 61 -29.78 35.49 24.05
CA TYR A 61 -30.55 36.72 24.13
C TYR A 61 -31.19 36.90 25.50
N SER A 62 -31.81 35.85 26.04
CA SER A 62 -32.43 35.95 27.35
C SER A 62 -31.42 36.31 28.45
N THR A 63 -30.19 35.81 28.34
CA THR A 63 -29.15 36.20 29.29
C THR A 63 -28.78 37.67 29.17
N ILE A 64 -28.68 38.20 27.95
CA ILE A 64 -28.41 39.62 27.78
C ILE A 64 -29.47 40.47 28.48
N ILE A 65 -30.74 40.09 28.37
CA ILE A 65 -31.80 40.87 29.01
C ILE A 65 -31.64 40.86 30.54
N ASP A 66 -31.38 39.69 31.12
CA ASP A 66 -31.08 39.62 32.55
C ASP A 66 -29.90 40.52 32.92
N PHE A 67 -28.83 40.48 32.13
CA PHE A 67 -27.64 41.27 32.43
C PHE A 67 -27.93 42.76 32.38
N CYS A 68 -28.76 43.20 31.44
CA CYS A 68 -29.17 44.61 31.43
C CYS A 68 -30.14 44.91 32.56
N ASP A 69 -30.96 43.94 32.98
CA ASP A 69 -31.76 44.08 34.19
C ASP A 69 -30.93 44.08 35.47
N GLY A 70 -29.61 43.93 35.36
CA GLY A 70 -28.74 44.05 36.52
C GLY A 70 -28.66 42.82 37.38
N LYS A 71 -29.24 41.71 36.94
CA LYS A 71 -29.12 40.46 37.65
C LYS A 71 -27.68 39.93 37.53
N GLU A 72 -27.32 39.05 38.46
CA GLU A 72 -26.00 38.41 38.42
C GLU A 72 -26.08 37.10 37.64
N ILE A 73 -25.24 36.98 36.62
CA ILE A 73 -25.21 35.78 35.78
C ILE A 73 -24.42 34.70 36.49
N LYS A 74 -24.83 33.45 36.27
CA LYS A 74 -24.08 32.33 36.82
C LYS A 74 -22.67 32.26 36.24
N LYS A 75 -22.58 32.07 34.92
CA LYS A 75 -21.28 31.74 34.31
C LYS A 75 -20.41 32.97 34.12
N PHE A 76 -20.99 34.06 33.62
CA PHE A 76 -20.27 35.30 33.35
C PHE A 76 -19.02 35.13 32.50
N ASP A 77 -18.11 34.23 32.91
CA ASP A 77 -16.93 33.97 32.09
C ASP A 77 -17.33 33.39 30.74
N TYR A 78 -18.19 32.38 30.73
CA TYR A 78 -18.77 31.88 29.50
C TYR A 78 -19.56 32.96 28.76
N PHE A 79 -20.16 33.89 29.51
CA PHE A 79 -20.86 35.02 28.90
C PHE A 79 -19.91 35.97 28.17
N LEU A 80 -18.76 36.29 28.75
CA LEU A 80 -17.78 37.14 28.07
C LEU A 80 -17.31 36.56 26.73
N GLN A 81 -16.88 35.30 26.73
CA GLN A 81 -16.34 34.74 25.49
C GLN A 81 -17.36 34.66 24.37
N SER A 82 -18.62 34.41 24.68
CA SER A 82 -19.66 34.41 23.64
C SER A 82 -19.85 35.80 23.05
N ILE A 83 -19.92 36.82 23.89
CA ILE A 83 -20.12 38.18 23.38
C ILE A 83 -18.91 38.63 22.57
N TYR A 84 -17.70 38.27 23.00
CA TYR A 84 -16.51 38.60 22.22
C TYR A 84 -16.54 37.93 20.86
N LYS A 85 -16.84 36.63 20.84
CA LYS A 85 -16.87 35.89 19.59
C LYS A 85 -17.91 36.44 18.61
N TYR A 86 -19.11 36.76 19.09
CA TYR A 86 -20.10 37.36 18.18
C TYR A 86 -19.75 38.78 17.75
N LEU A 87 -19.18 39.60 18.63
CA LEU A 87 -18.78 40.95 18.20
C LEU A 87 -17.74 40.87 17.09
N ILE A 88 -16.75 39.99 17.24
CA ILE A 88 -15.74 39.84 16.20
C ILE A 88 -16.36 39.29 14.93
N ARG A 89 -17.22 38.28 15.04
CA ARG A 89 -17.85 37.71 13.85
C ARG A 89 -18.75 38.71 13.13
N MET A 90 -19.38 39.64 13.87
CA MET A 90 -20.13 40.71 13.25
C MET A 90 -19.25 41.75 12.58
N SER A 91 -17.98 41.85 12.95
CA SER A 91 -17.14 42.92 12.40
C SER A 91 -16.21 42.44 11.29
N MET A 92 -15.80 41.19 11.29
CA MET A 92 -14.61 40.77 10.56
C MET A 92 -14.81 39.60 9.60
N ARG A 93 -15.89 38.84 9.69
CA ARG A 93 -16.08 37.64 8.87
C ARG A 93 -17.17 37.84 7.83
N PRO A 94 -16.84 38.02 6.54
CA PRO A 94 -17.86 38.30 5.53
C PRO A 94 -18.82 37.16 5.22
N THR A 95 -18.48 35.91 5.52
CA THR A 95 -19.34 34.77 5.18
C THR A 95 -20.77 35.00 5.66
N PRO A 96 -21.76 34.97 4.75
CA PRO A 96 -23.12 35.41 5.10
C PRO A 96 -23.87 34.42 5.97
N PHE A 97 -24.36 34.88 7.11
CA PHE A 97 -25.20 34.10 8.00
C PHE A 97 -26.06 35.03 8.83
N GLY A 98 -27.29 34.59 9.12
CA GLY A 98 -28.15 35.34 10.03
C GLY A 98 -28.30 36.79 9.64
N LEU A 99 -28.15 37.67 10.62
CA LEU A 99 -27.99 39.10 10.39
C LEU A 99 -26.56 39.58 10.56
N PHE A 100 -25.62 38.66 10.75
CA PHE A 100 -24.22 39.07 10.90
C PHE A 100 -23.61 39.56 9.59
N SER A 101 -24.13 39.10 8.45
CA SER A 101 -23.52 39.42 7.17
C SER A 101 -24.54 39.23 6.06
N GLY A 102 -24.35 39.95 4.95
CA GLY A 102 -25.32 39.95 3.87
C GLY A 102 -24.67 39.85 2.50
N VAL A 103 -25.51 39.79 1.48
CA VAL A 103 -25.12 39.50 0.10
C VAL A 103 -25.68 40.55 -0.84
N ASP A 104 -24.99 40.77 -1.95
CA ASP A 104 -25.53 41.56 -3.05
C ASP A 104 -24.88 41.12 -4.35
N PHE A 105 -25.43 41.57 -5.48
CA PHE A 105 -25.04 41.11 -6.80
C PHE A 105 -24.55 42.27 -7.67
N GLY A 106 -23.30 42.19 -8.12
CA GLY A 106 -22.65 43.25 -8.86
C GLY A 106 -22.60 43.00 -10.37
N LYS A 107 -22.03 43.98 -11.08
CA LYS A 107 -21.87 43.94 -12.52
C LYS A 107 -20.51 44.54 -12.91
N TYR A 108 -19.99 44.11 -14.06
CA TYR A 108 -18.67 44.54 -14.51
C TYR A 108 -18.74 45.87 -15.24
N ALA A 109 -17.69 46.68 -15.09
CA ALA A 109 -17.64 48.00 -15.68
C ALA A 109 -16.19 48.38 -15.95
N GLU A 110 -15.98 49.61 -16.43
CA GLU A 110 -14.66 50.14 -16.71
C GLU A 110 -13.93 50.66 -15.48
N GLU A 111 -14.63 50.87 -14.36
CA GLU A 111 -13.96 51.28 -13.13
C GLU A 111 -14.72 50.73 -11.94
N THR A 112 -14.02 50.67 -10.80
CA THR A 112 -14.59 50.15 -9.57
C THR A 112 -15.20 51.27 -8.74
N VAL A 113 -16.45 51.08 -8.32
CA VAL A 113 -17.07 51.95 -7.33
C VAL A 113 -18.13 51.14 -6.57
N ILE A 114 -17.97 51.00 -5.26
CA ILE A 114 -18.93 50.30 -4.42
C ILE A 114 -19.23 51.15 -3.19
N SER A 115 -20.53 51.41 -2.95
CA SER A 115 -20.94 52.37 -1.94
C SER A 115 -22.28 51.93 -1.35
N TYR A 116 -22.45 52.15 -0.05
CA TYR A 116 -23.73 51.90 0.61
C TYR A 116 -24.73 53.03 0.40
N GLU A 117 -25.98 52.63 0.15
CA GLU A 117 -27.14 53.51 0.24
C GLU A 117 -27.60 53.62 1.70
N ASN A 118 -28.40 54.66 1.98
CA ASN A 118 -29.07 54.77 3.28
C ASN A 118 -30.06 53.63 3.52
N ASP A 119 -30.71 53.13 2.47
CA ASP A 119 -31.66 52.03 2.59
C ASP A 119 -31.01 50.66 2.73
N ASN A 120 -29.82 50.60 3.30
CA ASN A 120 -29.11 49.34 3.43
C ASN A 120 -29.87 48.31 4.28
N PHE A 121 -29.46 47.05 4.12
CA PHE A 121 -29.92 45.90 4.89
C PHE A 121 -31.42 45.66 4.85
N LYS A 122 -31.85 44.76 3.96
CA LYS A 122 -33.21 44.23 3.91
C LYS A 122 -33.27 42.85 4.55
N LYS A 123 -34.28 42.63 5.40
CA LYS A 123 -34.53 41.30 5.94
C LYS A 123 -35.25 40.39 4.94
N PHE A 124 -34.90 39.10 4.95
CA PHE A 124 -35.56 38.04 4.18
C PHE A 124 -35.78 36.83 5.09
N ALA A 125 -36.79 36.89 5.95
CA ALA A 125 -37.15 35.76 6.80
C ALA A 125 -38.13 34.83 6.10
N ARG A 126 -37.95 33.52 6.31
CA ARG A 126 -38.92 32.54 5.88
C ARG A 126 -38.87 31.32 6.80
N PRO A 127 -39.92 30.49 6.80
CA PRO A 127 -39.96 29.32 7.70
C PRO A 127 -38.87 28.29 7.46
N ASP A 128 -38.48 27.61 8.54
CA ASP A 128 -37.56 26.48 8.49
C ASP A 128 -38.27 25.22 8.02
N LEU A 129 -37.55 24.38 7.27
CA LEU A 129 -38.11 23.10 6.81
C LEU A 129 -38.46 22.15 7.95
N GLU A 130 -37.76 22.21 9.07
CA GLU A 130 -38.12 21.37 10.22
C GLU A 130 -39.55 21.66 10.70
N TRP A 131 -39.99 22.91 10.55
CA TRP A 131 -41.33 23.31 10.95
C TRP A 131 -42.34 22.97 9.86
N ILE A 132 -41.98 23.22 8.59
CA ILE A 132 -42.84 22.84 7.49
C ILE A 132 -43.16 21.35 7.57
N ILE A 133 -42.12 20.54 7.73
CA ILE A 133 -42.31 19.10 7.69
C ILE A 133 -42.94 18.56 8.97
N LYS A 134 -42.72 19.22 10.11
CA LYS A 134 -43.51 18.91 11.29
C LYS A 134 -45.00 19.10 11.03
N ILE A 135 -45.37 20.16 10.32
CA ILE A 135 -46.79 20.37 10.01
C ILE A 135 -47.30 19.37 8.97
N VAL A 136 -46.50 19.10 7.95
CA VAL A 136 -46.90 18.14 6.92
C VAL A 136 -47.16 16.76 7.49
N LYS A 137 -46.27 16.26 8.34
CA LYS A 137 -46.48 14.95 8.96
C LYS A 137 -47.79 14.88 9.74
N GLU A 138 -48.12 15.91 10.51
CA GLU A 138 -49.37 15.93 11.25
C GLU A 138 -50.60 15.83 10.35
N LEU A 139 -50.65 16.60 9.25
CA LEU A 139 -51.80 16.53 8.36
C LEU A 139 -51.94 15.18 7.67
N GLU A 140 -50.85 14.62 7.15
CA GLU A 140 -50.95 13.35 6.44
C GLU A 140 -51.17 12.17 7.36
N ASP A 141 -50.97 12.35 8.67
CA ASP A 141 -51.36 11.33 9.63
C ASP A 141 -52.86 11.35 9.91
N ASN A 142 -53.46 12.54 10.03
CA ASN A 142 -54.89 12.62 10.29
C ASN A 142 -55.76 12.42 9.04
N HIS A 143 -55.35 12.95 7.90
CA HIS A 143 -56.26 13.15 6.76
C HIS A 143 -55.83 12.38 5.51
N TYR A 144 -55.01 11.34 5.66
CA TYR A 144 -54.49 10.60 4.53
C TYR A 144 -55.55 10.25 3.49
N LYS A 145 -56.76 9.91 3.92
CA LYS A 145 -57.82 9.56 2.98
C LYS A 145 -58.13 10.67 1.97
N ASN A 146 -57.73 11.91 2.22
CA ASN A 146 -57.91 12.98 1.25
C ASN A 146 -56.74 13.15 0.29
N LEU A 147 -55.58 12.59 0.62
CA LEU A 147 -54.33 12.88 -0.08
C LEU A 147 -54.14 12.00 -1.32
N THR A 148 -53.27 12.47 -2.22
CA THR A 148 -52.81 11.74 -3.39
C THR A 148 -51.35 11.33 -3.20
N PHE A 149 -51.01 10.11 -3.62
CA PHE A 149 -49.72 9.50 -3.29
C PHE A 149 -48.97 9.03 -4.52
N LYS A 150 -47.64 9.06 -4.42
CA LYS A 150 -46.72 8.58 -5.46
C LYS A 150 -45.70 7.63 -4.84
N ILE A 151 -45.14 6.77 -5.68
CA ILE A 151 -44.00 5.95 -5.27
C ILE A 151 -42.75 6.82 -5.07
N ASN A 152 -41.94 6.43 -4.09
CA ASN A 152 -40.64 7.04 -3.87
C ASN A 152 -39.65 6.70 -4.99
N ASP A 153 -39.19 7.71 -5.71
CA ASP A 153 -38.30 7.52 -6.86
C ASP A 153 -36.94 6.92 -6.52
N SER A 154 -36.58 6.83 -5.24
CA SER A 154 -35.35 6.13 -4.85
C SER A 154 -35.49 4.62 -4.78
N ILE A 155 -36.69 4.06 -4.97
CA ILE A 155 -36.93 2.66 -4.66
C ILE A 155 -36.13 1.75 -5.58
N PHE A 156 -35.60 0.67 -5.02
CA PHE A 156 -34.97 -0.43 -5.73
C PHE A 156 -35.65 -1.74 -5.34
N ILE A 157 -35.82 -2.64 -6.31
CA ILE A 157 -36.41 -3.94 -6.07
C ILE A 157 -35.36 -5.00 -6.39
N LYS A 158 -35.09 -5.87 -5.43
CA LYS A 158 -33.98 -6.82 -5.51
C LYS A 158 -34.53 -8.18 -5.07
N GLY A 159 -34.78 -9.05 -6.04
CA GLY A 159 -35.42 -10.32 -5.75
C GLY A 159 -36.80 -10.13 -5.16
N GLU A 160 -36.98 -10.58 -3.92
CA GLU A 160 -38.23 -10.44 -3.20
C GLU A 160 -38.22 -9.32 -2.15
N ARG A 161 -37.24 -8.43 -2.19
CA ARG A 161 -37.11 -7.33 -1.25
C ARG A 161 -37.19 -6.00 -2.00
N ALA A 162 -37.67 -4.96 -1.32
CA ALA A 162 -37.61 -3.60 -1.83
C ALA A 162 -36.92 -2.69 -0.83
N LEU A 163 -36.15 -1.73 -1.35
CA LEU A 163 -35.22 -0.95 -0.54
C LEU A 163 -35.25 0.52 -0.93
N LEU A 164 -34.90 1.38 0.03
CA LEU A 164 -34.69 2.80 -0.17
C LEU A 164 -33.26 3.14 0.21
N ILE A 165 -32.75 4.27 -0.30
CA ILE A 165 -31.32 4.57 -0.14
C ILE A 165 -30.93 5.06 1.26
N HIS A 166 -31.87 5.48 2.12
CA HIS A 166 -31.53 5.66 3.53
C HIS A 166 -32.65 5.12 4.40
N SER A 167 -32.30 4.81 5.64
CA SER A 167 -33.20 4.10 6.54
C SER A 167 -34.37 4.96 6.99
N THR A 168 -35.57 4.39 6.93
CA THR A 168 -36.80 5.01 7.37
C THR A 168 -37.50 4.06 8.33
N ASP A 169 -38.18 4.62 9.33
CA ASP A 169 -38.74 3.83 10.42
C ASP A 169 -37.65 2.95 11.02
N LYS A 170 -36.46 3.52 11.13
CA LYS A 170 -35.24 2.77 11.40
C LYS A 170 -35.19 2.31 12.86
N GLU A 171 -34.22 1.43 13.13
CA GLU A 171 -33.94 0.95 14.48
C GLU A 171 -32.42 0.86 14.62
N ASP A 172 -31.93 1.22 15.82
CA ASP A 172 -30.49 1.27 16.02
C ASP A 172 -29.84 -0.11 15.92
N ASN A 173 -30.57 -1.17 16.25
CA ASN A 173 -30.11 -2.51 15.92
C ASN A 173 -30.13 -2.76 14.42
N ASN A 174 -31.07 -2.15 13.70
CA ASN A 174 -31.28 -2.45 12.29
C ASN A 174 -30.37 -1.63 11.39
N ARG A 175 -30.08 -0.38 11.76
CA ARG A 175 -29.39 0.52 10.86
C ARG A 175 -28.01 0.00 10.48
N ILE A 176 -27.46 -0.96 11.23
CA ILE A 176 -26.17 -1.54 10.88
C ILE A 176 -26.24 -2.38 9.62
N GLY A 177 -27.44 -2.78 9.19
CA GLY A 177 -27.58 -3.64 8.03
C GLY A 177 -28.60 -3.15 7.04
N GLU A 178 -29.00 -4.02 6.12
CA GLU A 178 -30.09 -3.73 5.21
C GLU A 178 -31.40 -3.55 5.97
N ILE A 179 -32.26 -2.68 5.44
CA ILE A 179 -33.65 -2.57 5.86
C ILE A 179 -34.51 -2.54 4.61
N SER A 180 -35.60 -3.30 4.62
CA SER A 180 -36.38 -3.51 3.42
C SER A 180 -37.78 -3.96 3.78
N ILE A 181 -38.70 -3.78 2.84
CA ILE A 181 -40.04 -4.35 2.91
C ILE A 181 -40.11 -5.55 1.99
N ARG A 182 -40.99 -6.49 2.32
CA ARG A 182 -41.24 -7.64 1.45
C ARG A 182 -42.07 -7.22 0.24
N ALA A 183 -41.58 -7.55 -0.95
CA ALA A 183 -42.25 -7.23 -2.21
C ALA A 183 -43.37 -8.23 -2.53
N THR A 184 -44.37 -8.26 -1.67
CA THR A 184 -45.51 -9.15 -1.89
C THR A 184 -46.34 -8.67 -3.08
N LYS A 185 -47.14 -9.60 -3.63
CA LYS A 185 -47.94 -9.32 -4.82
C LYS A 185 -48.79 -8.05 -4.72
N PRO A 186 -49.52 -7.78 -3.63
CA PRO A 186 -50.22 -6.48 -3.54
C PRO A 186 -49.30 -5.28 -3.51
N PHE A 187 -48.03 -5.43 -3.10
CA PHE A 187 -47.07 -4.34 -3.26
C PHE A 187 -46.73 -4.11 -4.73
N MET A 188 -46.48 -5.18 -5.48
CA MET A 188 -46.15 -5.03 -6.89
C MET A 188 -47.32 -4.46 -7.69
N ARG A 189 -48.55 -4.72 -7.26
CA ARG A 189 -49.71 -4.07 -7.87
C ARG A 189 -49.76 -2.57 -7.55
N THR A 190 -49.54 -2.21 -6.28
CA THR A 190 -49.49 -0.80 -5.92
C THR A 190 -48.38 -0.07 -6.67
N TYR A 191 -47.24 -0.72 -6.85
CA TYR A 191 -46.12 -0.11 -7.55
C TYR A 191 -46.50 0.29 -8.99
N ASP A 192 -47.37 -0.47 -9.64
CA ASP A 192 -47.88 -0.07 -10.95
C ASP A 192 -49.00 0.98 -10.87
N LEU A 193 -49.86 0.89 -9.86
CA LEU A 193 -50.98 1.83 -9.78
C LEU A 193 -50.52 3.24 -9.41
N ALA A 194 -49.64 3.37 -8.44
CA ALA A 194 -49.17 4.67 -7.98
C ALA A 194 -48.03 5.23 -8.81
N LYS A 195 -47.79 4.67 -10.00
CA LYS A 195 -46.72 5.13 -10.86
C LYS A 195 -46.79 6.63 -11.12
N ASP A 196 -47.95 7.10 -11.58
CA ASP A 196 -48.17 8.50 -11.91
C ASP A 196 -48.99 9.25 -10.87
N GLY A 197 -49.17 8.69 -9.67
CA GLY A 197 -50.02 9.27 -8.65
C GLY A 197 -51.43 8.73 -8.67
N ILE A 198 -52.00 8.49 -7.48
CA ILE A 198 -53.35 7.97 -7.35
C ILE A 198 -53.94 8.45 -6.04
N GLU A 199 -55.26 8.60 -6.03
CA GLU A 199 -55.97 8.92 -4.79
C GLU A 199 -56.07 7.71 -3.88
N TYR A 200 -56.07 7.97 -2.58
CA TYR A 200 -56.12 6.89 -1.60
C TYR A 200 -57.33 5.98 -1.79
N ASN A 201 -58.52 6.57 -1.99
CA ASN A 201 -59.71 5.75 -2.15
C ASN A 201 -59.67 4.93 -3.43
N LYS A 202 -59.28 5.55 -4.54
CA LYS A 202 -59.17 4.80 -5.80
C LYS A 202 -58.20 3.63 -5.68
N LEU A 203 -57.06 3.85 -5.02
CA LEU A 203 -56.12 2.76 -4.78
C LEU A 203 -56.69 1.69 -3.86
N LYS A 204 -57.26 2.09 -2.73
CA LYS A 204 -57.74 1.13 -1.74
C LYS A 204 -58.75 0.15 -2.32
N TYR A 205 -59.74 0.64 -3.05
CA TYR A 205 -60.81 -0.24 -3.54
C TYR A 205 -60.43 -1.11 -4.72
N ILE A 206 -59.41 -0.75 -5.50
CA ILE A 206 -58.87 -1.72 -6.45
C ILE A 206 -58.25 -2.91 -5.73
N LEU A 207 -57.40 -2.65 -4.74
CA LEU A 207 -56.74 -3.74 -4.02
C LEU A 207 -57.76 -4.62 -3.30
N ILE A 208 -58.71 -4.00 -2.59
CA ILE A 208 -59.73 -4.76 -1.88
C ILE A 208 -60.50 -5.67 -2.85
N ASP A 209 -60.86 -5.13 -4.02
CA ASP A 209 -61.56 -5.92 -5.02
C ASP A 209 -60.68 -7.06 -5.55
N GLU A 210 -59.53 -6.71 -6.13
CA GLU A 210 -58.75 -7.74 -6.84
C GLU A 210 -58.20 -8.80 -5.90
N TYR A 211 -57.91 -8.47 -4.65
CA TYR A 211 -57.54 -9.46 -3.65
C TYR A 211 -58.70 -9.89 -2.75
N SER A 212 -59.90 -9.38 -2.99
CA SER A 212 -61.12 -9.90 -2.38
C SER A 212 -61.00 -10.06 -0.88
N ILE A 213 -60.43 -9.05 -0.21
CA ILE A 213 -59.88 -9.27 1.12
C ILE A 213 -60.99 -9.44 2.15
N GLU A 214 -62.19 -8.89 1.87
CA GLU A 214 -63.32 -8.96 2.79
C GLU A 214 -63.13 -8.20 4.10
N ASP A 215 -61.97 -8.33 4.74
CA ASP A 215 -61.64 -7.50 5.91
C ASP A 215 -60.98 -6.22 5.40
N GLU A 216 -61.77 -5.16 5.28
CA GLU A 216 -61.27 -3.86 4.84
C GLU A 216 -60.05 -3.39 5.63
N SER A 217 -60.02 -3.68 6.93
CA SER A 217 -58.95 -3.14 7.77
C SER A 217 -57.57 -3.67 7.41
N LYS A 218 -57.51 -4.79 6.68
CA LYS A 218 -56.22 -5.33 6.28
C LYS A 218 -55.50 -4.40 5.30
N ILE A 219 -56.22 -3.88 4.31
CA ILE A 219 -55.62 -2.99 3.33
C ILE A 219 -55.32 -1.62 3.94
N ASP A 220 -56.18 -1.14 4.84
CA ASP A 220 -55.84 0.09 5.55
C ASP A 220 -54.56 -0.04 6.35
N ASN A 221 -54.44 -1.12 7.13
CA ASN A 221 -53.22 -1.34 7.90
C ASN A 221 -52.00 -1.59 7.00
N PHE A 222 -52.22 -2.11 5.79
CA PHE A 222 -51.14 -2.24 4.82
C PHE A 222 -50.64 -0.88 4.32
N LEU A 223 -51.54 -0.05 3.79
CA LEU A 223 -51.14 1.22 3.21
C LEU A 223 -50.55 2.18 4.25
N LYS A 224 -51.06 2.16 5.47
CA LYS A 224 -50.47 2.99 6.52
C LYS A 224 -48.99 2.71 6.74
N GLN A 225 -48.59 1.44 6.68
CA GLN A 225 -47.17 1.13 6.85
C GLN A 225 -46.33 1.67 5.69
N LEU A 226 -46.83 1.54 4.46
CA LEU A 226 -46.12 2.11 3.31
C LEU A 226 -45.98 3.61 3.44
N ILE A 227 -47.00 4.29 3.95
CA ILE A 227 -46.90 5.73 4.13
C ILE A 227 -45.90 6.08 5.23
N GLU A 228 -46.02 5.41 6.38
CA GLU A 228 -45.13 5.69 7.50
C GLU A 228 -43.67 5.45 7.15
N ARG A 229 -43.38 4.43 6.34
CA ARG A 229 -42.02 4.15 5.92
C ARG A 229 -41.57 4.95 4.70
N GLU A 230 -42.40 5.86 4.19
CA GLU A 230 -42.04 6.74 3.08
C GLU A 230 -41.78 5.97 1.79
N PHE A 231 -42.43 4.82 1.62
CA PHE A 231 -42.53 4.22 0.30
C PHE A 231 -43.56 4.92 -0.57
N LEU A 232 -44.57 5.54 0.04
CA LEU A 232 -45.47 6.47 -0.64
C LEU A 232 -45.23 7.89 -0.15
N ILE A 233 -45.34 8.85 -1.07
CA ILE A 233 -45.13 10.27 -0.79
C ILE A 233 -46.41 11.00 -1.15
N SER A 234 -46.92 11.79 -0.20
CA SER A 234 -48.15 12.55 -0.41
C SER A 234 -47.88 13.85 -1.17
N ASN A 235 -48.97 14.41 -1.73
CA ASN A 235 -48.89 15.67 -2.45
C ASN A 235 -48.55 16.87 -1.57
N LEU A 236 -48.74 16.77 -0.26
CA LEU A 236 -48.49 17.94 0.60
C LEU A 236 -47.00 18.27 0.67
N ARG A 237 -46.14 17.27 0.64
CA ARG A 237 -44.72 17.49 0.83
C ARG A 237 -44.13 18.36 -0.29
N PRO A 238 -43.57 19.53 0.03
CA PRO A 238 -43.20 20.51 -1.01
C PRO A 238 -41.90 20.16 -1.70
N PRO A 239 -41.72 20.61 -2.95
CA PRO A 239 -40.41 20.45 -3.62
C PRO A 239 -39.36 21.39 -3.05
N LEU A 240 -38.13 20.90 -2.96
CA LEU A 240 -37.00 21.78 -2.63
C LEU A 240 -36.64 22.72 -3.77
N THR A 241 -37.15 22.49 -4.97
CA THR A 241 -36.76 23.21 -6.17
C THR A 241 -37.78 24.26 -6.62
N VAL A 242 -38.84 24.50 -5.84
CA VAL A 242 -39.72 25.64 -6.09
C VAL A 242 -39.23 26.85 -5.30
N LEU A 243 -39.72 28.01 -5.71
CA LEU A 243 -39.29 29.28 -5.12
C LEU A 243 -39.79 29.48 -3.68
N ASP A 244 -40.95 28.91 -3.32
CA ASP A 244 -41.49 29.13 -1.98
C ASP A 244 -42.19 27.88 -1.49
N GLN A 245 -41.55 27.18 -0.56
CA GLN A 245 -42.11 25.95 0.03
C GLN A 245 -43.34 26.19 0.88
N PHE A 246 -43.49 27.37 1.47
CA PHE A 246 -44.62 27.61 2.37
C PHE A 246 -45.89 28.00 1.61
N ASP A 247 -45.75 28.77 0.54
CA ASP A 247 -46.90 29.08 -0.30
C ASP A 247 -47.42 27.85 -1.03
N TYR A 248 -46.52 26.97 -1.47
CA TYR A 248 -46.91 25.68 -2.00
C TYR A 248 -47.77 24.92 -1.00
N LEU A 249 -47.30 24.83 0.26
CA LEU A 249 -48.05 24.08 1.26
C LEU A 249 -49.41 24.69 1.54
N ILE A 250 -49.50 26.02 1.62
CA ILE A 250 -50.80 26.65 1.80
C ILE A 250 -51.73 26.37 0.63
N ASN A 251 -51.18 26.30 -0.59
CA ASN A 251 -52.02 26.00 -1.75
C ASN A 251 -52.55 24.56 -1.73
N GLU A 252 -51.71 23.59 -1.40
CA GLU A 252 -52.14 22.19 -1.45
C GLU A 252 -53.27 21.90 -0.47
N VAL A 253 -53.21 22.46 0.74
CA VAL A 253 -54.28 22.25 1.71
C VAL A 253 -55.58 22.89 1.26
N LYS A 254 -55.53 23.93 0.44
CA LYS A 254 -56.75 24.45 -0.16
C LYS A 254 -57.35 23.50 -1.19
N LYS A 255 -56.51 22.87 -2.03
CA LYS A 255 -57.00 21.85 -2.93
C LYS A 255 -57.61 20.67 -2.18
N ALA A 256 -56.99 20.28 -1.07
CA ALA A 256 -57.47 19.13 -0.31
C ALA A 256 -58.70 19.45 0.53
N GLU A 257 -58.94 20.72 0.83
CA GLU A 257 -60.06 21.19 1.65
C GLU A 257 -59.99 20.74 3.09
N ILE A 258 -58.85 20.24 3.56
CA ILE A 258 -58.74 19.68 4.89
C ILE A 258 -58.50 20.76 5.92
N GLU A 259 -59.01 20.53 7.14
CA GLU A 259 -58.54 21.18 8.36
C GLU A 259 -58.59 22.70 8.28
N ILE A 260 -59.74 23.22 7.84
CA ILE A 260 -59.90 24.65 7.57
C ILE A 260 -59.50 25.51 8.76
N PRO A 261 -59.71 25.08 10.00
CA PRO A 261 -59.20 25.87 11.15
C PRO A 261 -57.70 26.05 11.16
N LEU A 262 -56.94 25.12 10.57
CA LEU A 262 -55.50 25.31 10.40
C LEU A 262 -55.18 26.30 9.29
N VAL A 263 -55.99 26.33 8.24
CA VAL A 263 -55.64 27.10 7.03
C VAL A 263 -55.69 28.60 7.30
N ASP A 264 -56.70 29.07 8.02
CA ASP A 264 -56.73 30.48 8.40
C ASP A 264 -55.55 30.87 9.29
N GLU A 265 -55.15 29.98 10.20
CA GLU A 265 -53.98 30.27 11.03
C GLU A 265 -52.71 30.37 10.19
N LEU A 266 -52.52 29.45 9.25
CA LEU A 266 -51.38 29.55 8.33
C LEU A 266 -51.43 30.84 7.51
N THR A 267 -52.61 31.22 7.03
CA THR A 267 -52.72 32.45 6.26
C THR A 267 -52.40 33.68 7.10
N GLU A 268 -52.75 33.66 8.38
CA GLU A 268 -52.42 34.78 9.26
C GLU A 268 -50.94 34.82 9.62
N ILE A 269 -50.32 33.66 9.82
CA ILE A 269 -48.86 33.60 9.96
C ILE A 269 -48.19 34.18 8.72
N LYS A 270 -48.67 33.84 7.54
CA LYS A 270 -48.14 34.42 6.31
C LYS A 270 -48.24 35.94 6.30
N GLU A 271 -49.31 36.50 6.87
CA GLU A 271 -49.47 37.95 6.88
C GLU A 271 -48.50 38.63 7.84
N LYS A 272 -48.37 38.09 9.06
CA LYS A 272 -47.42 38.67 10.03
C LYS A 272 -45.98 38.59 9.53
N LEU A 273 -45.62 37.50 8.87
CA LEU A 273 -44.29 37.36 8.29
C LEU A 273 -44.00 38.46 7.25
N LYS A 274 -45.01 38.86 6.48
CA LYS A 274 -44.81 39.96 5.53
C LYS A 274 -44.48 41.27 6.24
N LEU A 275 -45.17 41.58 7.34
CA LEU A 275 -44.89 42.81 8.07
C LEU A 275 -43.50 42.83 8.67
N TYR A 276 -43.06 41.72 9.25
CA TYR A 276 -41.71 41.66 9.82
C TYR A 276 -40.64 41.97 8.79
N ASN A 277 -40.76 41.42 7.58
CA ASN A 277 -39.77 41.70 6.54
C ASN A 277 -39.72 43.17 6.13
N GLU A 278 -40.72 43.97 6.48
CA GLU A 278 -40.66 45.41 6.21
C GLU A 278 -39.94 46.22 7.29
N THR A 279 -39.75 45.69 8.48
CA THR A 279 -39.11 46.46 9.54
C THR A 279 -37.63 46.64 9.24
N PRO A 280 -37.05 47.81 9.51
CA PRO A 280 -35.60 47.94 9.46
C PRO A 280 -34.93 47.10 10.54
N VAL A 281 -33.64 46.88 10.37
CA VAL A 281 -32.89 46.02 11.28
C VAL A 281 -32.63 46.76 12.58
N GLY A 282 -32.83 46.05 13.69
CA GLY A 282 -32.82 46.63 15.03
C GLY A 282 -34.18 47.03 15.55
N ALA A 283 -35.15 47.29 14.68
CA ALA A 283 -36.49 47.69 15.08
C ALA A 283 -37.44 46.50 15.26
N GLY A 284 -36.99 45.28 15.03
CA GLY A 284 -37.87 44.15 14.89
C GLY A 284 -37.99 43.19 16.07
N GLU A 285 -37.32 43.46 17.18
CA GLU A 285 -37.27 42.47 18.26
C GLU A 285 -38.66 42.11 18.76
N GLU A 286 -39.52 43.10 18.96
CA GLU A 286 -40.85 42.83 19.51
C GLU A 286 -41.73 42.09 18.51
N THR A 287 -41.63 42.42 17.23
CA THR A 287 -42.40 41.73 16.20
C THR A 287 -41.92 40.32 15.95
N TYR A 288 -40.63 40.06 16.08
CA TYR A 288 -40.11 38.69 15.99
C TYR A 288 -40.67 37.79 17.08
N LEU A 289 -40.72 38.26 18.32
CA LEU A 289 -41.23 37.43 19.42
C LEU A 289 -42.71 37.07 19.26
N GLU A 290 -43.51 37.99 18.72
CA GLU A 290 -44.92 37.67 18.49
C GLU A 290 -45.10 36.63 17.39
N LEU A 291 -44.43 36.83 16.26
CA LEU A 291 -44.47 35.84 15.18
C LEU A 291 -43.90 34.50 15.62
N TYR A 292 -42.79 34.54 16.36
CA TYR A 292 -42.20 33.30 16.86
C TYR A 292 -43.17 32.54 17.74
N LYS A 293 -43.84 33.23 18.68
CA LYS A 293 -44.74 32.53 19.58
C LYS A 293 -46.01 32.04 18.89
N LYS A 294 -46.47 32.77 17.87
CA LYS A 294 -47.56 32.28 17.02
C LYS A 294 -47.16 30.97 16.32
N MET A 295 -46.01 30.98 15.67
CA MET A 295 -45.57 29.79 14.94
C MET A 295 -45.33 28.62 15.90
N GLU A 296 -44.75 28.89 17.08
CA GLU A 296 -44.57 27.82 18.04
C GLU A 296 -45.91 27.30 18.55
N SER A 297 -46.93 28.15 18.59
CA SER A 297 -48.26 27.66 18.94
C SER A 297 -48.80 26.73 17.88
N VAL A 298 -48.39 26.90 16.63
CA VAL A 298 -48.84 25.95 15.60
C VAL A 298 -48.01 24.66 15.62
N ALA A 299 -46.69 24.76 15.74
CA ALA A 299 -45.82 23.59 15.76
C ALA A 299 -44.60 23.91 16.60
N ASN A 300 -44.44 23.22 17.73
CA ASN A 300 -43.27 23.40 18.60
C ASN A 300 -42.08 22.62 18.09
N VAL A 301 -41.07 23.33 17.59
CA VAL A 301 -39.80 22.75 17.15
C VAL A 301 -38.70 23.76 17.45
N LYS A 302 -37.45 23.30 17.39
CA LYS A 302 -36.32 24.10 17.85
C LYS A 302 -36.10 25.35 16.99
N ASN A 303 -36.25 25.24 15.67
CA ASN A 303 -35.71 26.26 14.76
C ASN A 303 -36.77 27.24 14.25
N ILE A 304 -37.82 26.74 13.61
CA ILE A 304 -38.94 27.57 13.16
C ILE A 304 -38.60 28.59 12.07
N LEU A 305 -37.70 29.53 12.34
CA LEU A 305 -37.43 30.62 11.39
C LEU A 305 -36.00 30.64 10.89
N GLN A 306 -35.85 30.98 9.60
CA GLN A 306 -34.58 31.22 8.95
C GLN A 306 -34.55 32.65 8.40
N VAL A 307 -33.45 33.36 8.62
CA VAL A 307 -33.33 34.77 8.21
C VAL A 307 -32.06 34.98 7.41
N ASP A 308 -32.17 35.75 6.32
CA ASP A 308 -31.04 36.28 5.57
C ASP A 308 -31.21 37.79 5.45
N MET A 309 -30.16 38.50 5.01
CA MET A 309 -30.30 39.91 4.68
C MET A 309 -29.53 40.28 3.42
N LYS A 310 -30.08 41.25 2.69
CA LYS A 310 -29.50 41.78 1.48
C LYS A 310 -28.88 43.16 1.73
N LEU A 311 -27.66 43.38 1.21
CA LEU A 311 -26.95 44.62 1.52
C LEU A 311 -27.64 45.85 0.97
N ASN A 312 -28.18 45.76 -0.26
CA ASN A 312 -28.77 46.92 -0.94
C ASN A 312 -27.74 48.04 -1.16
N LEU A 313 -26.67 47.70 -1.88
CA LEU A 313 -25.65 48.68 -2.24
C LEU A 313 -26.16 49.68 -3.28
N ARG A 314 -25.66 50.92 -3.18
CA ARG A 314 -25.95 51.92 -4.20
C ARG A 314 -25.13 51.68 -5.47
N ASP A 315 -23.81 51.56 -5.33
CA ASP A 315 -22.90 51.28 -6.43
C ASP A 315 -22.32 49.88 -6.27
N LYS A 316 -22.15 49.19 -7.38
CA LYS A 316 -21.61 47.83 -7.32
C LYS A 316 -20.94 47.41 -8.63
N LYS A 317 -20.01 48.22 -9.10
CA LYS A 317 -19.19 47.98 -10.29
C LYS A 317 -17.79 47.58 -9.89
N ILE A 318 -17.22 46.57 -10.55
CA ILE A 318 -15.79 46.32 -10.48
C ILE A 318 -15.17 46.42 -11.87
N ASN A 319 -13.93 46.88 -11.91
CA ASN A 319 -13.15 46.94 -13.15
C ASN A 319 -12.92 45.54 -13.72
N LYS A 320 -13.30 45.36 -14.99
CA LYS A 320 -13.24 44.05 -15.64
C LYS A 320 -11.83 43.50 -15.73
N LYS A 321 -10.80 44.32 -15.50
CA LYS A 321 -9.43 43.83 -15.46
C LYS A 321 -9.25 42.58 -14.62
N ILE A 322 -10.01 42.45 -13.53
CA ILE A 322 -9.93 41.29 -12.65
C ILE A 322 -9.99 39.97 -13.40
N ILE A 323 -10.74 39.90 -14.50
CA ILE A 323 -10.88 38.65 -15.24
C ILE A 323 -9.60 38.23 -15.94
N SER A 324 -8.73 39.17 -16.28
CA SER A 324 -7.43 38.83 -16.88
C SER A 324 -6.46 38.24 -15.86
N ASP A 325 -6.46 38.76 -14.63
CA ASP A 325 -5.59 38.22 -13.60
C ASP A 325 -5.93 36.77 -13.23
N VAL A 326 -7.23 36.49 -13.08
CA VAL A 326 -7.64 35.13 -12.76
C VAL A 326 -7.31 34.15 -13.88
N ASN A 327 -7.29 34.61 -15.13
CA ASN A 327 -6.81 33.73 -16.20
C ASN A 327 -5.32 33.41 -16.09
N ASP A 328 -4.51 34.33 -15.56
CA ASP A 328 -3.10 34.03 -15.30
C ASP A 328 -2.96 33.02 -14.19
N LEU A 329 -3.68 33.22 -13.09
CA LEU A 329 -3.63 32.25 -12.01
C LEU A 329 -4.05 30.87 -12.47
N MET A 330 -5.16 30.79 -13.22
CA MET A 330 -5.63 29.49 -13.69
C MET A 330 -4.65 28.84 -14.65
N ASN A 331 -3.96 29.64 -15.47
CA ASN A 331 -2.92 29.06 -16.33
C ASN A 331 -1.84 28.39 -15.51
N ILE A 332 -1.24 29.12 -14.57
CA ILE A 332 -0.12 28.51 -13.86
C ILE A 332 -0.57 27.35 -12.97
N LEU A 333 -1.78 27.41 -12.39
CA LEU A 333 -2.25 26.27 -11.59
C LEU A 333 -2.55 25.04 -12.42
N LEU A 334 -3.19 25.20 -13.58
CA LEU A 334 -3.40 24.06 -14.45
C LEU A 334 -2.11 23.52 -15.06
N ASP A 335 -1.10 24.37 -15.24
CA ASP A 335 0.22 23.87 -15.61
C ASP A 335 0.83 22.99 -14.53
N LEU A 336 0.84 23.47 -13.28
CA LEU A 336 1.36 22.64 -12.19
C LEU A 336 0.62 21.31 -12.03
N SER A 337 -0.69 21.29 -12.29
CA SER A 337 -1.49 20.09 -12.08
C SER A 337 -1.02 18.88 -12.86
N MET A 338 -0.27 19.05 -13.95
CA MET A 338 0.18 17.91 -14.72
C MET A 338 1.28 17.10 -14.04
N SER A 339 1.85 17.61 -12.95
CA SER A 339 2.92 16.90 -12.25
C SER A 339 2.42 15.74 -11.40
N ILE A 340 1.12 15.56 -11.24
CA ILE A 340 0.56 14.47 -10.43
C ILE A 340 -0.10 13.48 -11.38
N GLU A 341 0.35 12.23 -11.34
CA GLU A 341 -0.07 11.21 -12.28
C GLU A 341 -1.36 10.49 -11.90
N ASN A 342 -1.65 10.36 -10.61
CA ASN A 342 -2.77 9.55 -10.14
C ASN A 342 -3.58 10.32 -9.09
N PRO A 343 -4.20 11.44 -9.48
CA PRO A 343 -4.82 12.31 -8.48
C PRO A 343 -6.10 11.77 -7.85
N GLU A 344 -6.78 10.81 -8.48
CA GLU A 344 -7.97 10.17 -7.93
C GLU A 344 -7.72 8.69 -7.72
N PRO A 345 -6.91 8.32 -6.73
CA PRO A 345 -6.43 6.93 -6.67
C PRO A 345 -7.52 5.90 -6.43
N PHE A 346 -8.48 6.19 -5.56
CA PHE A 346 -9.55 5.25 -5.25
C PHE A 346 -10.48 4.99 -6.44
N LEU A 347 -10.82 6.01 -7.21
CA LEU A 347 -11.66 5.81 -8.38
C LEU A 347 -10.94 5.08 -9.52
N SER A 348 -9.62 5.22 -9.63
CA SER A 348 -8.87 4.45 -10.63
C SER A 348 -8.86 2.95 -10.33
N LYS A 349 -8.70 2.60 -9.05
CA LYS A 349 -8.90 1.21 -8.65
C LYS A 349 -10.30 0.72 -9.02
N TYR A 350 -11.31 1.55 -8.77
CA TYR A 350 -12.66 1.13 -9.08
C TYR A 350 -12.86 0.92 -10.57
N LYS A 351 -12.23 1.76 -11.42
CA LYS A 351 -12.26 1.49 -12.86
C LYS A 351 -11.63 0.15 -13.21
N GLN A 352 -10.56 -0.23 -12.50
CA GLN A 352 -9.97 -1.54 -12.79
C GLN A 352 -10.88 -2.69 -12.35
N GLU A 353 -11.51 -2.57 -11.18
CA GLU A 353 -12.45 -3.60 -10.75
C GLU A 353 -13.66 -3.68 -11.67
N PHE A 354 -14.10 -2.55 -12.22
CA PHE A 354 -15.20 -2.54 -13.18
C PHE A 354 -14.81 -3.22 -14.48
N ILE A 355 -13.64 -2.89 -15.03
CA ILE A 355 -13.19 -3.58 -16.24
C ILE A 355 -13.04 -5.07 -15.99
N GLU A 356 -12.53 -5.45 -14.82
CA GLU A 356 -12.35 -6.86 -14.50
C GLU A 356 -13.68 -7.60 -14.45
N LYS A 357 -14.70 -7.02 -13.83
CA LYS A 357 -15.98 -7.70 -13.70
C LYS A 357 -16.79 -7.68 -14.99
N TYR A 358 -16.96 -6.49 -15.60
CA TYR A 358 -17.93 -6.29 -16.65
C TYR A 358 -17.34 -6.08 -18.04
N GLY A 359 -16.06 -5.77 -18.15
CA GLY A 359 -15.44 -5.46 -19.43
C GLY A 359 -15.90 -4.12 -20.02
N GLN A 360 -15.63 -3.97 -21.31
CA GLN A 360 -15.82 -2.69 -22.00
C GLN A 360 -17.16 -2.55 -22.70
N ASP A 361 -17.98 -3.60 -22.79
CA ASP A 361 -19.10 -3.65 -23.72
C ASP A 361 -20.47 -3.67 -23.05
N ARG A 362 -20.54 -3.49 -21.74
CA ARG A 362 -21.79 -3.61 -21.00
C ARG A 362 -22.11 -2.31 -20.27
N GLU A 363 -23.40 -2.00 -20.18
CA GLU A 363 -23.93 -0.96 -19.32
C GLU A 363 -24.65 -1.59 -18.12
N ILE A 364 -24.30 -1.15 -16.93
CA ILE A 364 -24.74 -1.77 -15.68
C ILE A 364 -25.62 -0.79 -14.91
N SER A 365 -26.71 -1.31 -14.35
CA SER A 365 -27.58 -0.50 -13.50
C SER A 365 -26.81 0.06 -12.31
N LEU A 366 -26.93 1.38 -12.10
CA LEU A 366 -26.25 2.05 -11.00
C LEU A 366 -26.50 1.39 -9.64
N LEU A 367 -27.75 1.03 -9.35
CA LEU A 367 -28.07 0.44 -8.05
C LEU A 367 -27.70 -1.02 -7.92
N GLU A 368 -27.52 -1.74 -9.03
CA GLU A 368 -26.89 -3.05 -8.98
C GLU A 368 -25.39 -2.95 -8.77
N MET A 369 -24.72 -2.12 -9.55
CA MET A 369 -23.27 -2.00 -9.48
C MET A 369 -22.79 -1.68 -8.07
N LEU A 370 -23.41 -0.69 -7.43
CA LEU A 370 -23.00 -0.28 -6.08
C LEU A 370 -23.41 -1.26 -4.98
N ASP A 371 -24.22 -2.27 -5.29
CA ASP A 371 -24.67 -3.20 -4.26
C ASP A 371 -23.55 -4.13 -3.82
N ASN A 372 -23.48 -4.39 -2.51
CA ASN A 372 -22.42 -5.25 -1.98
C ASN A 372 -22.57 -6.71 -2.39
N ASP A 373 -23.77 -7.18 -2.70
CA ASP A 373 -24.00 -8.59 -2.95
C ASP A 373 -24.23 -8.93 -4.41
N ILE A 374 -25.09 -8.18 -5.10
CA ILE A 374 -25.33 -8.42 -6.52
C ILE A 374 -24.38 -7.64 -7.40
N GLY A 375 -23.58 -6.74 -6.83
CA GLY A 375 -22.66 -5.91 -7.58
C GLY A 375 -21.23 -6.08 -7.11
N ILE A 376 -20.42 -5.03 -7.25
CA ILE A 376 -19.03 -5.02 -6.81
C ILE A 376 -18.80 -4.11 -5.62
N GLY A 377 -19.87 -3.61 -5.00
CA GLY A 377 -19.80 -2.61 -3.96
C GLY A 377 -19.32 -1.25 -4.41
N PRO A 378 -19.24 -0.32 -3.46
CA PRO A 378 -18.73 1.02 -3.77
C PRO A 378 -17.22 1.08 -3.81
N PRO A 379 -16.65 2.21 -4.22
CA PRO A 379 -15.21 2.46 -4.00
C PRO A 379 -14.81 2.32 -2.54
N MET A 380 -13.54 2.01 -2.30
CA MET A 380 -13.11 1.64 -0.96
C MET A 380 -13.05 2.81 0.03
N ASN A 381 -13.19 4.06 -0.41
CA ASN A 381 -13.25 5.18 0.51
C ASN A 381 -14.66 5.66 0.84
N TYR A 382 -15.69 5.00 0.32
CA TYR A 382 -17.06 5.39 0.59
C TYR A 382 -17.50 4.84 1.95
N GLU A 383 -18.17 5.70 2.74
CA GLU A 383 -18.44 5.43 4.15
C GLU A 383 -19.87 5.01 4.41
N ARG A 384 -20.82 5.56 3.68
CA ARG A 384 -22.14 4.95 3.62
C ARG A 384 -22.01 3.54 3.05
N PRO A 385 -22.83 2.59 3.49
CA PRO A 385 -22.39 1.20 3.55
C PRO A 385 -21.01 0.93 2.98
N ARG A 386 -20.02 0.80 3.87
CA ARG A 386 -18.66 0.59 3.41
C ARG A 386 -18.61 -0.68 2.58
N ASN A 387 -17.61 -0.77 1.70
CA ASN A 387 -17.36 -1.99 0.99
C ASN A 387 -16.89 -3.06 1.98
N ASN A 388 -17.65 -4.15 2.07
CA ASN A 388 -17.38 -5.21 3.03
C ASN A 388 -16.30 -6.19 2.58
N ARG A 389 -15.63 -5.93 1.46
CA ARG A 389 -14.59 -6.80 0.95
C ARG A 389 -13.23 -6.40 1.51
N SER A 390 -12.36 -7.39 1.68
CA SER A 390 -11.07 -7.21 2.34
C SER A 390 -9.98 -6.75 1.37
N LEU A 391 -10.27 -5.74 0.56
CA LEU A 391 -9.33 -5.26 -0.44
C LEU A 391 -8.21 -4.42 0.19
N ASP A 392 -7.11 -4.30 -0.54
CA ASP A 392 -6.00 -3.40 -0.21
C ASP A 392 -6.37 -1.96 -0.55
N VAL A 393 -6.32 -1.07 0.44
CA VAL A 393 -6.65 0.34 0.26
C VAL A 393 -5.41 1.24 0.15
N SER A 394 -4.22 0.67 0.04
CA SER A 394 -3.03 1.51 -0.18
C SER A 394 -3.12 2.22 -1.52
N VAL A 395 -2.70 3.49 -1.52
CA VAL A 395 -2.89 4.38 -2.66
C VAL A 395 -1.69 5.32 -2.77
N ASN A 396 -1.37 5.72 -4.00
CA ASN A 396 -0.23 6.59 -4.25
C ASN A 396 -0.56 7.50 -5.42
N GLU A 397 -0.26 8.79 -5.28
CA GLU A 397 -0.53 9.78 -6.33
C GLU A 397 0.63 9.99 -7.30
N LEU A 398 1.85 9.54 -6.97
CA LEU A 398 2.97 9.60 -7.90
C LEU A 398 3.31 11.04 -8.32
N LEU A 399 3.64 11.86 -7.33
CA LEU A 399 4.19 13.18 -7.61
C LEU A 399 5.55 13.07 -8.28
N ASP A 400 5.76 13.90 -9.30
CA ASP A 400 7.05 14.01 -9.98
C ASP A 400 8.15 14.45 -9.01
N ASN A 401 9.23 13.66 -8.95
CA ASN A 401 10.37 13.96 -8.07
C ASN A 401 11.05 15.29 -8.36
N ASN A 402 10.99 15.80 -9.60
CA ASN A 402 11.59 17.11 -9.85
C ASN A 402 10.81 18.26 -9.23
N VAL A 403 9.48 18.14 -9.16
CA VAL A 403 8.68 19.19 -8.54
C VAL A 403 8.80 19.17 -7.03
N ARG A 404 8.94 17.99 -6.45
CA ARG A 404 9.25 17.90 -5.03
C ARG A 404 10.56 18.60 -4.70
N ASP A 405 11.59 18.37 -5.51
CA ASP A 405 12.86 19.08 -5.33
C ASP A 405 12.69 20.58 -5.47
N TYR A 406 11.96 21.02 -6.49
CA TYR A 406 11.73 22.45 -6.67
C TYR A 406 11.12 23.10 -5.43
N PHE A 407 10.04 22.52 -4.91
CA PHE A 407 9.40 23.09 -3.72
C PHE A 407 10.24 22.96 -2.47
N MET A 408 11.10 21.95 -2.40
CA MET A 408 11.93 21.79 -1.20
C MET A 408 13.08 22.79 -1.19
N GLU A 409 13.70 23.06 -2.35
CA GLU A 409 14.68 24.13 -2.40
C GLU A 409 14.03 25.50 -2.20
N LYS A 410 12.79 25.70 -2.64
CA LYS A 410 12.09 26.93 -2.30
C LYS A 410 11.95 27.10 -0.79
N TYR A 411 11.60 26.03 -0.09
CA TYR A 411 11.38 26.13 1.35
C TYR A 411 12.69 26.35 2.10
N PHE A 412 13.73 25.60 1.74
CA PHE A 412 15.06 25.82 2.32
C PHE A 412 15.53 27.25 2.11
N GLN A 413 15.40 27.77 0.89
CA GLN A 413 15.82 29.14 0.61
C GLN A 413 15.03 30.16 1.41
N ALA A 414 13.74 29.93 1.61
CA ALA A 414 12.94 30.85 2.41
C ALA A 414 13.36 30.86 3.87
N LEU A 415 13.57 29.68 4.46
CA LEU A 415 14.03 29.63 5.85
C LEU A 415 15.43 30.24 6.01
N LYS A 416 16.33 29.99 5.06
CA LYS A 416 17.67 30.55 5.18
C LYS A 416 17.67 32.07 5.05
N THR A 417 16.92 32.63 4.10
CA THR A 417 16.86 34.08 3.97
C THR A 417 15.91 34.75 4.96
N ASN A 418 15.26 33.99 5.83
CA ASN A 418 14.29 34.52 6.79
C ASN A 418 13.16 35.27 6.09
N SER A 419 12.72 34.77 4.94
CA SER A 419 11.67 35.40 4.16
C SER A 419 10.32 34.80 4.55
N ARG A 420 9.32 35.66 4.67
CA ARG A 420 8.00 35.23 5.09
C ARG A 420 7.13 34.68 3.96
N ASN A 421 7.61 34.65 2.71
CA ASN A 421 6.80 34.13 1.62
C ASN A 421 7.65 33.39 0.58
N ILE A 422 6.98 32.49 -0.13
CA ILE A 422 7.53 31.77 -1.27
C ILE A 422 6.80 32.27 -2.52
N ALA A 423 7.55 32.61 -3.56
CA ALA A 423 6.97 33.04 -4.83
C ALA A 423 7.27 32.05 -5.95
N ILE A 424 6.23 31.68 -6.71
CA ILE A 424 6.36 30.85 -7.90
C ILE A 424 6.30 31.75 -9.13
N ARG A 425 7.03 31.36 -10.18
CA ARG A 425 7.20 32.20 -11.36
C ARG A 425 7.08 31.38 -12.63
N ASP A 426 6.55 32.01 -13.68
CA ASP A 426 6.21 31.31 -14.92
C ASP A 426 7.42 30.67 -15.58
N ASP A 427 8.55 31.37 -15.60
CA ASP A 427 9.74 30.83 -16.26
C ASP A 427 10.39 29.70 -15.45
N GLU A 428 10.33 29.78 -14.12
CA GLU A 428 10.79 28.66 -13.29
C GLU A 428 9.96 27.41 -13.55
N ILE A 429 8.64 27.56 -13.69
CA ILE A 429 7.77 26.42 -13.98
C ILE A 429 8.00 25.89 -15.39
N LYS A 430 8.25 26.78 -16.36
CA LYS A 430 8.54 26.32 -17.72
C LYS A 430 9.81 25.48 -17.81
N ASN A 431 10.81 25.75 -16.97
CA ASN A 431 12.00 24.92 -16.94
C ASN A 431 11.78 23.55 -16.33
N LEU A 432 10.64 23.29 -15.70
CA LEU A 432 10.35 21.94 -15.21
C LEU A 432 10.04 20.97 -16.35
N GLU A 433 9.72 21.45 -17.54
CA GLU A 433 9.45 20.61 -18.70
C GLU A 433 8.33 19.60 -18.42
N LEU A 434 7.22 20.10 -17.90
CA LEU A 434 6.05 19.27 -17.65
C LEU A 434 5.26 19.05 -18.94
N GLN A 435 4.54 17.94 -18.99
CA GLN A 435 3.60 17.68 -20.08
C GLN A 435 2.49 18.73 -20.12
N LYS A 436 2.04 19.05 -21.33
CA LYS A 436 0.98 20.03 -21.54
C LYS A 436 -0.41 19.43 -21.33
N ILE A 437 -1.26 20.18 -20.61
CA ILE A 437 -2.64 19.79 -20.37
C ILE A 437 -3.46 19.77 -21.65
N ASP A 438 -4.28 18.73 -21.81
CA ASP A 438 -5.23 18.64 -22.92
C ASP A 438 -6.50 19.42 -22.65
N TYR A 439 -7.11 19.90 -23.74
CA TYR A 439 -8.37 20.65 -23.67
C TYR A 439 -9.52 19.86 -23.06
N GLU A 440 -9.56 18.55 -23.26
CA GLU A 440 -10.62 17.75 -22.64
C GLU A 440 -10.50 17.61 -21.13
N ASN A 441 -9.34 17.86 -20.55
CA ASN A 441 -9.16 17.80 -19.10
C ASN A 441 -9.42 19.11 -18.38
N ILE A 442 -9.53 20.22 -19.09
CA ILE A 442 -9.79 21.53 -18.47
C ILE A 442 -11.23 21.57 -17.97
N PRO A 443 -11.48 21.92 -16.70
CA PRO A 443 -12.84 21.90 -16.17
C PRO A 443 -13.72 22.99 -16.76
N ASP A 444 -14.98 22.62 -17.02
CA ASP A 444 -15.89 23.47 -17.79
C ASP A 444 -16.29 24.75 -17.08
N SER A 445 -16.41 24.75 -15.76
CA SER A 445 -16.68 25.98 -15.05
C SER A 445 -16.20 25.90 -13.61
N LEU A 446 -16.03 27.06 -12.99
CA LEU A 446 -15.53 27.15 -11.62
C LEU A 446 -15.96 28.46 -11.00
N GLU A 447 -15.87 28.53 -9.67
CA GLU A 447 -16.03 29.77 -8.92
C GLU A 447 -14.81 29.96 -8.03
N ILE A 448 -14.37 31.21 -7.87
CA ILE A 448 -13.25 31.55 -7.02
C ILE A 448 -13.66 32.65 -6.04
N ASN A 449 -13.21 32.52 -4.78
CA ASN A 449 -13.46 33.51 -3.73
C ASN A 449 -12.24 34.40 -3.56
N LEU A 450 -12.43 35.71 -3.65
CA LEU A 450 -11.34 36.67 -3.50
C LEU A 450 -11.71 37.77 -2.52
N LEU A 451 -10.81 38.02 -1.56
CA LEU A 451 -10.77 39.30 -0.85
C LEU A 451 -9.91 40.28 -1.63
N VAL A 452 -10.38 41.52 -1.78
CA VAL A 452 -9.76 42.48 -2.67
C VAL A 452 -9.43 43.75 -1.91
N LYS A 453 -8.18 44.22 -2.05
CA LYS A 453 -7.69 45.42 -1.41
C LYS A 453 -6.99 46.31 -2.43
N ASN A 454 -7.07 47.62 -2.23
CA ASN A 454 -6.24 48.55 -2.98
C ASN A 454 -4.79 48.44 -2.54
N LYS A 455 -3.89 48.26 -3.51
CA LYS A 455 -2.48 48.13 -3.16
C LYS A 455 -1.94 49.43 -2.58
N SER A 456 -2.37 50.56 -3.11
CA SER A 456 -2.28 51.83 -2.40
C SER A 456 -3.33 52.77 -2.97
N GLU A 457 -3.65 53.80 -2.17
CA GLU A 457 -4.57 54.85 -2.61
C GLU A 457 -3.89 55.92 -3.45
N ASP A 458 -2.55 55.97 -3.44
CA ASP A 458 -1.84 57.15 -3.91
C ASP A 458 -2.29 57.59 -5.29
N ASN A 459 -2.61 56.63 -6.17
CA ASN A 459 -2.98 56.94 -7.54
C ASN A 459 -4.48 57.06 -7.74
N LEU A 460 -5.30 56.74 -6.74
CA LEU A 460 -6.73 56.58 -6.95
C LEU A 460 -7.00 55.62 -8.10
N SER A 461 -6.23 54.53 -8.14
CA SER A 461 -6.20 53.63 -9.28
C SER A 461 -6.41 52.19 -8.83
N ASP A 462 -6.98 51.40 -9.74
CA ASP A 462 -7.34 50.01 -9.46
C ASP A 462 -6.12 49.09 -9.45
N GLU A 463 -5.10 49.42 -8.67
CA GLU A 463 -4.03 48.49 -8.33
C GLU A 463 -4.49 47.58 -7.19
N PHE A 464 -4.89 46.36 -7.50
CA PHE A 464 -5.52 45.46 -6.54
C PHE A 464 -4.57 44.38 -6.06
N GLN A 465 -4.67 44.05 -4.78
CA GLN A 465 -4.04 42.89 -4.16
C GLN A 465 -5.12 41.89 -3.82
N TYR A 466 -4.94 40.62 -4.20
CA TYR A 466 -5.94 39.58 -4.00
C TYR A 466 -5.47 38.55 -2.99
N TYR A 467 -6.37 38.15 -2.10
CA TYR A 467 -6.19 37.01 -1.21
C TYR A 467 -7.29 35.99 -1.47
N ILE A 468 -6.90 34.75 -1.77
CA ILE A 468 -7.89 33.70 -1.97
C ILE A 468 -8.52 33.36 -0.63
N GLY A 469 -9.86 33.38 -0.59
CA GLY A 469 -10.59 33.18 0.63
C GLY A 469 -10.45 31.81 1.24
N PRO A 470 -10.79 31.69 2.53
CA PRO A 470 -10.49 30.44 3.25
C PRO A 470 -11.14 29.19 2.69
N ASN A 471 -12.29 29.30 2.02
CA ASN A 471 -12.94 28.15 1.41
C ASN A 471 -12.58 27.97 -0.06
N LEU A 472 -11.72 28.82 -0.61
CA LEU A 472 -11.18 28.67 -1.95
C LEU A 472 -12.18 28.88 -3.08
N GLY A 473 -13.29 28.15 -3.07
CA GLY A 473 -14.24 28.28 -4.16
C GLY A 473 -15.13 27.07 -4.32
N SER A 474 -15.49 26.72 -5.56
CA SER A 474 -16.34 25.58 -5.81
C SER A 474 -15.98 24.98 -7.16
N THR A 475 -16.44 23.75 -7.37
CA THR A 475 -16.16 22.98 -8.58
C THR A 475 -17.05 23.33 -9.75
N SER A 476 -18.02 24.23 -9.60
CA SER A 476 -18.97 24.48 -10.67
C SER A 476 -19.68 25.81 -10.46
N ALA A 477 -19.85 26.56 -11.54
CA ALA A 477 -20.53 27.84 -11.49
C ALA A 477 -22.00 27.70 -11.12
N GLY A 478 -22.43 28.47 -10.12
CA GLY A 478 -23.79 28.43 -9.62
C GLY A 478 -23.98 27.66 -8.32
N LYS A 479 -22.98 26.92 -7.87
CA LYS A 479 -23.11 26.22 -6.59
C LYS A 479 -23.20 27.20 -5.42
N SER A 480 -22.41 28.26 -5.44
CA SER A 480 -22.48 29.28 -4.39
C SER A 480 -23.74 30.14 -4.46
N PHE A 481 -24.38 30.23 -5.62
CA PHE A 481 -25.46 31.18 -5.83
C PHE A 481 -26.83 30.64 -5.50
N GLY A 482 -27.09 29.36 -5.77
CA GLY A 482 -28.44 28.84 -5.67
C GLY A 482 -29.07 29.01 -4.30
N ARG A 483 -28.28 29.03 -3.25
CA ARG A 483 -28.79 29.27 -1.91
C ARG A 483 -29.45 30.63 -1.73
N PHE A 484 -29.22 31.59 -2.62
CA PHE A 484 -29.82 32.91 -2.53
C PHE A 484 -30.82 33.19 -3.65
N SER A 485 -31.33 32.15 -4.30
CA SER A 485 -32.27 32.32 -5.40
C SER A 485 -33.46 33.20 -5.04
N HIS A 486 -33.93 33.15 -3.80
CA HIS A 486 -35.11 33.90 -3.40
C HIS A 486 -34.83 35.38 -3.21
N MET A 487 -33.57 35.79 -3.15
CA MET A 487 -33.19 37.19 -2.98
C MET A 487 -32.78 37.87 -4.28
N MET A 488 -32.39 37.13 -5.31
CA MET A 488 -32.07 37.72 -6.60
C MET A 488 -33.30 38.40 -7.21
N SER A 489 -33.03 39.42 -8.03
CA SER A 489 -34.11 40.10 -8.74
C SER A 489 -34.70 39.23 -9.86
N GLU A 490 -33.85 38.56 -10.64
CA GLU A 490 -34.29 37.77 -11.79
C GLU A 490 -33.54 36.45 -11.83
N PRO A 491 -33.86 35.52 -10.94
CA PRO A 491 -33.03 34.32 -10.80
C PRO A 491 -33.03 33.42 -12.03
N LYS A 492 -34.17 33.29 -12.72
CA LYS A 492 -34.24 32.42 -13.89
C LYS A 492 -33.30 32.86 -15.01
N LYS A 493 -33.10 34.17 -15.19
CA LYS A 493 -32.19 34.63 -16.22
C LYS A 493 -30.74 34.31 -15.91
N PHE A 494 -30.38 34.27 -14.62
CA PHE A 494 -29.03 33.85 -14.24
C PHE A 494 -28.80 32.37 -14.53
N PHE A 495 -29.71 31.51 -14.10
CA PHE A 495 -29.54 30.07 -14.28
C PHE A 495 -29.79 29.61 -15.71
N GLU A 496 -30.58 30.33 -16.49
CA GLU A 496 -30.74 29.98 -17.91
C GLU A 496 -29.45 30.11 -18.70
N GLU A 497 -28.68 31.18 -18.47
CA GLU A 497 -27.47 31.35 -19.26
C GLU A 497 -26.39 30.34 -18.90
N LEU A 498 -26.38 29.82 -17.67
CA LEU A 498 -25.45 28.75 -17.32
C LEU A 498 -25.79 27.45 -18.04
N ASP A 499 -27.07 27.09 -18.07
CA ASP A 499 -27.51 25.90 -18.78
C ASP A 499 -27.17 25.98 -20.26
N GLU A 500 -27.38 27.15 -20.87
CA GLU A 500 -27.07 27.32 -22.28
C GLU A 500 -25.58 27.17 -22.57
N ARG A 501 -24.73 27.74 -21.71
CA ARG A 501 -23.29 27.58 -21.86
C ARG A 501 -22.83 26.14 -21.65
N ASN A 502 -23.49 25.40 -20.76
CA ASN A 502 -23.16 23.97 -20.62
C ASN A 502 -23.57 23.18 -21.85
N ILE A 503 -24.78 23.42 -22.36
CA ILE A 503 -25.22 22.77 -23.61
C ILE A 503 -24.32 23.11 -24.79
N GLU A 504 -23.73 24.30 -24.81
CA GLU A 504 -22.84 24.64 -25.93
C GLU A 504 -21.49 23.92 -25.87
N LEU A 505 -20.98 23.62 -24.67
CA LEU A 505 -19.68 22.96 -24.58
C LEU A 505 -19.71 21.47 -24.89
N ILE A 506 -20.83 20.79 -24.68
CA ILE A 506 -20.87 19.34 -24.84
C ILE A 506 -21.32 18.94 -26.24
N ASP A 507 -21.28 17.64 -26.53
CA ASP A 507 -21.78 17.11 -27.79
C ASP A 507 -23.28 17.33 -27.93
N SER A 508 -23.68 17.83 -29.09
CA SER A 508 -25.09 18.01 -29.41
C SER A 508 -25.82 16.67 -29.51
N GLU A 509 -27.14 16.74 -29.32
CA GLU A 509 -28.06 15.63 -29.48
C GLU A 509 -27.96 14.49 -28.47
N GLU A 510 -26.76 14.10 -28.06
CA GLU A 510 -26.63 12.93 -27.20
C GLU A 510 -26.90 13.21 -25.73
N TYR A 511 -26.75 14.46 -25.28
CA TYR A 511 -26.82 14.80 -23.87
C TYR A 511 -28.08 15.58 -23.53
N VAL A 512 -28.56 15.38 -22.30
CA VAL A 512 -29.56 16.25 -21.68
C VAL A 512 -29.09 16.62 -20.28
N THR A 513 -29.54 17.78 -19.79
CA THR A 513 -29.21 18.25 -18.45
C THR A 513 -30.26 17.80 -17.43
N CYS A 514 -29.80 17.29 -16.28
CA CYS A 514 -30.66 16.76 -15.23
C CYS A 514 -30.22 17.25 -13.86
N GLU A 515 -31.17 17.78 -13.08
CA GLU A 515 -30.93 18.21 -11.70
C GLU A 515 -31.24 17.09 -10.71
N ILE A 516 -30.32 16.87 -9.76
CA ILE A 516 -30.55 15.96 -8.63
C ILE A 516 -30.97 16.76 -7.40
N SER A 517 -32.05 16.32 -6.75
CA SER A 517 -32.61 16.96 -5.58
C SER A 517 -32.90 15.90 -4.52
N TYR A 518 -32.41 16.11 -3.31
CA TYR A 518 -32.47 15.09 -2.26
C TYR A 518 -32.83 15.73 -0.93
N LEU A 519 -33.80 15.14 -0.21
CA LEU A 519 -34.15 15.55 1.14
C LEU A 519 -33.69 14.53 2.17
N PRO A 520 -32.71 14.84 3.01
CA PRO A 520 -32.25 13.88 4.02
C PRO A 520 -33.26 13.69 5.14
N SER A 521 -33.03 12.63 5.92
CA SER A 521 -33.88 12.32 7.06
C SER A 521 -33.79 13.38 8.15
N GLU A 522 -32.59 13.87 8.43
CA GLU A 522 -32.38 15.03 9.31
C GLU A 522 -32.54 16.31 8.50
N VAL A 523 -33.76 16.80 8.43
CA VAL A 523 -34.13 17.85 7.47
C VAL A 523 -33.45 19.18 7.73
N ARG A 524 -32.92 19.42 8.93
CA ARG A 524 -32.21 20.67 9.18
C ARG A 524 -31.09 20.90 8.18
N ASN A 525 -30.47 19.83 7.69
CA ASN A 525 -29.36 19.96 6.75
C ASN A 525 -29.80 20.46 5.37
N ALA A 526 -31.08 20.39 5.06
CA ALA A 526 -31.57 20.79 3.74
C ALA A 526 -31.89 22.28 3.62
N ASN A 527 -31.86 23.04 4.71
CA ASN A 527 -32.20 24.46 4.62
C ASN A 527 -31.27 25.25 3.72
N VAL A 528 -30.10 24.72 3.37
CA VAL A 528 -29.21 25.35 2.40
C VAL A 528 -29.30 24.67 1.03
N THR A 529 -30.25 23.77 0.84
CA THR A 529 -30.32 22.93 -0.35
C THR A 529 -31.62 23.15 -1.13
N ARG A 530 -32.33 24.23 -0.85
CA ARG A 530 -33.47 24.63 -1.66
C ARG A 530 -33.11 25.81 -2.57
N ASN A 531 -33.26 25.60 -3.88
CA ASN A 531 -32.75 26.50 -4.89
C ASN A 531 -33.53 26.31 -6.19
N ILE A 532 -33.47 27.32 -7.06
CA ILE A 532 -33.95 27.21 -8.44
C ILE A 532 -32.91 26.55 -9.33
N HIS A 533 -33.37 26.02 -10.47
CA HIS A 533 -32.51 25.51 -11.52
C HIS A 533 -33.24 25.62 -12.86
N SER A 534 -32.48 25.50 -13.95
CA SER A 534 -33.04 25.50 -15.30
C SER A 534 -32.68 24.25 -16.12
N SER A 535 -32.13 23.21 -15.51
CA SER A 535 -31.99 21.93 -16.19
C SER A 535 -33.33 21.40 -16.69
N GLU A 536 -33.26 20.66 -17.80
CA GLU A 536 -34.47 20.20 -18.48
C GLU A 536 -35.20 19.11 -17.70
N TYR A 537 -34.47 18.15 -17.14
CA TYR A 537 -35.05 17.06 -16.37
C TYR A 537 -34.73 17.25 -14.89
N GLU A 538 -35.46 16.51 -14.05
CA GLU A 538 -35.21 16.54 -12.61
C GLU A 538 -35.39 15.15 -12.02
N MET A 539 -34.48 14.79 -11.11
CA MET A 539 -34.64 13.63 -10.23
C MET A 539 -34.84 14.12 -8.79
N SER A 540 -36.03 13.91 -8.24
CA SER A 540 -36.37 14.34 -6.88
C SER A 540 -36.58 13.14 -5.98
N LEU A 541 -35.80 13.07 -4.90
CA LEU A 541 -35.76 11.89 -4.02
C LEU A 541 -36.37 12.25 -2.67
N PHE A 542 -37.32 11.43 -2.21
CA PHE A 542 -38.10 11.65 -0.99
C PHE A 542 -38.92 12.95 -1.00
N THR A 543 -39.13 13.57 -2.16
CA THR A 543 -39.93 14.78 -2.26
C THR A 543 -40.68 14.76 -3.58
N ASN A 544 -41.76 15.54 -3.64
CA ASN A 544 -42.34 15.90 -4.93
C ASN A 544 -41.37 16.75 -5.75
N GLY A 545 -41.50 16.65 -7.07
CA GLY A 545 -40.69 17.44 -7.98
C GLY A 545 -41.41 18.68 -8.48
N SER A 546 -40.63 19.56 -9.10
CA SER A 546 -41.14 20.75 -9.74
C SER A 546 -41.59 20.52 -11.18
N LYS A 547 -41.35 19.34 -11.73
CA LYS A 547 -41.58 19.05 -13.15
C LYS A 547 -42.87 18.28 -13.33
N ASP A 548 -43.35 18.25 -14.57
CA ASP A 548 -44.39 17.32 -14.97
C ASP A 548 -43.82 15.92 -15.17
N ASN A 549 -44.72 14.93 -15.13
CA ASN A 549 -44.29 13.53 -15.22
C ASN A 549 -43.58 13.21 -16.52
N LEU A 550 -43.69 14.07 -17.53
CA LEU A 550 -42.91 13.91 -18.74
C LEU A 550 -41.41 14.04 -18.49
N TYR A 551 -41.02 14.88 -17.53
CA TYR A 551 -39.63 15.23 -17.31
C TYR A 551 -39.10 14.66 -15.99
N ARG A 552 -39.85 13.77 -15.35
CA ARG A 552 -39.41 13.08 -14.15
C ARG A 552 -38.43 11.97 -14.51
N ILE A 553 -37.32 11.88 -13.76
CA ILE A 553 -36.34 10.80 -13.87
C ILE A 553 -36.37 9.97 -12.59
N LYS A 554 -36.18 8.66 -12.73
CA LYS A 554 -36.17 7.73 -11.61
C LYS A 554 -34.80 7.07 -11.46
N LEU A 555 -34.39 6.85 -10.21
CA LEU A 555 -33.03 6.39 -9.94
C LEU A 555 -32.74 4.99 -10.45
N ASN A 556 -33.73 4.11 -10.52
CA ASN A 556 -33.51 2.78 -11.08
C ASN A 556 -33.45 2.78 -12.60
N ASP A 557 -33.61 3.93 -13.25
CA ASP A 557 -33.45 4.07 -14.69
C ASP A 557 -32.03 4.41 -15.14
N ILE A 558 -31.09 4.65 -14.22
CA ILE A 558 -29.75 5.10 -14.56
C ILE A 558 -28.83 3.91 -14.78
N TYR A 559 -28.11 3.90 -15.91
CA TYR A 559 -27.14 2.86 -16.24
C TYR A 559 -25.75 3.48 -16.43
N ILE A 560 -24.72 2.76 -15.99
CA ILE A 560 -23.34 3.23 -16.01
C ILE A 560 -22.57 2.47 -17.08
N GLY A 561 -21.71 3.19 -17.82
CA GLY A 561 -20.75 2.56 -18.71
C GLY A 561 -19.41 3.27 -18.71
N LEU A 562 -18.43 2.62 -19.33
CA LEU A 562 -17.14 3.22 -19.61
C LEU A 562 -16.98 3.55 -21.09
N GLU A 563 -16.43 4.73 -21.38
CA GLU A 563 -15.96 5.07 -22.72
C GLU A 563 -14.67 5.87 -22.59
N ASN A 564 -13.67 5.50 -23.38
CA ASN A 564 -12.36 6.16 -23.34
C ASN A 564 -11.80 6.21 -21.92
N ASN A 565 -12.04 5.14 -21.17
CA ASN A 565 -11.65 5.07 -19.75
C ASN A 565 -12.23 6.19 -18.89
N THR A 566 -13.40 6.73 -19.24
CA THR A 566 -14.12 7.61 -18.33
C THR A 566 -15.58 7.14 -18.19
N PHE A 567 -16.12 7.29 -16.99
CA PHE A 567 -17.50 6.91 -16.70
C PHE A 567 -18.51 7.90 -17.30
N TYR A 568 -19.66 7.37 -17.71
CA TYR A 568 -20.81 8.18 -18.07
C TYR A 568 -22.08 7.54 -17.51
N ALA A 569 -23.11 8.36 -17.35
CA ALA A 569 -24.44 7.91 -16.95
C ALA A 569 -25.44 8.08 -18.08
N LYS A 570 -26.36 7.13 -18.23
CA LYS A 570 -27.36 7.16 -19.28
C LYS A 570 -28.72 6.78 -18.73
N SER A 571 -29.77 7.40 -19.25
CA SER A 571 -31.14 7.00 -18.98
C SER A 571 -31.62 6.01 -20.04
N LYS A 572 -32.14 4.86 -19.58
CA LYS A 572 -32.63 3.84 -20.51
C LYS A 572 -33.95 4.22 -21.16
N THR A 573 -34.86 4.89 -20.44
CA THR A 573 -36.11 5.34 -21.05
C THR A 573 -35.88 6.42 -22.10
N LEU A 574 -35.04 7.40 -21.80
CA LEU A 574 -34.74 8.46 -22.76
C LEU A 574 -33.82 7.99 -23.87
N ASN A 575 -32.97 7.01 -23.58
CA ASN A 575 -31.81 6.69 -24.42
C ASN A 575 -30.97 7.95 -24.65
N LYS A 576 -30.63 8.63 -23.56
CA LYS A 576 -29.81 9.82 -23.59
C LYS A 576 -28.77 9.73 -22.48
N LYS A 577 -27.59 10.29 -22.74
CA LYS A 577 -26.64 10.54 -21.67
C LYS A 577 -27.10 11.71 -20.82
N LEU A 578 -26.72 11.70 -19.55
CA LEU A 578 -27.16 12.71 -18.59
C LEU A 578 -25.98 13.59 -18.19
N LEU A 579 -26.13 14.90 -18.40
CA LEU A 579 -25.23 15.91 -17.85
C LEU A 579 -25.78 16.38 -16.51
N LEU A 580 -25.19 15.91 -15.41
CA LEU A 580 -25.77 16.03 -14.09
C LEU A 580 -25.35 17.31 -13.38
N THR A 581 -26.32 17.97 -12.73
CA THR A 581 -26.08 19.24 -12.05
C THR A 581 -26.61 19.19 -10.62
N ILE A 582 -25.94 19.92 -9.73
CA ILE A 582 -26.40 20.12 -8.35
C ILE A 582 -26.07 21.55 -7.93
N ASN A 583 -27.04 22.45 -8.04
CA ASN A 583 -26.79 23.87 -7.86
C ASN A 583 -26.80 24.32 -6.41
N ASN A 584 -26.11 23.59 -5.54
CA ASN A 584 -26.04 23.96 -4.13
C ASN A 584 -24.82 23.28 -3.52
N MET A 585 -24.47 23.70 -2.30
CA MET A 585 -23.26 23.27 -1.63
C MET A 585 -23.44 22.02 -0.79
N LEU A 586 -24.39 21.16 -1.13
CA LEU A 586 -24.49 19.83 -0.51
C LEU A 586 -23.15 19.13 -0.54
N ASN A 587 -22.72 18.64 0.62
CA ASN A 587 -21.43 17.96 0.75
C ASN A 587 -21.54 16.52 0.25
N PRO A 588 -20.85 16.15 -0.83
CA PRO A 588 -20.99 14.78 -1.34
C PRO A 588 -20.49 13.69 -0.42
N GLN A 589 -19.50 13.97 0.41
CA GLN A 589 -18.90 12.91 1.22
C GLN A 589 -19.81 12.38 2.33
N THR A 590 -20.90 13.08 2.65
CA THR A 590 -21.88 12.56 3.58
C THR A 590 -23.18 12.12 2.93
N ALA A 591 -23.29 12.20 1.62
CA ALA A 591 -24.48 11.74 0.92
C ALA A 591 -24.48 10.21 0.79
N PRO A 592 -25.65 9.62 0.55
CA PRO A 592 -25.71 8.21 0.12
C PRO A 592 -24.77 7.92 -1.05
N ASN A 593 -24.34 6.67 -1.13
CA ASN A 593 -23.34 6.25 -2.10
C ASN A 593 -23.75 6.55 -3.54
N ALA A 594 -25.04 6.43 -3.87
CA ALA A 594 -25.50 6.75 -5.22
C ALA A 594 -25.29 8.22 -5.56
N ILE A 595 -25.66 9.12 -4.66
CA ILE A 595 -25.53 10.55 -4.93
C ILE A 595 -24.06 10.96 -5.00
N ARG A 596 -23.22 10.37 -4.15
CA ARG A 596 -21.80 10.65 -4.21
C ARG A 596 -21.19 10.14 -5.52
N PHE A 597 -21.59 8.96 -5.98
CA PHE A 597 -21.06 8.46 -7.23
C PHE A 597 -21.50 9.31 -8.42
N LEU A 598 -22.76 9.76 -8.43
CA LEU A 598 -23.21 10.62 -9.50
C LEU A 598 -22.47 11.95 -9.50
N ASN A 599 -22.15 12.48 -8.33
CA ASN A 599 -21.29 13.66 -8.26
C ASN A 599 -19.89 13.39 -8.83
N ASP A 600 -19.25 12.31 -8.39
CA ASP A 600 -17.93 11.95 -8.89
C ASP A 600 -17.89 11.74 -10.41
N ILE A 601 -18.94 11.17 -11.00
CA ILE A 601 -18.97 11.03 -12.46
C ILE A 601 -18.81 12.37 -13.15
N SER A 602 -19.56 13.38 -12.70
CA SER A 602 -19.58 14.66 -13.40
C SER A 602 -18.21 15.34 -13.46
N LEU A 603 -17.25 14.89 -12.67
CA LEU A 603 -15.93 15.49 -12.60
C LEU A 603 -14.83 14.55 -13.09
N ASP A 604 -15.18 13.34 -13.50
CA ASP A 604 -14.21 12.33 -13.86
C ASP A 604 -13.28 12.80 -14.98
N GLU A 605 -11.98 12.66 -14.76
CA GLU A 605 -10.89 13.08 -15.64
C GLU A 605 -10.78 14.59 -15.84
N LYS A 606 -11.49 15.40 -15.06
CA LYS A 606 -11.16 16.82 -14.99
C LYS A 606 -10.21 17.12 -13.84
N LYS A 607 -9.38 18.13 -14.02
CA LYS A 607 -8.55 18.63 -12.92
C LYS A 607 -9.41 19.38 -11.91
N LEU A 608 -9.01 19.30 -10.65
CA LEU A 608 -9.62 20.07 -9.57
C LEU A 608 -8.68 21.22 -9.23
N TRP A 609 -9.12 22.44 -9.54
CA TRP A 609 -8.17 23.56 -9.59
C TRP A 609 -7.57 23.87 -8.22
N TYR A 610 -8.30 23.68 -7.13
CA TYR A 610 -7.80 24.01 -5.80
C TYR A 610 -7.13 22.84 -5.07
N LYS A 611 -6.84 21.75 -5.77
CA LYS A 611 -5.95 20.71 -5.27
C LYS A 611 -4.49 21.09 -5.56
N PHE A 612 -3.86 21.75 -4.60
CA PHE A 612 -2.51 22.28 -4.80
C PHE A 612 -1.44 21.21 -4.64
N VAL A 613 -0.48 21.22 -5.56
CA VAL A 613 0.51 20.15 -5.66
C VAL A 613 1.44 20.14 -4.45
N TRP A 614 1.85 21.33 -4.01
CA TRP A 614 2.75 21.49 -2.86
C TRP A 614 2.11 21.13 -1.54
N SER A 615 0.80 20.91 -1.50
CA SER A 615 0.12 20.57 -0.26
C SER A 615 0.64 19.25 0.34
N ASP A 616 0.99 18.30 -0.52
CA ASP A 616 1.59 17.05 -0.04
C ASP A 616 3.03 17.22 0.40
N VAL A 617 3.79 18.12 -0.23
CA VAL A 617 5.20 18.23 0.07
C VAL A 617 5.43 18.81 1.47
N TYR A 618 4.63 19.81 1.85
CA TYR A 618 4.82 20.52 3.12
C TYR A 618 3.98 19.97 4.27
N LYS A 619 3.33 18.83 4.10
CA LYS A 619 2.32 18.41 5.07
C LYS A 619 2.90 18.09 6.45
N ASP A 620 4.19 17.78 6.56
CA ASP A 620 4.79 17.46 7.84
C ASP A 620 5.35 18.66 8.59
N PHE A 621 5.48 19.81 7.95
CA PHE A 621 6.11 20.96 8.59
C PHE A 621 5.15 21.66 9.53
N SER A 622 5.72 22.26 10.58
CA SER A 622 4.96 23.00 11.57
C SER A 622 4.87 24.48 11.28
N TYR A 623 5.66 24.99 10.34
CA TYR A 623 5.54 26.36 9.84
C TYR A 623 5.64 26.33 8.33
N ILE A 624 4.78 27.11 7.66
CA ILE A 624 4.86 27.25 6.21
C ILE A 624 4.75 28.73 5.84
N PRO A 625 5.66 29.28 5.05
CA PRO A 625 5.48 30.64 4.53
C PRO A 625 4.24 30.76 3.66
N ALA A 626 3.86 32.00 3.37
CA ALA A 626 2.83 32.27 2.38
C ALA A 626 3.31 31.87 0.99
N ILE A 627 2.39 31.35 0.17
CA ILE A 627 2.64 31.04 -1.23
C ILE A 627 1.90 32.06 -2.07
N LYS A 628 2.62 32.73 -2.96
CA LYS A 628 2.04 33.81 -3.74
C LYS A 628 2.53 33.74 -5.18
N TYR A 629 1.76 34.38 -6.06
CA TYR A 629 2.06 34.46 -7.47
C TYR A 629 1.63 35.83 -7.98
N LYS A 630 2.56 36.57 -8.55
CA LYS A 630 2.33 37.95 -8.95
C LYS A 630 1.65 38.72 -7.82
N ASN A 631 0.36 39.01 -7.95
CA ASN A 631 -0.38 39.73 -6.92
C ASN A 631 -1.50 38.90 -6.29
N PHE A 632 -1.40 37.59 -6.34
CA PHE A 632 -2.26 36.68 -5.58
C PHE A 632 -1.48 36.10 -4.41
N VAL A 633 -2.01 36.23 -3.20
CA VAL A 633 -1.63 35.35 -2.09
C VAL A 633 -2.50 34.10 -2.16
N ILE A 634 -1.90 32.99 -2.56
CA ILE A 634 -2.67 31.77 -2.82
C ILE A 634 -3.01 31.05 -1.52
N MET A 635 -2.05 30.95 -0.61
CA MET A 635 -2.29 30.45 0.74
C MET A 635 -1.63 31.38 1.75
N PRO A 636 -2.29 31.63 2.89
CA PRO A 636 -1.67 32.47 3.91
C PRO A 636 -0.55 31.77 4.64
N GLU A 637 0.22 32.57 5.38
CA GLU A 637 1.23 32.04 6.27
C GLU A 637 0.55 31.31 7.43
N THR A 638 1.15 30.20 7.86
CA THR A 638 0.47 29.34 8.83
C THR A 638 1.43 28.72 9.84
N TRP A 639 0.91 28.55 11.05
CA TRP A 639 1.57 27.90 12.17
C TRP A 639 0.63 26.85 12.74
N LYS A 640 1.19 25.79 13.29
CA LYS A 640 0.38 24.80 13.98
C LYS A 640 1.12 24.30 15.22
N MET A 641 0.35 23.75 16.15
CA MET A 641 0.83 23.42 17.48
C MET A 641 0.76 21.91 17.71
N ASN A 642 1.76 21.38 18.41
CA ASN A 642 1.86 19.96 18.67
C ASN A 642 2.48 19.76 20.04
N LYS A 643 2.50 18.50 20.49
CA LYS A 643 3.03 18.15 21.80
C LYS A 643 4.52 18.41 21.96
N ILE A 644 5.26 18.65 20.89
CA ILE A 644 6.67 18.99 21.03
C ILE A 644 6.86 20.47 21.31
N ASN A 645 6.17 21.33 20.57
CA ASN A 645 6.38 22.77 20.68
C ASN A 645 5.43 23.47 21.66
N MET A 646 4.31 22.85 22.02
CA MET A 646 3.46 23.36 23.10
C MET A 646 3.15 22.21 24.06
N LYS A 647 3.96 22.11 25.12
CA LYS A 647 3.86 21.05 26.12
C LYS A 647 2.74 21.36 27.12
N ILE A 648 1.51 21.18 26.67
CA ILE A 648 0.32 21.53 27.46
C ILE A 648 -0.53 20.28 27.68
N ASN A 649 -1.24 20.26 28.80
CA ASN A 649 -2.14 19.18 29.15
C ASN A 649 -3.46 19.75 29.65
N LYS A 650 -4.49 18.88 29.66
CA LYS A 650 -5.79 19.28 30.19
C LYS A 650 -5.71 19.74 31.63
N LYS A 651 -4.77 19.19 32.40
CA LYS A 651 -4.53 19.63 33.77
C LYS A 651 -3.72 20.92 33.84
N THR A 652 -3.22 21.43 32.72
CA THR A 652 -2.43 22.66 32.74
C THR A 652 -3.29 23.85 33.12
N GLU A 653 -2.76 24.70 33.98
CA GLU A 653 -3.42 25.91 34.41
C GLU A 653 -3.07 27.08 33.49
N PHE A 654 -3.96 28.08 33.49
CA PHE A 654 -3.65 29.37 32.90
C PHE A 654 -2.45 29.99 33.62
N ASN A 655 -1.98 31.11 33.10
CA ASN A 655 -0.68 31.68 33.47
C ASN A 655 0.52 30.83 33.06
N GLU A 656 0.49 29.53 33.37
CA GLU A 656 1.51 28.64 32.80
C GLU A 656 1.36 28.50 31.29
N PHE A 657 0.14 28.35 30.81
CA PHE A 657 -0.09 28.46 29.37
C PHE A 657 0.37 29.82 28.84
N LYS A 658 0.06 30.90 29.57
CA LYS A 658 0.40 32.23 29.09
C LYS A 658 1.91 32.40 28.93
N ASN A 659 2.69 31.88 29.87
CA ASN A 659 4.15 31.94 29.76
C ASN A 659 4.67 30.99 28.69
N GLN A 660 4.11 29.79 28.63
CA GLN A 660 4.43 28.84 27.57
C GLN A 660 4.20 29.43 26.18
N PHE A 661 3.04 30.05 25.96
CA PHE A 661 2.70 30.57 24.65
C PHE A 661 3.56 31.75 24.22
N ASN A 662 3.86 32.67 25.13
CA ASN A 662 4.77 33.78 24.79
C ASN A 662 6.14 33.30 24.34
N ASP A 663 6.57 32.12 24.77
CA ASP A 663 7.80 31.54 24.24
C ASP A 663 7.65 31.09 22.79
N TYR A 664 6.58 30.35 22.51
CA TYR A 664 6.27 29.93 21.13
C TYR A 664 6.23 31.11 20.16
N ARG A 665 5.56 32.19 20.54
CA ARG A 665 5.47 33.38 19.69
C ARG A 665 6.85 33.87 19.25
N ILE A 666 7.78 34.00 20.17
CA ILE A 666 9.09 34.56 19.83
C ILE A 666 9.90 33.56 19.00
N LYS A 667 9.81 32.28 19.33
CA LYS A 667 10.57 31.28 18.58
C LYS A 667 10.11 31.18 17.12
N TYR A 668 8.80 31.25 16.88
CA TYR A 668 8.28 31.13 15.52
C TYR A 668 7.92 32.44 14.85
N GLY A 669 7.97 33.57 15.55
CA GLY A 669 7.64 34.83 14.92
C GLY A 669 6.16 35.07 14.65
N VAL A 670 5.29 34.53 15.49
CA VAL A 670 3.84 34.70 15.30
C VAL A 670 3.46 36.17 15.47
N PRO A 671 2.79 36.79 14.51
CA PRO A 671 2.48 38.22 14.60
C PRO A 671 1.32 38.52 15.54
N GLN A 672 1.01 39.82 15.66
CA GLN A 672 -0.01 40.28 16.60
C GLN A 672 -1.41 39.78 16.27
N TYR A 673 -1.77 39.72 14.99
CA TYR A 673 -3.10 39.28 14.57
C TYR A 673 -3.02 37.96 13.82
N VAL A 674 -3.84 36.99 14.24
CA VAL A 674 -3.97 35.71 13.57
C VAL A 674 -5.43 35.29 13.61
N TYR A 675 -5.79 34.40 12.69
CA TYR A 675 -7.05 33.66 12.77
C TYR A 675 -6.82 32.32 13.45
N ILE A 676 -7.67 31.99 14.40
CA ILE A 676 -7.80 30.61 14.88
C ILE A 676 -8.80 29.92 13.98
N THR A 677 -8.33 28.95 13.20
CA THR A 677 -9.05 28.51 12.01
C THR A 677 -10.13 27.51 12.39
N PHE A 678 -11.20 28.05 12.98
CA PHE A 678 -12.44 27.32 13.17
C PHE A 678 -13.56 28.36 13.20
N ALA A 679 -14.34 28.42 14.30
CA ALA A 679 -15.42 29.39 14.41
C ALA A 679 -15.10 30.54 15.38
N ASP A 680 -13.86 30.64 15.85
CA ASP A 680 -13.43 31.74 16.72
C ASP A 680 -12.68 32.83 15.97
N ASN A 681 -11.97 32.45 14.91
CA ASN A 681 -11.36 33.32 13.90
C ASN A 681 -10.49 34.41 14.53
N ARG A 682 -10.68 35.69 14.20
CA ARG A 682 -9.62 36.68 14.39
C ARG A 682 -9.34 37.00 15.85
N ILE A 683 -8.07 36.85 16.24
CA ILE A 683 -7.60 36.96 17.62
C ILE A 683 -6.51 38.03 17.69
N LEU A 684 -6.66 38.97 18.62
CA LEU A 684 -5.61 39.93 18.98
C LEU A 684 -4.80 39.39 20.14
N LEU A 685 -3.59 38.90 19.84
CA LEU A 685 -2.82 38.17 20.84
C LEU A 685 -2.28 39.07 21.95
N ASN A 686 -2.23 40.38 21.75
CA ASN A 686 -1.86 41.33 22.79
C ASN A 686 -2.99 41.65 23.76
N LEU A 687 -4.00 40.79 23.89
CA LEU A 687 -5.11 41.04 24.78
C LEU A 687 -5.49 39.75 25.50
N ASP A 688 -5.83 39.88 26.78
CA ASP A 688 -5.87 38.72 27.67
C ASP A 688 -7.09 37.84 27.43
N ASP A 689 -8.24 38.42 27.13
CA ASP A 689 -9.40 37.58 26.85
C ASP A 689 -9.27 36.86 25.52
N GLU A 690 -8.49 37.43 24.59
CA GLU A 690 -8.13 36.71 23.39
C GLU A 690 -7.29 35.48 23.71
N GLN A 691 -6.37 35.62 24.67
CA GLN A 691 -5.65 34.47 25.18
C GLN A 691 -6.55 33.48 25.89
N CYS A 692 -7.60 33.96 26.58
CA CYS A 692 -8.53 33.03 27.20
C CYS A 692 -9.29 32.21 26.16
N VAL A 693 -9.73 32.85 25.08
CA VAL A 693 -10.33 32.08 23.98
C VAL A 693 -9.33 31.08 23.42
N LYS A 694 -8.09 31.52 23.24
CA LYS A 694 -7.05 30.64 22.73
C LYS A 694 -6.91 29.39 23.60
N ILE A 695 -6.66 29.58 24.90
CA ILE A 695 -6.47 28.44 25.80
C ILE A 695 -7.72 27.58 25.91
N LEU A 696 -8.90 28.18 25.98
CA LEU A 696 -10.12 27.37 26.04
C LEU A 696 -10.23 26.45 24.83
N TYR A 697 -9.96 26.96 23.64
CA TYR A 697 -9.97 26.13 22.44
C TYR A 697 -8.87 25.08 22.50
N HIS A 698 -7.66 25.51 22.86
CA HIS A 698 -6.49 24.64 22.90
C HIS A 698 -6.67 23.45 23.85
N GLU A 699 -7.26 23.69 25.01
CA GLU A 699 -7.53 22.61 25.97
C GLU A 699 -8.51 21.59 25.41
N CYS A 700 -9.64 22.04 24.91
CA CYS A 700 -10.61 21.11 24.31
C CYS A 700 -10.05 20.41 23.08
N LYS A 701 -9.32 21.13 22.24
CA LYS A 701 -8.65 20.54 21.08
C LYS A 701 -7.38 19.78 21.43
N ASN A 702 -7.13 19.53 22.72
CA ASN A 702 -6.02 18.70 23.18
C ASN A 702 -4.65 19.18 22.68
N SER A 703 -4.50 20.49 22.45
CA SER A 703 -3.26 21.06 21.93
C SER A 703 -2.87 20.58 20.55
N PHE A 704 -3.79 20.04 19.75
CA PHE A 704 -3.39 19.59 18.41
C PHE A 704 -4.49 19.75 17.38
N ASN A 705 -5.73 19.42 17.73
CA ASN A 705 -6.75 19.18 16.72
C ASN A 705 -7.25 20.50 16.17
N GLU A 706 -7.03 20.73 14.88
CA GLU A 706 -7.49 21.92 14.18
C GLU A 706 -6.98 23.22 14.82
N ILE A 707 -5.89 23.16 15.57
CA ILE A 707 -5.27 24.38 16.14
C ILE A 707 -4.27 24.87 15.10
N ILE A 708 -4.80 25.52 14.06
CA ILE A 708 -4.00 26.15 13.01
C ILE A 708 -4.18 27.65 13.11
N LEU A 709 -3.06 28.37 13.17
CA LEU A 709 -3.04 29.82 13.15
C LEU A 709 -2.68 30.32 11.76
N ASN A 710 -3.42 31.30 11.26
CA ASN A 710 -3.16 31.92 9.96
C ASN A 710 -3.03 33.42 10.14
N SER A 711 -2.12 34.02 9.37
CA SER A 711 -1.91 35.45 9.46
C SER A 711 -3.08 36.24 8.86
N TYR A 712 -3.27 37.46 9.37
CA TYR A 712 -4.24 38.39 8.84
C TYR A 712 -3.78 39.00 7.51
N GLU A 713 -4.76 39.45 6.72
CA GLU A 713 -4.52 40.13 5.45
C GLU A 713 -3.98 41.55 5.63
N GLU A 714 -2.84 41.67 6.27
CA GLU A 714 -2.35 42.90 6.90
C GLU A 714 -1.86 43.98 5.92
N GLU A 715 -1.99 43.96 4.60
CA GLU A 715 -1.51 45.06 3.78
C GLU A 715 -2.45 45.32 2.61
N GLY A 716 -2.44 46.58 2.14
CA GLY A 716 -3.51 47.17 1.37
C GLY A 716 -4.59 47.80 2.23
N VAL A 717 -5.59 48.37 1.56
CA VAL A 717 -6.75 48.96 2.23
C VAL A 717 -8.03 48.47 1.58
N ASN A 718 -9.11 48.53 2.36
CA ASN A 718 -10.41 48.04 1.93
C ASN A 718 -11.02 48.95 0.87
N ILE A 719 -11.76 48.34 -0.07
CA ILE A 719 -12.33 49.07 -1.20
C ILE A 719 -13.76 49.54 -0.98
N VAL A 720 -14.48 49.04 0.02
CA VAL A 720 -15.87 49.42 0.27
C VAL A 720 -15.88 50.43 1.39
N LYS A 721 -16.51 51.58 1.14
CA LYS A 721 -16.56 52.68 2.09
C LYS A 721 -17.99 53.20 2.24
N GLU A 722 -18.29 53.70 3.44
CA GLU A 722 -19.54 54.40 3.72
C GLU A 722 -19.16 55.73 4.35
N SER A 723 -19.22 56.81 3.57
CA SER A 723 -18.63 58.08 3.96
C SER A 723 -17.13 57.92 4.22
N HIS A 724 -16.78 57.35 5.37
CA HIS A 724 -15.39 57.23 5.76
C HIS A 724 -15.11 55.94 6.52
N LYS A 725 -16.05 55.00 6.53
CA LYS A 725 -15.92 53.75 7.26
C LYS A 725 -15.59 52.63 6.29
N ASP A 726 -14.54 51.87 6.58
CA ASP A 726 -14.19 50.72 5.75
C ASP A 726 -14.99 49.49 6.15
N TYR A 727 -15.44 48.73 5.15
CA TYR A 727 -15.93 47.37 5.30
C TYR A 727 -15.02 46.39 4.57
N ILE A 728 -14.76 45.25 5.20
CA ILE A 728 -14.13 44.14 4.51
C ILE A 728 -15.12 43.51 3.52
N CYS A 729 -14.64 43.19 2.32
CA CYS A 729 -15.46 42.76 1.20
C CYS A 729 -14.85 41.54 0.52
N GLU A 730 -15.66 40.52 0.26
CA GLU A 730 -15.27 39.34 -0.50
C GLU A 730 -16.11 39.19 -1.76
N LEU A 731 -15.46 38.79 -2.86
CA LEU A 731 -16.10 38.55 -4.15
C LEU A 731 -16.15 37.07 -4.47
N VAL A 732 -17.24 36.63 -5.11
CA VAL A 732 -17.32 35.32 -5.76
C VAL A 732 -17.45 35.53 -7.26
N ILE A 733 -16.44 35.08 -8.01
CA ILE A 733 -16.40 35.24 -9.47
C ILE A 733 -16.72 33.89 -10.11
N PRO A 734 -17.87 33.74 -10.77
CA PRO A 734 -18.10 32.56 -11.62
C PRO A 734 -17.49 32.71 -13.02
N LEU A 735 -16.91 31.62 -13.52
CA LEU A 735 -16.27 31.63 -14.83
C LEU A 735 -16.66 30.39 -15.63
N THR A 736 -16.74 30.53 -16.96
CA THR A 736 -17.04 29.43 -17.85
C THR A 736 -15.98 29.30 -18.94
N LYS A 737 -15.68 28.05 -19.29
CA LYS A 737 -14.69 27.70 -20.30
C LYS A 737 -15.04 28.25 -21.68
N ILE A 738 -14.02 28.73 -22.39
CA ILE A 738 -14.17 29.15 -23.78
C ILE A 738 -14.04 27.94 -24.71
N LYS A 739 -15.02 27.77 -25.59
CA LYS A 739 -15.05 26.62 -26.48
C LYS A 739 -13.95 26.68 -27.53
N GLN A 740 -13.25 25.56 -27.72
CA GLN A 740 -12.32 25.38 -28.83
C GLN A 740 -12.90 24.32 -29.77
N GLU A 741 -13.13 24.70 -31.02
CA GLU A 741 -13.69 23.80 -32.02
C GLU A 741 -12.67 22.72 -32.40
N SER A 754 -27.54 -4.14 -24.42
CA SER A 754 -27.85 -5.55 -24.26
C SER A 754 -29.04 -5.77 -23.32
N ASP A 755 -29.88 -6.75 -23.65
CA ASP A 755 -30.97 -7.19 -22.78
C ASP A 755 -30.59 -8.30 -21.80
N ILE A 756 -29.47 -8.99 -21.99
CA ILE A 756 -29.15 -10.16 -21.19
C ILE A 756 -28.72 -9.72 -19.80
N SER A 757 -29.47 -10.17 -18.78
CA SER A 757 -29.18 -9.80 -17.40
C SER A 757 -27.91 -10.49 -16.90
N SER A 758 -27.44 -10.03 -15.73
CA SER A 758 -26.20 -10.53 -15.15
C SER A 758 -26.28 -11.96 -14.65
N LEU A 759 -27.46 -12.48 -14.36
CA LEU A 759 -27.60 -13.87 -13.90
C LEU A 759 -28.52 -14.69 -14.81
N SER A 760 -28.64 -14.29 -16.07
CA SER A 760 -29.30 -15.13 -17.05
C SER A 760 -28.59 -16.46 -17.18
N LYS A 761 -29.38 -17.53 -17.33
CA LYS A 761 -28.83 -18.86 -17.58
C LYS A 761 -28.05 -18.94 -18.89
N GLU A 762 -28.27 -17.99 -19.80
CA GLU A 762 -27.41 -17.89 -20.98
C GLU A 762 -26.01 -17.41 -20.64
N ARG A 763 -25.86 -16.61 -19.58
CA ARG A 763 -24.59 -16.00 -19.26
C ARG A 763 -23.73 -16.82 -18.30
N VAL A 764 -24.30 -17.30 -17.20
CA VAL A 764 -23.56 -18.03 -16.19
C VAL A 764 -23.99 -19.49 -16.24
N LYS A 765 -23.01 -20.39 -16.41
CA LYS A 765 -23.22 -21.83 -16.41
C LYS A 765 -22.68 -22.41 -15.11
N ASP A 766 -23.52 -23.15 -14.41
CA ASP A 766 -23.08 -23.85 -13.21
C ASP A 766 -22.14 -24.99 -13.56
N PRO A 767 -21.36 -25.46 -12.60
CA PRO A 767 -20.60 -26.71 -12.78
C PRO A 767 -21.45 -27.86 -13.33
N PHE A 768 -20.93 -28.49 -14.38
CA PHE A 768 -21.55 -29.57 -15.14
C PHE A 768 -22.77 -29.14 -15.95
N ASP A 769 -23.15 -27.86 -15.92
CA ASP A 769 -24.28 -27.37 -16.72
C ASP A 769 -23.84 -27.19 -18.17
N GLU A 770 -23.64 -28.33 -18.84
CA GLU A 770 -23.10 -28.41 -20.20
C GLU A 770 -21.66 -27.97 -20.36
N TRP A 771 -21.09 -27.28 -19.38
CA TRP A 771 -19.67 -26.99 -19.35
C TRP A 771 -19.06 -27.56 -18.08
N LEU A 772 -17.87 -28.12 -18.19
CA LEU A 772 -17.04 -28.48 -17.04
C LEU A 772 -15.78 -27.61 -17.10
N TYR A 773 -15.57 -26.80 -16.06
CA TYR A 773 -14.51 -25.80 -16.04
C TYR A 773 -13.58 -26.09 -14.87
N ILE A 774 -12.35 -26.46 -15.19
CA ILE A 774 -11.36 -26.93 -14.21
C ILE A 774 -10.21 -25.93 -14.15
N LYS A 775 -9.80 -25.56 -12.94
CA LYS A 775 -8.60 -24.76 -12.72
C LYS A 775 -7.50 -25.60 -12.10
N LEU A 776 -6.35 -25.66 -12.75
CA LEU A 776 -5.21 -26.49 -12.34
C LEU A 776 -4.11 -25.61 -11.79
N TYR A 777 -3.68 -25.89 -10.55
CA TYR A 777 -2.70 -25.09 -9.84
C TYR A 777 -1.38 -25.85 -9.72
N GLY A 778 -0.32 -25.09 -9.49
CA GLY A 778 1.00 -25.68 -9.29
C GLY A 778 1.72 -26.06 -10.55
N ILE A 779 1.48 -25.35 -11.65
CA ILE A 779 1.83 -25.80 -12.99
C ILE A 779 2.97 -25.02 -13.62
N SER A 780 3.45 -23.95 -12.99
CA SER A 780 4.29 -22.97 -13.67
C SER A 780 5.65 -23.53 -14.10
N SER A 781 6.22 -24.47 -13.35
CA SER A 781 7.46 -25.10 -13.78
C SER A 781 7.32 -25.97 -15.04
N ASN A 782 6.13 -26.48 -15.35
CA ASN A 782 6.00 -27.55 -16.34
C ASN A 782 4.92 -27.29 -17.38
N VAL A 783 4.43 -26.06 -17.51
CA VAL A 783 3.66 -25.67 -18.70
C VAL A 783 4.48 -25.98 -19.95
N ASP A 784 3.81 -25.94 -21.10
CA ASP A 784 4.35 -26.39 -22.37
C ASP A 784 4.47 -27.90 -22.47
N ASP A 785 5.10 -28.57 -21.50
CA ASP A 785 5.07 -30.03 -21.51
C ASP A 785 3.70 -30.57 -21.12
N LEU A 786 3.09 -29.99 -20.09
CA LEU A 786 1.74 -30.39 -19.70
C LEU A 786 0.74 -30.17 -20.82
N ILE A 787 0.86 -29.04 -21.52
CA ILE A 787 -0.03 -28.75 -22.64
C ILE A 787 0.25 -29.70 -23.80
N ALA A 788 1.49 -29.70 -24.28
CA ALA A 788 1.79 -30.38 -25.53
C ALA A 788 1.58 -31.87 -25.44
N TYR A 789 1.86 -32.48 -24.28
CA TYR A 789 1.68 -33.94 -24.15
C TYR A 789 0.42 -34.34 -23.39
N TYR A 790 0.27 -33.93 -22.13
CA TYR A 790 -0.76 -34.54 -21.31
C TYR A 790 -2.15 -34.05 -21.70
N ILE A 791 -2.39 -32.74 -21.56
CA ILE A 791 -3.72 -32.21 -21.87
C ILE A 791 -4.10 -32.52 -23.32
N SER A 792 -3.16 -32.36 -24.24
CA SER A 792 -3.42 -32.69 -25.64
C SER A 792 -3.89 -34.12 -25.83
N GLU A 793 -3.16 -35.10 -25.28
CA GLU A 793 -3.50 -36.49 -25.52
C GLU A 793 -4.80 -36.93 -24.83
N PHE A 794 -5.14 -36.35 -23.69
CA PHE A 794 -6.36 -36.76 -23.01
C PHE A 794 -7.61 -36.15 -23.63
N CYS A 795 -7.61 -34.83 -23.84
CA CYS A 795 -8.83 -34.16 -24.32
C CYS A 795 -9.15 -34.52 -25.77
N ASN A 796 -8.14 -34.63 -26.63
CA ASN A 796 -8.40 -35.02 -28.01
C ASN A 796 -8.96 -36.43 -28.11
N GLU A 797 -8.59 -37.32 -27.19
CA GLU A 797 -9.18 -38.65 -27.17
C GLU A 797 -10.64 -38.65 -26.76
N LEU A 798 -11.07 -37.72 -25.90
CA LEU A 798 -12.48 -37.58 -25.58
C LEU A 798 -13.30 -37.07 -26.76
N VAL A 799 -12.69 -36.32 -27.68
CA VAL A 799 -13.41 -35.90 -28.89
C VAL A 799 -13.60 -37.08 -29.85
N GLU A 800 -12.56 -37.90 -30.04
CA GLU A 800 -12.69 -39.08 -30.86
C GLU A 800 -13.78 -40.02 -30.36
N GLU A 801 -13.89 -40.19 -29.04
CA GLU A 801 -14.96 -40.99 -28.46
C GLU A 801 -16.32 -40.32 -28.56
N GLU A 802 -16.37 -39.06 -28.99
CA GLU A 802 -17.60 -38.27 -28.99
C GLU A 802 -18.20 -38.13 -27.60
N ILE A 803 -17.37 -38.10 -26.56
CA ILE A 803 -17.87 -37.82 -25.22
C ILE A 803 -18.01 -36.31 -24.99
N ILE A 804 -17.11 -35.51 -25.55
CA ILE A 804 -17.22 -34.06 -25.54
C ILE A 804 -17.21 -33.57 -26.97
N SER A 805 -17.88 -32.45 -27.21
CA SER A 805 -17.87 -31.86 -28.54
C SER A 805 -16.65 -30.96 -28.76
N LYS A 806 -16.22 -30.20 -27.76
CA LYS A 806 -15.05 -29.35 -27.93
C LYS A 806 -14.50 -28.93 -26.58
N TYR A 807 -13.27 -28.40 -26.60
CA TYR A 807 -12.62 -27.82 -25.44
C TYR A 807 -11.74 -26.65 -25.87
N PHE A 808 -11.37 -25.81 -24.89
CA PHE A 808 -10.29 -24.84 -25.06
C PHE A 808 -9.67 -24.52 -23.70
N PHE A 809 -8.45 -23.99 -23.72
CA PHE A 809 -7.73 -23.63 -22.50
C PHE A 809 -7.13 -22.24 -22.60
N MET A 810 -6.79 -21.65 -21.45
CA MET A 810 -6.00 -20.43 -21.40
C MET A 810 -5.33 -20.32 -20.03
N ARG A 811 -4.36 -19.41 -19.93
CA ARG A 811 -3.54 -19.20 -18.75
C ARG A 811 -3.91 -17.90 -18.04
N TYR A 812 -4.07 -17.95 -16.72
CA TYR A 812 -4.46 -16.77 -15.96
C TYR A 812 -3.74 -16.74 -14.61
N VAL A 813 -3.97 -15.65 -13.86
CA VAL A 813 -3.50 -15.50 -12.48
C VAL A 813 -4.67 -15.06 -11.61
N ASP A 814 -4.85 -15.72 -10.47
CA ASP A 814 -5.61 -15.18 -9.35
C ASP A 814 -4.69 -15.28 -8.15
N PRO A 815 -3.87 -14.28 -7.94
CA PRO A 815 -2.57 -14.49 -7.30
C PRO A 815 -1.73 -15.63 -7.83
N GLU A 816 -2.16 -16.88 -7.64
CA GLU A 816 -1.40 -18.01 -8.15
C GLU A 816 -1.71 -18.29 -9.62
N GLN A 817 -0.66 -18.66 -10.36
CA GLN A 817 -0.82 -19.07 -11.76
C GLN A 817 -1.51 -20.42 -11.90
N HIS A 818 -2.38 -20.53 -12.89
CA HIS A 818 -3.12 -21.77 -13.15
C HIS A 818 -3.47 -21.85 -14.64
N ILE A 819 -3.81 -23.06 -15.09
CA ILE A 819 -4.48 -23.30 -16.36
C ILE A 819 -5.99 -23.30 -16.14
N ARG A 820 -6.74 -22.68 -17.06
CA ARG A 820 -8.19 -22.79 -17.12
C ARG A 820 -8.57 -23.70 -18.27
N LEU A 821 -9.21 -24.83 -17.98
CA LEU A 821 -9.56 -25.83 -18.97
C LEU A 821 -11.07 -26.03 -18.97
N ARG A 822 -11.70 -25.81 -20.13
CA ARG A 822 -13.16 -25.84 -20.27
C ARG A 822 -13.58 -26.91 -21.27
N LEU A 823 -14.43 -27.83 -20.84
CA LEU A 823 -14.94 -28.94 -21.66
C LEU A 823 -16.44 -28.80 -21.84
N ASN A 824 -16.92 -29.05 -23.06
CA ASN A 824 -18.32 -28.88 -23.41
C ASN A 824 -18.95 -30.22 -23.77
N SER A 825 -20.07 -30.54 -23.11
CA SER A 825 -20.85 -31.72 -23.44
C SER A 825 -22.25 -31.56 -22.83
N SER A 826 -22.98 -32.67 -22.69
CA SER A 826 -24.18 -32.71 -21.85
C SER A 826 -23.82 -32.96 -20.39
N GLN A 827 -24.74 -32.58 -19.50
CA GLN A 827 -24.56 -32.85 -18.07
C GLN A 827 -24.42 -34.34 -17.79
N GLU A 828 -25.24 -35.17 -18.42
CA GLU A 828 -25.21 -36.60 -18.13
C GLU A 828 -23.91 -37.26 -18.56
N LYS A 829 -23.33 -36.80 -19.67
CA LYS A 829 -22.02 -37.28 -20.08
C LYS A 829 -20.89 -36.77 -19.18
N LEU A 830 -20.94 -35.50 -18.77
CA LEU A 830 -19.90 -34.98 -17.90
C LEU A 830 -19.86 -35.67 -16.54
N LEU A 831 -21.01 -35.96 -15.95
CA LEU A 831 -21.03 -36.71 -14.71
C LEU A 831 -20.61 -38.16 -14.88
N MET A 832 -20.82 -38.73 -16.06
CA MET A 832 -20.42 -40.11 -16.30
C MET A 832 -18.91 -40.29 -16.37
N ILE A 833 -18.19 -39.38 -17.02
CA ILE A 833 -16.73 -39.50 -17.13
C ILE A 833 -15.92 -38.86 -16.01
N TYR A 834 -16.54 -38.11 -15.11
CA TYR A 834 -15.76 -37.47 -14.06
C TYR A 834 -14.84 -38.41 -13.27
N PRO A 835 -15.23 -39.63 -12.95
CA PRO A 835 -14.26 -40.57 -12.35
C PRO A 835 -12.96 -40.75 -13.11
N LYS A 836 -12.98 -40.81 -14.44
CA LYS A 836 -11.74 -40.91 -15.20
C LYS A 836 -10.96 -39.62 -15.21
N ILE A 837 -11.63 -38.46 -15.21
CA ILE A 837 -10.92 -37.20 -15.06
C ILE A 837 -10.20 -37.15 -13.71
N ARG A 838 -10.83 -37.65 -12.66
CA ARG A 838 -10.15 -37.75 -11.37
C ARG A 838 -8.94 -38.67 -11.43
N GLU A 839 -9.08 -39.85 -12.04
CA GLU A 839 -7.92 -40.73 -12.16
C GLU A 839 -6.80 -40.08 -12.96
N TRP A 840 -7.15 -39.45 -14.07
CA TRP A 840 -6.19 -38.70 -14.89
C TRP A 840 -5.39 -37.69 -14.07
N LEU A 841 -6.07 -36.78 -13.36
CA LEU A 841 -5.39 -35.71 -12.66
C LEU A 841 -4.55 -36.20 -11.48
N SER A 842 -4.92 -37.31 -10.85
CA SER A 842 -4.08 -37.91 -9.83
C SER A 842 -2.74 -38.39 -10.40
N MET A 843 -2.74 -38.92 -11.62
CA MET A 843 -1.49 -39.34 -12.24
C MET A 843 -0.59 -38.16 -12.56
N ILE A 844 -1.17 -37.06 -13.04
CA ILE A 844 -0.39 -35.83 -13.26
C ILE A 844 0.22 -35.34 -11.95
N ARG A 845 -0.58 -35.30 -10.88
CA ARG A 845 -0.05 -34.91 -9.58
C ARG A 845 1.11 -35.79 -9.13
N LYS A 846 0.98 -37.11 -9.32
CA LYS A 846 1.99 -38.03 -8.82
C LYS A 846 3.33 -37.87 -9.51
N LYS A 847 3.35 -37.44 -10.77
CA LYS A 847 4.58 -37.06 -11.44
C LYS A 847 5.13 -35.71 -11.01
N GLY A 848 4.43 -35.00 -10.13
CA GLY A 848 4.87 -33.69 -9.70
C GLY A 848 4.61 -32.56 -10.66
N LEU A 849 3.68 -32.73 -11.60
CA LEU A 849 3.39 -31.70 -12.58
C LEU A 849 2.27 -30.75 -12.15
N MET A 850 1.49 -31.09 -11.13
CA MET A 850 0.48 -30.18 -10.60
C MET A 850 0.27 -30.45 -9.11
N THR A 851 -0.47 -29.56 -8.47
CA THR A 851 -0.74 -29.64 -7.03
C THR A 851 -2.20 -29.94 -6.73
N TYR A 852 -3.13 -29.04 -7.05
CA TYR A 852 -4.54 -29.26 -6.76
C TYR A 852 -5.38 -28.58 -7.84
N PHE A 853 -6.68 -28.88 -7.83
CA PHE A 853 -7.61 -28.32 -8.81
C PHE A 853 -8.96 -28.00 -8.18
N SER A 854 -9.69 -27.10 -8.86
CA SER A 854 -11.03 -26.66 -8.47
C SER A 854 -11.97 -26.66 -9.67
N ILE A 855 -13.27 -26.66 -9.40
CA ILE A 855 -14.31 -26.59 -10.42
C ILE A 855 -15.11 -25.30 -10.21
N ASP A 856 -15.29 -24.52 -11.28
CA ASP A 856 -15.82 -23.17 -11.19
C ASP A 856 -16.97 -22.94 -12.16
N SER A 857 -17.74 -21.89 -11.90
CA SER A 857 -18.79 -21.43 -12.80
C SER A 857 -18.21 -20.69 -14.01
N TYR A 858 -18.72 -21.00 -15.19
CA TYR A 858 -18.27 -20.38 -16.44
C TYR A 858 -19.16 -19.16 -16.74
N ASP A 859 -18.56 -17.97 -16.71
CA ASP A 859 -19.24 -16.69 -16.96
C ASP A 859 -18.91 -16.20 -18.37
N ARG A 860 -19.85 -16.38 -19.29
CA ARG A 860 -19.60 -16.17 -20.71
C ARG A 860 -19.61 -14.68 -21.08
N GLU A 861 -18.63 -14.26 -21.88
CA GLU A 861 -18.48 -12.88 -22.34
C GLU A 861 -19.28 -12.61 -23.63
N ILE A 862 -20.61 -12.69 -23.50
CA ILE A 862 -21.49 -12.63 -24.66
C ILE A 862 -21.27 -11.37 -25.49
N GLU A 863 -21.27 -10.20 -24.85
CA GLU A 863 -21.18 -8.94 -25.60
C GLU A 863 -19.81 -8.69 -26.22
N ARG A 864 -18.76 -9.31 -25.72
CA ARG A 864 -17.42 -9.03 -26.23
C ARG A 864 -17.20 -9.66 -27.60
N TYR A 865 -17.72 -10.86 -27.82
CA TYR A 865 -17.50 -11.59 -29.06
C TYR A 865 -18.70 -11.54 -30.00
N GLY A 866 -19.63 -10.61 -29.79
CA GLY A 866 -20.59 -10.25 -30.82
C GLY A 866 -22.05 -10.55 -30.52
N GLY A 867 -22.41 -11.01 -29.32
CA GLY A 867 -23.79 -11.32 -29.01
C GLY A 867 -24.09 -12.80 -29.04
N ILE A 868 -25.35 -13.10 -28.73
CA ILE A 868 -25.75 -14.45 -28.36
C ILE A 868 -25.59 -15.45 -29.50
N GLU A 869 -25.58 -15.00 -30.75
CA GLU A 869 -25.34 -15.89 -31.88
C GLU A 869 -23.85 -16.10 -32.15
N LEU A 870 -23.10 -15.01 -32.26
CA LEU A 870 -21.68 -15.12 -32.63
C LEU A 870 -20.84 -15.76 -31.54
N ILE A 871 -21.27 -15.68 -30.28
CA ILE A 871 -20.51 -16.29 -29.18
C ILE A 871 -20.30 -17.79 -29.41
N ASN A 872 -21.27 -18.47 -30.01
CA ASN A 872 -21.12 -19.89 -30.29
C ASN A 872 -20.04 -20.18 -31.33
N ILE A 873 -19.81 -19.25 -32.26
CA ILE A 873 -18.76 -19.42 -33.25
C ILE A 873 -17.38 -19.08 -32.67
N ALA A 874 -17.30 -18.04 -31.83
CA ALA A 874 -16.05 -17.72 -31.17
C ALA A 874 -15.55 -18.89 -30.35
N GLU A 875 -16.43 -19.59 -29.64
CA GLU A 875 -16.03 -20.76 -28.89
C GLU A 875 -15.56 -21.92 -29.75
N LYS A 876 -15.91 -21.95 -31.04
CA LYS A 876 -15.27 -22.88 -31.96
C LYS A 876 -13.92 -22.36 -32.45
N VAL A 877 -13.79 -21.05 -32.63
CA VAL A 877 -12.49 -20.48 -32.96
C VAL A 877 -11.47 -20.80 -31.87
N PHE A 878 -11.88 -20.71 -30.60
CA PHE A 878 -10.99 -21.07 -29.49
C PHE A 878 -10.61 -22.54 -29.49
N PHE A 879 -11.51 -23.42 -29.96
CA PHE A 879 -11.20 -24.84 -30.02
C PHE A 879 -10.10 -25.16 -31.03
N PHE A 880 -10.24 -24.69 -32.26
CA PHE A 880 -9.21 -24.91 -33.27
C PHE A 880 -7.90 -24.20 -32.94
N ASP A 881 -7.96 -23.04 -32.31
CA ASP A 881 -6.73 -22.36 -31.89
C ASP A 881 -5.99 -23.11 -30.79
N SER A 882 -6.69 -23.85 -29.95
CA SER A 882 -6.04 -24.66 -28.93
C SER A 882 -5.25 -25.81 -29.55
N ILE A 883 -5.85 -26.52 -30.50
CA ILE A 883 -5.16 -27.60 -31.22
C ILE A 883 -3.87 -27.11 -31.88
N VAL A 884 -3.94 -25.99 -32.59
CA VAL A 884 -2.75 -25.44 -33.26
C VAL A 884 -1.66 -25.07 -32.26
N THR A 885 -2.02 -24.56 -31.08
CA THR A 885 -1.01 -24.27 -30.07
C THR A 885 -0.31 -25.51 -29.57
N GLU A 886 -1.05 -26.59 -29.34
CA GLU A 886 -0.44 -27.85 -28.95
C GLU A 886 0.54 -28.34 -30.00
N ASP A 887 0.13 -28.29 -31.27
CA ASP A 887 0.99 -28.75 -32.36
C ASP A 887 2.27 -27.93 -32.46
N ILE A 888 2.17 -26.61 -32.33
CA ILE A 888 3.36 -25.77 -32.37
C ILE A 888 4.28 -26.06 -31.19
N LEU A 889 3.73 -26.14 -29.97
CA LEU A 889 4.57 -26.43 -28.81
C LEU A 889 5.25 -27.79 -28.92
N ARG A 890 4.55 -28.81 -29.42
CA ARG A 890 5.16 -30.12 -29.59
C ARG A 890 6.27 -30.10 -30.63
N ALA A 891 6.01 -29.50 -31.80
CA ALA A 891 7.03 -29.46 -32.86
C ALA A 891 8.28 -28.72 -32.40
N LYS A 892 8.10 -27.65 -31.62
CA LYS A 892 9.25 -26.95 -31.04
C LYS A 892 10.02 -27.85 -30.09
N ARG A 893 9.31 -28.55 -29.20
CA ARG A 893 9.97 -29.44 -28.24
C ARG A 893 10.70 -30.59 -28.94
N GLU A 894 10.13 -31.12 -30.02
CA GLU A 894 10.84 -32.12 -30.81
C GLU A 894 11.97 -31.53 -31.63
N GLY A 895 11.95 -30.22 -31.87
CA GLY A 895 12.97 -29.61 -32.70
C GLY A 895 12.71 -29.73 -34.19
N SER A 896 11.44 -29.84 -34.59
CA SER A 896 11.13 -29.89 -36.02
C SER A 896 11.35 -28.55 -36.70
N PHE A 897 11.40 -27.46 -35.95
CA PHE A 897 11.90 -26.20 -36.46
C PHE A 897 12.50 -25.42 -35.30
N ASP A 898 13.28 -24.39 -35.66
CA ASP A 898 14.11 -23.68 -34.69
C ASP A 898 13.92 -22.17 -34.74
N PHE A 899 12.78 -21.69 -35.26
CA PHE A 899 12.52 -20.27 -35.27
C PHE A 899 12.49 -19.69 -33.86
N CYS A 900 12.78 -18.40 -33.76
CA CYS A 900 12.60 -17.68 -32.51
C CYS A 900 11.12 -17.58 -32.16
N ASP A 901 10.84 -17.36 -30.87
CA ASP A 901 9.49 -17.05 -30.44
C ASP A 901 8.95 -15.79 -31.11
N GLU A 902 9.78 -14.76 -31.25
CA GLU A 902 9.35 -13.55 -31.96
C GLU A 902 8.92 -13.85 -33.39
N ILE A 903 9.61 -14.75 -34.07
CA ILE A 903 9.22 -15.10 -35.44
C ILE A 903 7.86 -15.77 -35.47
N ILE A 904 7.66 -16.75 -34.58
CA ILE A 904 6.38 -17.47 -34.53
C ILE A 904 5.24 -16.53 -34.19
N GLY A 905 5.46 -15.61 -33.25
CA GLY A 905 4.43 -14.63 -32.93
C GLY A 905 4.01 -13.76 -34.10
N MET A 906 4.99 -13.19 -34.79
CA MET A 906 4.71 -12.35 -35.96
C MET A 906 3.94 -13.11 -37.03
N ILE A 907 4.40 -14.32 -37.37
CA ILE A 907 3.73 -15.09 -38.41
C ILE A 907 2.29 -15.39 -38.02
N SER A 908 2.06 -15.72 -36.76
CA SER A 908 0.70 -16.00 -36.30
C SER A 908 -0.20 -14.77 -36.33
N VAL A 909 0.34 -13.60 -35.95
CA VAL A 909 -0.45 -12.37 -36.01
C VAL A 909 -0.84 -12.04 -37.44
N VAL A 910 0.11 -12.11 -38.36
CA VAL A 910 -0.18 -11.81 -39.75
C VAL A 910 -1.16 -12.83 -40.35
N HIS A 911 -0.96 -14.11 -40.05
CA HIS A 911 -1.90 -15.14 -40.50
C HIS A 911 -3.31 -14.90 -39.96
N TYR A 912 -3.43 -14.42 -38.73
CA TYR A 912 -4.74 -14.03 -38.20
C TYR A 912 -5.38 -12.91 -39.02
N MET A 913 -4.65 -11.82 -39.24
CA MET A 913 -5.27 -10.71 -39.98
C MET A 913 -5.64 -11.14 -41.40
N GLU A 914 -4.76 -11.86 -42.08
CA GLU A 914 -5.05 -12.34 -43.42
C GLU A 914 -6.29 -13.20 -43.45
N SER A 915 -6.39 -14.18 -42.56
CA SER A 915 -7.51 -15.11 -42.63
C SER A 915 -8.81 -14.51 -42.13
N PHE A 916 -8.75 -13.55 -41.19
CA PHE A 916 -9.93 -12.78 -40.83
C PHE A 916 -10.35 -11.82 -41.92
N GLY A 917 -9.52 -11.61 -42.94
CA GLY A 917 -9.93 -10.80 -44.07
C GLY A 917 -9.74 -9.31 -43.94
N LEU A 918 -8.87 -8.86 -43.05
CA LEU A 918 -8.55 -7.46 -42.90
C LEU A 918 -7.51 -7.09 -43.96
N PRO A 919 -7.83 -6.24 -44.93
CA PRO A 919 -6.92 -6.07 -46.08
C PRO A 919 -5.66 -5.28 -45.71
N TYR A 920 -4.64 -5.44 -46.56
CA TYR A 920 -3.32 -4.89 -46.28
C TYR A 920 -3.37 -3.38 -46.03
N ALA A 921 -4.19 -2.65 -46.79
CA ALA A 921 -4.30 -1.21 -46.60
C ALA A 921 -4.70 -0.87 -45.17
N LYS A 922 -5.48 -1.72 -44.52
CA LYS A 922 -5.87 -1.51 -43.13
C LYS A 922 -4.87 -2.08 -42.12
N GLN A 923 -4.18 -3.17 -42.45
CA GLN A 923 -3.36 -3.87 -41.47
C GLN A 923 -2.35 -2.96 -40.79
N VAL A 924 -1.59 -2.19 -41.56
CA VAL A 924 -0.60 -1.31 -40.93
C VAL A 924 -1.26 -0.21 -40.11
N GLU A 925 -2.49 0.17 -40.45
CA GLU A 925 -3.23 1.12 -39.64
C GLU A 925 -3.82 0.46 -38.40
N PHE A 926 -4.29 -0.77 -38.52
CA PHE A 926 -4.86 -1.49 -37.38
C PHE A 926 -3.80 -1.72 -36.30
N LEU A 927 -2.64 -2.24 -36.69
CA LEU A 927 -1.54 -2.40 -35.75
C LEU A 927 -1.00 -1.04 -35.33
N TYR A 947 11.12 -10.63 -40.06
CA TYR A 947 11.92 -10.33 -41.24
C TYR A 947 11.06 -10.39 -42.51
N MET A 948 11.40 -9.55 -43.48
CA MET A 948 10.53 -9.30 -44.62
C MET A 948 10.25 -10.57 -45.42
N LYS A 949 11.25 -11.44 -45.57
CA LYS A 949 11.07 -12.66 -46.34
C LYS A 949 9.96 -13.55 -45.79
N LEU A 950 9.83 -13.63 -44.46
CA LEU A 950 8.90 -14.60 -43.87
C LEU A 950 7.48 -14.06 -43.77
N CYS A 951 7.30 -12.78 -43.45
CA CYS A 951 5.96 -12.21 -43.33
C CYS A 951 5.28 -11.94 -44.67
N ASN A 952 5.99 -12.00 -45.79
CA ASN A 952 5.37 -11.83 -47.10
C ASN A 952 4.49 -13.02 -47.43
N SER A 953 3.18 -12.84 -47.31
CA SER A 953 2.21 -13.92 -47.50
C SER A 953 1.85 -14.18 -48.95
N ASN A 954 2.47 -13.46 -49.90
CA ASN A 954 2.06 -13.54 -51.30
C ASN A 954 2.22 -14.95 -51.87
N LYS A 955 1.46 -15.19 -52.94
CA LYS A 955 1.27 -16.50 -53.55
C LYS A 955 0.70 -17.51 -52.58
N ASP A 956 1.55 -18.11 -51.74
CA ASP A 956 1.06 -18.95 -50.66
C ASP A 956 2.10 -19.00 -49.55
N TRP A 957 2.44 -17.85 -49.00
CA TRP A 957 3.57 -17.73 -48.09
C TRP A 957 4.83 -18.29 -48.74
N GLU A 958 5.04 -17.95 -50.02
CA GLU A 958 6.04 -18.63 -50.82
C GLU A 958 7.45 -18.40 -50.28
N GLY A 959 7.70 -17.26 -49.65
CA GLY A 959 8.99 -17.03 -49.01
C GLY A 959 9.23 -17.88 -47.79
N LEU A 960 8.17 -18.43 -47.20
CA LEU A 960 8.29 -19.26 -46.01
C LEU A 960 8.37 -20.74 -46.36
N ARG A 961 7.54 -21.20 -47.30
CA ARG A 961 7.55 -22.59 -47.74
C ARG A 961 8.88 -23.03 -48.33
N GLU A 962 9.85 -22.13 -48.49
CA GLU A 962 11.11 -22.50 -49.13
C GLU A 962 11.91 -23.51 -48.30
N SER A 963 12.07 -23.26 -47.01
CA SER A 963 12.65 -24.26 -46.12
C SER A 963 11.62 -25.31 -45.72
N GLU A 964 12.13 -26.49 -45.33
CA GLU A 964 11.25 -27.50 -44.76
C GLU A 964 10.68 -27.06 -43.42
N GLU A 965 11.48 -26.39 -42.60
CA GLU A 965 10.97 -25.83 -41.35
C GLU A 965 9.76 -24.95 -41.59
N GLY A 966 9.87 -24.04 -42.55
CA GLY A 966 8.75 -23.15 -42.84
C GLY A 966 7.56 -23.88 -43.43
N ASN A 967 7.79 -24.96 -44.16
CA ASN A 967 6.68 -25.74 -44.69
C ASN A 967 5.94 -26.50 -43.59
N ILE A 968 6.66 -26.97 -42.57
CA ILE A 968 6.01 -27.58 -41.41
C ILE A 968 5.19 -26.56 -40.63
N LEU A 969 5.77 -25.38 -40.39
CA LEU A 969 5.06 -24.35 -39.63
C LEU A 969 3.76 -23.94 -40.30
N ILE A 970 3.82 -23.58 -41.58
CA ILE A 970 2.63 -23.05 -42.25
C ILE A 970 1.54 -24.11 -42.39
N GLU A 971 1.91 -25.38 -42.57
CA GLU A 971 0.92 -26.43 -42.64
C GLU A 971 0.17 -26.63 -41.33
N ILE A 972 0.81 -26.37 -40.19
CA ILE A 972 0.12 -26.39 -38.91
C ILE A 972 -0.89 -25.25 -38.82
N LEU A 973 -0.45 -24.02 -39.12
CA LEU A 973 -1.33 -22.87 -39.01
C LEU A 973 -2.57 -22.96 -39.90
N ASN A 974 -2.45 -23.56 -41.08
CA ASN A 974 -3.61 -23.69 -41.96
C ASN A 974 -4.68 -24.63 -41.45
N LYS A 975 -4.44 -25.33 -40.34
CA LYS A 975 -5.54 -26.05 -39.68
C LYS A 975 -6.60 -25.09 -39.17
N ARG A 976 -6.20 -23.87 -38.86
CA ARG A 976 -7.03 -22.87 -38.20
C ARG A 976 -7.80 -21.98 -39.15
N ARG A 977 -7.36 -21.89 -40.41
CA ARG A 977 -7.79 -20.81 -41.30
C ARG A 977 -9.29 -20.84 -41.61
N LYS A 978 -9.85 -22.02 -41.87
CA LYS A 978 -11.22 -22.08 -42.38
C LYS A 978 -12.24 -21.54 -41.37
N ILE A 979 -12.06 -21.81 -40.08
CA ILE A 979 -13.03 -21.33 -39.10
C ILE A 979 -12.94 -19.83 -38.87
N ILE A 980 -11.73 -19.24 -38.97
CA ILE A 980 -11.62 -17.79 -38.79
C ILE A 980 -12.26 -17.04 -39.94
N GLU A 981 -12.09 -17.53 -41.17
CA GLU A 981 -12.78 -16.90 -42.31
C GLU A 981 -14.30 -16.92 -42.11
N TYR A 982 -14.85 -18.06 -41.71
CA TYR A 982 -16.29 -18.15 -41.47
C TYR A 982 -16.73 -17.17 -40.38
N TYR A 983 -16.03 -17.15 -39.26
CA TYR A 983 -16.35 -16.22 -38.18
C TYR A 983 -16.29 -14.77 -38.65
N GLY A 984 -15.24 -14.41 -39.39
CA GLY A 984 -15.10 -13.05 -39.85
C GLY A 984 -16.20 -12.57 -40.78
N ASN A 985 -16.69 -13.46 -41.65
CA ASN A 985 -17.79 -13.09 -42.53
C ASN A 985 -19.09 -12.87 -41.78
N LYS A 986 -19.38 -13.70 -40.78
CA LYS A 986 -20.57 -13.50 -39.97
C LYS A 986 -20.50 -12.20 -39.16
N VAL A 987 -19.31 -11.84 -38.67
CA VAL A 987 -19.15 -10.57 -37.96
C VAL A 987 -19.51 -9.40 -38.86
N ARG A 988 -18.97 -9.37 -40.08
CA ARG A 988 -19.25 -8.27 -40.99
C ARG A 988 -20.68 -8.31 -41.51
N GLU A 989 -21.28 -9.50 -41.59
CA GLU A 989 -22.67 -9.61 -42.02
C GLU A 989 -23.64 -9.04 -41.00
N ASN A 990 -23.34 -9.17 -39.70
CA ASN A 990 -24.23 -8.68 -38.66
C ASN A 990 -24.10 -7.17 -38.51
N GLU A 991 -25.04 -6.43 -39.07
CA GLU A 991 -25.01 -4.98 -39.05
C GLU A 991 -25.16 -4.41 -37.63
N GLU A 992 -25.61 -5.22 -36.67
CA GLU A 992 -25.65 -4.79 -35.28
C GLU A 992 -24.27 -4.72 -34.65
N VAL A 993 -23.27 -5.38 -35.22
CA VAL A 993 -21.91 -5.30 -34.71
C VAL A 993 -21.24 -4.05 -35.27
N SER A 994 -20.49 -3.37 -34.41
CA SER A 994 -19.72 -2.20 -34.78
C SER A 994 -18.32 -2.30 -34.21
N THR A 995 -17.34 -1.83 -34.99
CA THR A 995 -15.92 -1.95 -34.65
C THR A 995 -15.53 -3.42 -34.45
N ASP A 996 -15.77 -4.21 -35.50
CA ASP A 996 -15.29 -5.58 -35.55
C ASP A 996 -13.80 -5.69 -35.33
N LEU A 997 -13.04 -4.61 -35.54
CA LEU A 997 -11.63 -4.60 -35.17
C LEU A 997 -11.39 -4.85 -33.69
N SER A 998 -12.36 -4.59 -32.83
CA SER A 998 -12.20 -4.97 -31.43
C SER A 998 -12.36 -6.47 -31.22
N ILE A 999 -13.14 -7.15 -32.04
CA ILE A 999 -13.19 -8.60 -31.99
C ILE A 999 -11.87 -9.20 -32.47
N LEU A 1000 -11.36 -8.72 -33.59
CA LEU A 1000 -10.08 -9.21 -34.09
C LEU A 1000 -8.98 -8.97 -33.07
N ASP A 1001 -8.96 -7.79 -32.46
CA ASP A 1001 -7.98 -7.52 -31.41
C ASP A 1001 -8.14 -8.47 -30.23
N SER A 1002 -9.37 -8.75 -29.82
CA SER A 1002 -9.60 -9.68 -28.72
C SER A 1002 -9.03 -11.06 -29.03
N ILE A 1003 -9.41 -11.64 -30.18
CA ILE A 1003 -8.94 -12.98 -30.50
C ILE A 1003 -7.44 -13.04 -30.76
N ILE A 1004 -6.81 -11.95 -31.19
CA ILE A 1004 -5.34 -11.95 -31.27
C ILE A 1004 -4.69 -11.95 -29.89
N HIS A 1005 -5.25 -11.22 -28.92
CA HIS A 1005 -4.74 -11.29 -27.55
C HIS A 1005 -4.82 -12.69 -26.96
N LEU A 1006 -5.88 -13.43 -27.27
CA LEU A 1006 -6.01 -14.80 -26.75
C LEU A 1006 -4.95 -15.75 -27.31
N ASN A 1007 -4.72 -15.70 -28.63
CA ASN A 1007 -3.69 -16.55 -29.22
C ASN A 1007 -2.32 -16.36 -28.57
N CYS A 1008 -1.93 -15.12 -28.30
CA CYS A 1008 -0.66 -14.88 -27.64
C CYS A 1008 -0.64 -15.48 -26.23
N ASN A 1009 -1.73 -15.33 -25.49
CA ASN A 1009 -1.82 -15.89 -24.15
C ASN A 1009 -1.60 -17.40 -24.13
N ARG A 1010 -2.19 -18.13 -25.07
CA ARG A 1010 -2.00 -19.58 -25.11
C ARG A 1010 -0.55 -19.97 -25.37
N MET A 1011 0.13 -19.27 -26.28
CA MET A 1011 1.50 -19.67 -26.64
C MET A 1011 2.53 -19.21 -25.63
N PHE A 1012 2.39 -18.02 -25.06
CA PHE A 1012 3.44 -17.40 -24.27
C PHE A 1012 3.01 -17.04 -22.86
N GLY A 1013 1.74 -17.13 -22.53
CA GLY A 1013 1.26 -16.68 -21.24
C GLY A 1013 1.25 -15.17 -21.09
N ILE A 1014 1.19 -14.75 -19.84
CA ILE A 1014 1.01 -13.35 -19.47
C ILE A 1014 2.38 -12.68 -19.48
N ASP A 1015 2.66 -11.90 -20.52
CA ASP A 1015 3.80 -10.97 -20.49
C ASP A 1015 3.44 -9.83 -21.44
N ARG A 1016 3.06 -8.69 -20.86
CA ARG A 1016 2.60 -7.56 -21.68
C ARG A 1016 3.71 -6.97 -22.53
N GLU A 1017 4.96 -7.02 -22.06
CA GLU A 1017 6.08 -6.51 -22.84
C GLU A 1017 6.31 -7.30 -24.12
N PHE A 1018 6.23 -8.63 -24.05
CA PHE A 1018 6.52 -9.46 -25.21
C PHE A 1018 5.50 -9.31 -26.32
N GLU A 1019 4.21 -9.22 -25.98
CA GLU A 1019 3.20 -8.97 -27.01
C GLU A 1019 3.37 -7.59 -27.65
N LYS A 1020 3.63 -6.57 -26.85
CA LYS A 1020 3.88 -5.24 -27.40
C LYS A 1020 5.03 -5.24 -28.39
N LYS A 1021 6.12 -5.96 -28.07
CA LYS A 1021 7.21 -6.15 -29.03
C LYS A 1021 6.74 -6.87 -30.29
N VAL A 1022 6.07 -8.01 -30.14
CA VAL A 1022 5.66 -8.80 -31.30
C VAL A 1022 4.82 -7.97 -32.26
N ARG A 1023 3.89 -7.18 -31.74
CA ARG A 1023 3.07 -6.35 -32.64
C ARG A 1023 3.88 -5.26 -33.31
N ALA A 1024 4.76 -4.60 -32.57
CA ALA A 1024 5.61 -3.56 -33.15
C ALA A 1024 6.44 -4.08 -34.32
N LEU A 1025 7.17 -5.19 -34.11
CA LEU A 1025 7.98 -5.76 -35.19
C LEU A 1025 7.13 -6.16 -36.40
N ALA A 1026 5.95 -6.74 -36.18
CA ALA A 1026 5.10 -7.09 -37.31
C ALA A 1026 4.69 -5.86 -38.12
N SER A 1027 4.38 -4.76 -37.44
CA SER A 1027 3.99 -3.54 -38.15
C SER A 1027 5.13 -3.03 -39.03
N HIS A 1028 6.35 -3.01 -38.51
CA HIS A 1028 7.49 -2.56 -39.30
C HIS A 1028 7.69 -3.42 -40.53
N ALA A 1029 7.64 -4.75 -40.37
CA ALA A 1029 7.82 -5.64 -41.51
C ALA A 1029 6.72 -5.44 -42.55
N LEU A 1030 5.47 -5.30 -42.12
CA LEU A 1030 4.40 -5.06 -43.07
C LEU A 1030 4.56 -3.72 -43.79
N TYR A 1031 5.03 -2.69 -43.07
CA TYR A 1031 5.22 -1.39 -43.70
C TYR A 1031 6.35 -1.42 -44.72
N ALA A 1032 7.44 -2.13 -44.43
CA ALA A 1032 8.52 -2.27 -45.40
C ALA A 1032 8.10 -3.05 -46.64
N LEU A 1033 7.11 -3.93 -46.55
CA LEU A 1033 6.64 -4.69 -47.70
C LEU A 1033 5.65 -3.96 -48.58
N LYS A 1034 5.48 -2.65 -48.42
CA LYS A 1034 4.46 -1.94 -49.19
C LYS A 1034 4.57 -2.20 -50.69
N HIS A 1035 5.79 -2.32 -51.20
CA HIS A 1035 5.99 -2.63 -52.61
C HIS A 1035 5.56 -4.04 -53.00
N PHE A 1036 5.21 -4.90 -52.05
CA PHE A 1036 4.89 -6.29 -52.37
C PHE A 1036 3.56 -6.71 -51.74
N LYS A 1037 3.23 -6.13 -50.59
CA LYS A 1037 1.99 -6.44 -49.88
C LYS A 1037 1.89 -7.94 -49.61
N ARG B 2 22.44 0.89 33.11
CA ARG B 2 22.96 -0.50 33.06
C ARG B 2 23.67 -0.78 31.75
N ASP B 3 24.83 -1.42 31.84
CA ASP B 3 25.56 -1.87 30.66
C ASP B 3 24.94 -3.15 30.13
N LEU B 4 24.72 -3.20 28.81
CA LEU B 4 24.12 -4.34 28.14
C LEU B 4 25.14 -5.27 27.50
N TYR B 5 26.34 -4.79 27.20
CA TYR B 5 27.32 -5.53 26.44
C TYR B 5 28.67 -5.48 27.13
N ARG B 6 29.47 -6.51 26.91
CA ARG B 6 30.85 -6.57 27.37
C ARG B 6 31.79 -6.84 26.21
N ASN B 7 33.04 -6.39 26.37
CA ASN B 7 34.07 -6.62 25.37
C ASN B 7 34.51 -8.07 25.32
N THR B 8 35.07 -8.45 24.17
CA THR B 8 35.88 -9.65 24.03
C THR B 8 37.33 -9.38 24.43
N ASN B 9 38.20 -10.36 24.21
CA ASN B 9 39.62 -10.22 24.54
C ASN B 9 40.40 -9.26 23.64
N THR B 10 39.92 -8.96 22.43
CA THR B 10 40.77 -8.29 21.44
C THR B 10 39.94 -7.41 20.51
N PHE B 11 40.63 -6.56 19.76
CA PHE B 11 40.02 -5.67 18.77
C PHE B 11 40.98 -5.46 17.60
N MET B 12 40.42 -5.00 16.47
CA MET B 12 41.18 -4.77 15.24
C MET B 12 41.60 -3.30 15.06
N ILE B 13 42.83 -3.10 14.60
CA ILE B 13 43.37 -1.78 14.25
C ILE B 13 43.64 -1.74 12.74
N ARG B 14 43.19 -0.67 12.09
CA ARG B 14 43.38 -0.46 10.65
C ARG B 14 44.08 0.86 10.40
N THR B 15 44.99 0.89 9.42
CA THR B 15 45.79 2.09 9.16
C THR B 15 46.36 2.11 7.74
N PRO B 16 46.28 3.22 7.02
CA PRO B 16 46.91 3.29 5.69
C PRO B 16 48.44 3.35 5.78
N ILE B 17 49.07 3.03 4.64
CA ILE B 17 50.53 2.83 4.62
C ILE B 17 51.31 4.15 4.73
N PHE B 18 50.76 5.27 4.29
CA PHE B 18 51.42 6.56 4.41
C PHE B 18 50.77 7.44 5.47
N SER B 19 51.59 8.27 6.11
CA SER B 19 51.08 9.28 7.02
C SER B 19 50.34 10.38 6.27
N ILE B 20 49.53 11.14 7.01
CA ILE B 20 48.76 12.22 6.41
C ILE B 20 49.65 13.29 5.81
N ASP B 21 50.90 13.38 6.27
CA ASP B 21 51.80 14.42 5.79
C ASP B 21 52.03 14.32 4.30
N ASN B 22 52.10 13.10 3.77
CA ASN B 22 52.27 12.93 2.33
C ASN B 22 51.13 13.55 1.55
N TYR B 23 49.93 13.63 2.14
CA TYR B 23 48.80 14.23 1.45
C TYR B 23 48.94 15.75 1.37
N TYR B 24 49.19 16.42 2.50
CA TYR B 24 49.32 17.87 2.47
C TYR B 24 50.55 18.31 1.69
N GLU B 25 51.67 17.60 1.84
CA GLU B 25 52.88 17.92 1.10
C GLU B 25 52.69 17.78 -0.42
N PHE B 26 51.79 16.90 -0.85
CA PHE B 26 51.56 16.78 -2.29
C PHE B 26 50.85 18.00 -2.85
N PHE B 27 49.94 18.61 -2.10
CA PHE B 27 49.32 19.85 -2.54
C PHE B 27 50.20 21.06 -2.21
N ARG B 28 51.46 20.99 -2.65
CA ARG B 28 52.40 22.12 -2.63
C ARG B 28 52.40 22.88 -1.30
N LYS B 29 52.17 22.18 -0.19
CA LYS B 29 52.17 22.86 1.10
C LYS B 29 53.52 23.50 1.37
N ASP B 30 54.61 22.82 1.01
CA ASP B 30 55.96 23.23 1.41
C ASP B 30 56.83 23.57 0.21
N GLY B 31 56.23 23.95 -0.93
CA GLY B 31 57.01 24.25 -2.11
C GLY B 31 56.22 24.94 -3.21
N GLU B 32 56.84 25.95 -3.83
CA GLU B 32 56.13 26.83 -4.74
C GLU B 32 55.73 26.15 -6.05
N SER B 33 56.39 25.05 -6.41
CA SER B 33 56.11 24.40 -7.68
C SER B 33 54.67 23.93 -7.76
N ASP B 34 54.03 24.21 -8.89
CA ASP B 34 52.71 23.68 -9.21
C ASP B 34 52.69 23.07 -10.60
N LYS B 35 53.81 22.49 -11.01
CA LYS B 35 53.92 21.91 -12.34
C LYS B 35 53.12 20.62 -12.41
N ILE B 36 52.54 20.37 -13.60
CA ILE B 36 51.66 19.21 -13.75
C ILE B 36 52.45 17.92 -13.59
N LYS B 37 53.64 17.86 -14.19
CA LYS B 37 54.53 16.73 -13.95
C LYS B 37 55.41 17.02 -12.74
N ASP B 38 56.73 17.07 -12.92
CA ASP B 38 57.62 17.42 -11.82
C ASP B 38 57.37 16.53 -10.61
N ARG B 39 56.47 16.97 -9.71
CA ARG B 39 56.05 16.09 -8.62
C ARG B 39 55.52 14.75 -9.12
N LEU B 40 54.87 14.74 -10.28
CA LEU B 40 54.39 13.48 -10.84
C LEU B 40 55.53 12.49 -11.10
N LEU B 41 56.72 12.99 -11.40
CA LEU B 41 57.88 12.11 -11.49
C LEU B 41 58.42 11.68 -10.13
N GLU B 42 58.44 12.59 -9.16
CA GLU B 42 58.87 12.23 -7.81
C GLU B 42 57.97 11.28 -7.04
N ILE B 43 56.70 11.13 -7.42
CA ILE B 43 55.89 10.05 -6.85
C ILE B 43 56.19 8.71 -7.53
N CYS B 44 56.39 8.71 -8.85
CA CYS B 44 56.73 7.47 -9.54
C CYS B 44 58.13 6.97 -9.22
N ASN B 45 59.00 7.80 -8.65
CA ASN B 45 60.27 7.32 -8.13
C ASN B 45 60.17 6.67 -6.75
N ASN B 46 59.00 6.70 -6.11
CA ASN B 46 58.79 6.04 -4.84
C ASN B 46 58.54 4.55 -5.08
N SER B 47 59.45 3.69 -4.62
CA SER B 47 59.34 2.25 -4.87
C SER B 47 58.15 1.62 -4.15
N VAL B 48 57.76 2.12 -2.98
CA VAL B 48 56.60 1.59 -2.28
C VAL B 48 55.30 1.92 -3.04
N PHE B 49 55.23 3.13 -3.59
CA PHE B 49 54.12 3.46 -4.48
C PHE B 49 54.08 2.56 -5.71
N ARG B 50 55.23 2.28 -6.31
CA ARG B 50 55.26 1.44 -7.50
C ARG B 50 54.83 0.01 -7.20
N GLU B 51 55.36 -0.59 -6.13
CA GLU B 51 54.97 -1.96 -5.79
C GLU B 51 53.50 -2.04 -5.40
N ALA B 52 52.97 -1.03 -4.72
CA ALA B 52 51.54 -1.05 -4.42
C ALA B 52 50.68 -1.06 -5.67
N ILE B 53 51.03 -0.26 -6.68
CA ILE B 53 50.31 -0.28 -7.95
C ILE B 53 50.47 -1.60 -8.68
N LEU B 54 51.67 -2.17 -8.68
CA LEU B 54 51.90 -3.45 -9.36
C LEU B 54 50.96 -4.54 -8.86
N VAL B 55 50.85 -4.68 -7.53
CA VAL B 55 50.00 -5.70 -6.95
C VAL B 55 48.52 -5.45 -7.23
N SER B 56 48.13 -4.19 -7.45
CA SER B 56 46.72 -3.88 -7.70
C SER B 56 46.36 -3.84 -9.18
N SER B 57 47.16 -3.21 -10.03
CA SER B 57 46.79 -3.05 -11.44
C SER B 57 48.05 -3.10 -12.29
N LYS B 58 48.25 -4.23 -12.97
CA LYS B 58 49.44 -4.43 -13.78
C LYS B 58 49.42 -3.58 -15.05
N SER B 59 48.22 -3.22 -15.54
CA SER B 59 48.14 -2.31 -16.69
C SER B 59 48.64 -0.92 -16.34
N LEU B 60 48.18 -0.35 -15.23
CA LEU B 60 48.65 0.98 -14.83
C LEU B 60 50.14 0.98 -14.51
N TYR B 61 50.65 -0.12 -13.95
CA TYR B 61 52.08 -0.25 -13.73
C TYR B 61 52.88 -0.10 -15.03
N SER B 62 52.47 -0.78 -16.09
CA SER B 62 53.20 -0.69 -17.35
C SER B 62 53.22 0.73 -17.91
N THR B 63 52.18 1.51 -17.67
CA THR B 63 52.17 2.91 -18.09
C THR B 63 53.13 3.77 -17.28
N ILE B 64 53.25 3.51 -15.98
CA ILE B 64 54.20 4.26 -15.16
C ILE B 64 55.64 4.02 -15.61
N ILE B 65 55.94 2.80 -16.05
CA ILE B 65 57.28 2.52 -16.57
C ILE B 65 57.57 3.34 -17.82
N ASP B 66 56.62 3.34 -18.77
CA ASP B 66 56.76 4.17 -19.97
C ASP B 66 56.90 5.65 -19.63
N PHE B 67 56.17 6.13 -18.63
CA PHE B 67 56.29 7.52 -18.23
C PHE B 67 57.70 7.84 -17.74
N CYS B 68 58.29 6.97 -16.91
CA CYS B 68 59.66 7.19 -16.48
C CYS B 68 60.66 7.05 -17.63
N ASP B 69 60.35 6.23 -18.63
CA ASP B 69 61.16 6.18 -19.84
C ASP B 69 60.97 7.40 -20.74
N GLY B 70 60.02 8.27 -20.43
CA GLY B 70 59.76 9.44 -21.25
C GLY B 70 58.99 9.18 -22.52
N LYS B 71 58.41 7.99 -22.69
CA LYS B 71 57.62 7.70 -23.86
C LYS B 71 56.34 8.53 -23.87
N GLU B 72 55.79 8.74 -25.07
CA GLU B 72 54.52 9.44 -25.20
C GLU B 72 53.39 8.54 -24.74
N ILE B 73 52.60 9.02 -23.79
CA ILE B 73 51.42 8.32 -23.31
C ILE B 73 50.19 9.06 -23.82
N LYS B 74 49.27 8.32 -24.44
CA LYS B 74 48.29 8.95 -25.31
C LYS B 74 47.24 9.71 -24.50
N LYS B 75 46.73 9.13 -23.42
CA LYS B 75 45.62 9.74 -22.70
C LYS B 75 46.12 10.84 -21.76
N PHE B 76 47.04 10.50 -20.88
CA PHE B 76 47.56 11.40 -19.87
C PHE B 76 46.49 12.02 -18.96
N ASP B 77 45.38 12.47 -19.52
CA ASP B 77 44.25 12.89 -18.69
C ASP B 77 43.80 11.76 -17.77
N TYR B 78 43.47 10.61 -18.36
CA TYR B 78 43.08 9.44 -17.61
C TYR B 78 44.21 8.96 -16.69
N PHE B 79 45.45 9.19 -17.10
CA PHE B 79 46.60 8.81 -16.28
C PHE B 79 46.70 9.62 -15.00
N LEU B 80 46.51 10.94 -15.07
CA LEU B 80 46.53 11.76 -13.86
C LEU B 80 45.43 11.39 -12.86
N GLN B 81 44.19 11.21 -13.33
CA GLN B 81 43.12 10.83 -12.41
C GLN B 81 43.47 9.59 -11.59
N SER B 82 44.02 8.56 -12.24
CA SER B 82 44.38 7.33 -11.53
C SER B 82 45.47 7.57 -10.49
N ILE B 83 46.53 8.29 -10.86
CA ILE B 83 47.61 8.50 -9.93
C ILE B 83 47.15 9.34 -8.74
N TYR B 84 46.38 10.40 -8.99
CA TYR B 84 45.85 11.19 -7.87
C TYR B 84 44.99 10.35 -6.95
N LYS B 85 44.08 9.55 -7.52
CA LYS B 85 43.18 8.76 -6.69
C LYS B 85 43.92 7.70 -5.87
N TYR B 86 45.00 7.12 -6.39
CA TYR B 86 45.74 6.19 -5.56
C TYR B 86 46.62 6.88 -4.54
N LEU B 87 47.23 8.01 -4.88
CA LEU B 87 48.02 8.71 -3.88
C LEU B 87 47.15 9.14 -2.71
N ILE B 88 45.92 9.58 -2.99
CA ILE B 88 44.99 9.93 -1.91
C ILE B 88 44.61 8.71 -1.09
N ARG B 89 44.18 7.63 -1.76
CA ARG B 89 43.74 6.42 -1.09
C ARG B 89 44.84 5.75 -0.26
N MET B 90 46.11 5.95 -0.61
CA MET B 90 47.19 5.41 0.20
C MET B 90 47.48 6.20 1.46
N SER B 91 46.93 7.40 1.61
CA SER B 91 47.19 8.24 2.78
C SER B 91 45.96 8.46 3.65
N MET B 92 44.76 8.30 3.11
CA MET B 92 43.57 8.77 3.79
C MET B 92 42.51 7.71 4.06
N ARG B 93 42.57 6.54 3.45
CA ARG B 93 41.51 5.56 3.61
C ARG B 93 42.00 4.35 4.38
N PRO B 94 41.60 4.17 5.65
CA PRO B 94 42.11 3.02 6.44
C PRO B 94 41.64 1.66 5.97
N THR B 95 40.54 1.57 5.23
CA THR B 95 39.98 0.28 4.82
C THR B 95 41.05 -0.59 4.15
N PRO B 96 41.29 -1.81 4.64
CA PRO B 96 42.45 -2.60 4.21
C PRO B 96 42.23 -3.26 2.86
N PHE B 97 43.13 -2.99 1.92
CA PHE B 97 43.10 -3.62 0.61
C PHE B 97 44.51 -3.62 0.01
N GLY B 98 44.89 -4.73 -0.58
CA GLY B 98 46.18 -4.85 -1.23
C GLY B 98 47.32 -4.47 -0.31
N LEU B 99 48.17 -3.55 -0.79
CA LEU B 99 49.21 -2.94 0.02
C LEU B 99 48.92 -1.49 0.37
N PHE B 100 47.71 -1.01 0.10
CA PHE B 100 47.37 0.36 0.46
C PHE B 100 47.13 0.54 1.95
N SER B 101 46.66 -0.50 2.64
CA SER B 101 46.37 -0.41 4.06
C SER B 101 46.52 -1.78 4.70
N GLY B 102 46.72 -1.80 6.03
CA GLY B 102 47.00 -3.03 6.74
C GLY B 102 46.20 -3.12 8.03
N VAL B 103 46.31 -4.30 8.66
CA VAL B 103 45.52 -4.68 9.83
C VAL B 103 46.45 -5.11 10.96
N ASP B 104 46.02 -4.89 12.20
CA ASP B 104 46.65 -5.49 13.36
C ASP B 104 45.62 -5.67 14.47
N PHE B 105 46.00 -6.44 15.50
CA PHE B 105 45.11 -6.79 16.59
C PHE B 105 45.67 -6.33 17.93
N GLY B 106 44.83 -5.65 18.71
CA GLY B 106 45.21 -5.03 19.96
C GLY B 106 44.56 -5.66 21.18
N LYS B 107 44.92 -5.11 22.34
CA LYS B 107 44.42 -5.60 23.63
C LYS B 107 44.08 -4.43 24.53
N TYR B 108 43.05 -4.62 25.37
CA TYR B 108 42.60 -3.58 26.28
C TYR B 108 43.56 -3.41 27.47
N ALA B 109 43.67 -2.16 27.93
CA ALA B 109 44.65 -1.77 28.92
C ALA B 109 44.11 -0.59 29.72
N GLU B 110 44.88 -0.16 30.72
CA GLU B 110 44.54 1.02 31.50
C GLU B 110 44.98 2.31 30.84
N GLU B 111 45.66 2.25 29.70
CA GLU B 111 46.14 3.44 29.01
C GLU B 111 46.16 3.17 27.51
N THR B 112 46.18 4.24 26.73
CA THR B 112 46.27 4.15 25.29
C THR B 112 47.69 4.46 24.81
N VAL B 113 48.25 3.56 24.01
CA VAL B 113 49.54 3.78 23.37
C VAL B 113 49.65 2.88 22.15
N ILE B 114 49.80 3.48 20.97
CA ILE B 114 49.94 2.76 19.72
C ILE B 114 51.12 3.34 18.95
N SER B 115 52.01 2.46 18.47
CA SER B 115 53.33 2.85 18.00
C SER B 115 53.79 1.92 16.89
N TYR B 116 54.59 2.46 15.97
CA TYR B 116 55.21 1.67 14.91
C TYR B 116 56.63 1.24 15.26
N GLU B 117 56.95 -0.01 14.94
CA GLU B 117 58.29 -0.55 14.98
C GLU B 117 59.04 -0.23 13.68
N ASN B 118 60.36 -0.43 13.73
CA ASN B 118 61.17 -0.39 12.51
C ASN B 118 60.72 -1.42 11.48
N ASP B 119 60.43 -2.64 11.90
CA ASP B 119 60.00 -3.71 11.00
C ASP B 119 58.51 -3.67 10.68
N ASN B 120 57.97 -2.50 10.40
CA ASN B 120 56.57 -2.38 9.98
C ASN B 120 56.31 -3.07 8.64
N PHE B 121 55.03 -3.41 8.44
CA PHE B 121 54.49 -3.93 7.18
C PHE B 121 55.06 -5.27 6.73
N LYS B 122 54.34 -6.36 7.04
CA LYS B 122 54.64 -7.71 6.59
C LYS B 122 53.66 -8.13 5.49
N LYS B 123 54.19 -8.70 4.40
CA LYS B 123 53.34 -9.18 3.31
C LYS B 123 52.78 -10.56 3.61
N PHE B 124 51.54 -10.80 3.17
CA PHE B 124 50.89 -12.11 3.17
C PHE B 124 50.27 -12.32 1.79
N ALA B 125 51.02 -12.91 0.86
CA ALA B 125 50.49 -13.29 -0.44
C ALA B 125 50.04 -14.74 -0.46
N ARG B 126 49.00 -15.00 -1.26
CA ARG B 126 48.47 -16.35 -1.43
C ARG B 126 47.84 -16.44 -2.82
N PRO B 127 47.66 -17.65 -3.35
CA PRO B 127 46.98 -17.81 -4.63
C PRO B 127 45.50 -17.42 -4.60
N ASP B 128 45.04 -16.86 -5.70
CA ASP B 128 43.64 -16.51 -5.88
C ASP B 128 42.81 -17.77 -6.18
N LEU B 129 41.58 -17.81 -5.65
CA LEU B 129 40.70 -18.93 -5.93
C LEU B 129 40.38 -19.10 -7.41
N GLU B 130 40.33 -18.02 -8.17
CA GLU B 130 40.12 -18.15 -9.61
C GLU B 130 41.21 -19.00 -10.25
N TRP B 131 42.45 -18.86 -9.78
CA TRP B 131 43.56 -19.64 -10.30
C TRP B 131 43.52 -21.09 -9.80
N ILE B 132 43.26 -21.29 -8.51
CA ILE B 132 43.20 -22.64 -7.95
C ILE B 132 42.16 -23.49 -8.67
N ILE B 133 40.97 -22.93 -8.89
CA ILE B 133 39.88 -23.72 -9.45
C ILE B 133 40.06 -24.00 -10.94
N LYS B 134 40.81 -23.15 -11.65
CA LYS B 134 41.23 -23.50 -13.00
C LYS B 134 42.02 -24.80 -13.03
N ILE B 135 42.94 -24.97 -12.08
CA ILE B 135 43.73 -26.21 -12.01
C ILE B 135 42.87 -27.40 -11.62
N VAL B 136 41.98 -27.22 -10.65
CA VAL B 136 41.10 -28.32 -10.23
C VAL B 136 40.29 -28.85 -11.40
N LYS B 137 39.66 -27.96 -12.16
CA LYS B 137 38.89 -28.39 -13.33
C LYS B 137 39.76 -29.13 -14.35
N GLU B 138 40.92 -28.57 -14.67
CA GLU B 138 41.83 -29.20 -15.62
C GLU B 138 42.20 -30.62 -15.20
N LEU B 139 42.57 -30.81 -13.94
CA LEU B 139 42.95 -32.15 -13.47
C LEU B 139 41.79 -33.13 -13.56
N GLU B 140 40.65 -32.79 -12.97
CA GLU B 140 39.54 -33.72 -12.90
C GLU B 140 38.88 -33.94 -14.25
N ASP B 141 39.04 -33.01 -15.18
CA ASP B 141 38.62 -33.24 -16.56
C ASP B 141 39.44 -34.32 -17.25
N ASN B 142 40.63 -34.65 -16.74
CA ASN B 142 41.49 -35.67 -17.33
C ASN B 142 41.59 -36.94 -16.52
N HIS B 143 41.75 -36.85 -15.20
CA HIS B 143 42.21 -37.96 -14.37
C HIS B 143 41.10 -38.54 -13.50
N TYR B 144 39.85 -38.20 -13.78
CA TYR B 144 38.74 -38.54 -12.89
C TYR B 144 38.73 -40.00 -12.46
N LYS B 145 39.26 -40.91 -13.27
CA LYS B 145 39.34 -42.31 -12.84
C LYS B 145 40.11 -42.50 -11.54
N ASN B 146 40.94 -41.54 -11.15
CA ASN B 146 41.66 -41.63 -9.87
C ASN B 146 40.89 -41.03 -8.71
N LEU B 147 39.87 -40.22 -8.98
CA LEU B 147 39.24 -39.36 -7.99
C LEU B 147 38.10 -40.07 -7.25
N THR B 148 37.72 -39.48 -6.11
CA THR B 148 36.58 -39.88 -5.31
C THR B 148 35.53 -38.79 -5.33
N PHE B 149 34.25 -39.16 -5.44
CA PHE B 149 33.16 -38.21 -5.62
C PHE B 149 32.09 -38.30 -4.54
N LYS B 150 31.51 -37.14 -4.22
CA LYS B 150 30.37 -37.01 -3.33
C LYS B 150 29.21 -36.32 -4.04
N ILE B 151 27.99 -36.58 -3.57
CA ILE B 151 26.83 -35.81 -4.00
C ILE B 151 26.91 -34.37 -3.49
N ASN B 152 26.50 -33.43 -4.34
CA ASN B 152 26.38 -32.02 -3.97
C ASN B 152 25.31 -31.83 -2.90
N ASP B 153 25.68 -31.27 -1.75
CA ASP B 153 24.77 -31.14 -0.62
C ASP B 153 23.64 -30.14 -0.82
N SER B 154 23.62 -29.37 -1.90
CA SER B 154 22.49 -28.49 -2.20
C SER B 154 21.36 -29.18 -2.94
N ILE B 155 21.52 -30.45 -3.33
CA ILE B 155 20.57 -31.10 -4.22
C ILE B 155 19.18 -31.18 -3.61
N PHE B 156 18.18 -31.02 -4.47
CA PHE B 156 16.76 -31.16 -4.14
C PHE B 156 16.12 -32.05 -5.19
N ILE B 157 15.29 -32.98 -4.74
CA ILE B 157 14.62 -33.92 -5.63
C ILE B 157 13.13 -33.69 -5.53
N LYS B 158 12.50 -33.38 -6.66
CA LYS B 158 11.14 -32.85 -6.70
C LYS B 158 10.39 -33.61 -7.79
N GLY B 159 9.62 -34.60 -7.40
CA GLY B 159 9.02 -35.51 -8.36
C GLY B 159 10.08 -36.25 -9.16
N GLU B 160 9.99 -36.13 -10.48
CA GLU B 160 10.93 -36.74 -11.40
C GLU B 160 12.13 -35.85 -11.75
N ARG B 161 12.29 -34.71 -11.09
CA ARG B 161 13.35 -33.75 -11.39
C ARG B 161 14.31 -33.65 -10.21
N ALA B 162 15.56 -33.33 -10.50
CA ALA B 162 16.53 -32.95 -9.48
C ALA B 162 17.12 -31.58 -9.79
N LEU B 163 17.41 -30.80 -8.74
CA LEU B 163 17.72 -29.39 -8.88
C LEU B 163 18.90 -29.01 -8.00
N LEU B 164 19.58 -27.93 -8.39
CA LEU B 164 20.61 -27.28 -7.60
C LEU B 164 20.23 -25.81 -7.44
N ILE B 165 20.76 -25.17 -6.40
CA ILE B 165 20.35 -23.81 -6.07
C ILE B 165 20.90 -22.74 -7.02
N HIS B 166 21.83 -23.05 -7.90
CA HIS B 166 22.14 -22.12 -8.98
C HIS B 166 22.56 -22.88 -10.23
N SER B 167 22.51 -22.17 -11.36
CA SER B 167 22.69 -22.79 -12.66
C SER B 167 24.12 -23.26 -12.89
N THR B 168 24.26 -24.51 -13.31
CA THR B 168 25.55 -25.12 -13.65
C THR B 168 25.49 -25.65 -15.07
N ASP B 169 26.62 -25.58 -15.76
CA ASP B 169 26.67 -25.81 -17.21
C ASP B 169 25.58 -25.01 -17.91
N LYS B 170 25.44 -23.75 -17.50
CA LYS B 170 24.25 -22.95 -17.74
C LYS B 170 24.12 -22.57 -19.21
N GLU B 171 22.90 -22.17 -19.59
CA GLU B 171 22.58 -21.83 -20.96
C GLU B 171 21.62 -20.66 -20.98
N ASP B 172 21.86 -19.71 -21.89
CA ASP B 172 21.01 -18.53 -22.01
C ASP B 172 19.58 -18.90 -22.40
N ASN B 173 19.40 -19.93 -23.22
CA ASN B 173 18.06 -20.40 -23.54
C ASN B 173 17.39 -21.15 -22.39
N ASN B 174 18.13 -21.53 -21.36
CA ASN B 174 17.60 -22.33 -20.26
C ASN B 174 17.38 -21.54 -18.99
N ARG B 175 18.26 -20.58 -18.69
CA ARG B 175 18.13 -19.80 -17.47
C ARG B 175 16.85 -18.97 -17.41
N ILE B 176 16.09 -18.89 -18.51
CA ILE B 176 14.77 -18.27 -18.46
C ILE B 176 13.77 -19.05 -17.62
N GLY B 177 14.07 -20.29 -17.27
CA GLY B 177 13.20 -21.06 -16.41
C GLY B 177 13.95 -21.94 -15.43
N GLU B 178 13.25 -22.90 -14.83
CA GLU B 178 13.90 -23.89 -13.98
C GLU B 178 14.82 -24.77 -14.81
N ILE B 179 15.99 -25.07 -14.27
CA ILE B 179 16.96 -26.00 -14.86
C ILE B 179 17.10 -27.21 -13.95
N SER B 180 16.96 -28.40 -14.53
CA SER B 180 17.00 -29.64 -13.75
C SER B 180 17.43 -30.79 -14.64
N ILE B 181 17.96 -31.83 -14.00
CA ILE B 181 18.18 -33.12 -14.63
C ILE B 181 17.00 -34.03 -14.30
N ARG B 182 16.85 -35.11 -15.07
CA ARG B 182 15.85 -36.12 -14.76
C ARG B 182 16.39 -37.12 -13.75
N ALA B 183 15.58 -37.40 -12.72
CA ALA B 183 15.94 -38.36 -11.66
C ALA B 183 15.68 -39.80 -12.10
N THR B 184 16.42 -40.24 -13.10
CA THR B 184 16.26 -41.60 -13.59
C THR B 184 16.69 -42.60 -12.51
N LYS B 185 16.16 -43.82 -12.61
CA LYS B 185 16.52 -44.87 -11.65
C LYS B 185 18.01 -45.04 -11.44
N PRO B 186 18.85 -45.09 -12.47
CA PRO B 186 20.30 -45.14 -12.21
C PRO B 186 20.84 -43.91 -11.50
N PHE B 187 20.21 -42.74 -11.67
CA PHE B 187 20.57 -41.60 -10.84
C PHE B 187 20.21 -41.82 -9.38
N MET B 188 19.03 -42.35 -9.11
CA MET B 188 18.65 -42.62 -7.72
C MET B 188 19.54 -43.67 -7.07
N ARG B 189 20.04 -44.65 -7.84
CA ARG B 189 21.04 -45.56 -7.30
C ARG B 189 22.36 -44.87 -7.00
N THR B 190 22.83 -44.02 -7.91
CA THR B 190 24.03 -43.23 -7.67
C THR B 190 23.90 -42.40 -6.40
N TYR B 191 22.76 -41.74 -6.21
CA TYR B 191 22.53 -40.92 -5.04
C TYR B 191 22.71 -41.69 -3.73
N ASP B 192 22.41 -42.98 -3.72
CA ASP B 192 22.66 -43.80 -2.53
C ASP B 192 24.12 -44.24 -2.39
N LEU B 193 24.80 -44.51 -3.50
CA LEU B 193 26.18 -44.97 -3.42
C LEU B 193 27.15 -43.85 -3.08
N ALA B 194 26.99 -42.69 -3.70
CA ALA B 194 27.86 -41.55 -3.48
C ALA B 194 27.51 -40.77 -2.23
N LYS B 195 26.64 -41.31 -1.38
CA LYS B 195 26.18 -40.61 -0.19
C LYS B 195 27.34 -40.06 0.62
N ASP B 196 28.37 -40.87 0.86
CA ASP B 196 29.51 -40.47 1.69
C ASP B 196 30.83 -40.74 0.99
N GLY B 197 30.86 -40.68 -0.34
CA GLY B 197 32.10 -40.80 -1.09
C GLY B 197 32.33 -42.19 -1.64
N ILE B 198 32.60 -42.27 -2.94
CA ILE B 198 32.88 -43.53 -3.61
C ILE B 198 33.97 -43.32 -4.66
N GLU B 199 34.83 -44.32 -4.83
CA GLU B 199 35.80 -44.31 -5.92
C GLU B 199 35.12 -44.48 -7.26
N TYR B 200 35.62 -43.77 -8.27
CA TYR B 200 34.96 -43.75 -9.58
C TYR B 200 34.81 -45.14 -10.17
N ASN B 201 35.88 -45.94 -10.16
CA ASN B 201 35.80 -47.29 -10.71
C ASN B 201 34.86 -48.18 -9.91
N LYS B 202 34.83 -48.01 -8.59
CA LYS B 202 33.91 -48.78 -7.76
C LYS B 202 32.46 -48.48 -8.11
N LEU B 203 32.12 -47.21 -8.27
CA LEU B 203 30.79 -46.81 -8.71
C LEU B 203 30.45 -47.35 -10.09
N LYS B 204 31.36 -47.17 -11.06
CA LYS B 204 31.08 -47.54 -12.44
C LYS B 204 30.68 -49.00 -12.58
N TYR B 205 31.45 -49.93 -11.99
CA TYR B 205 31.16 -51.34 -12.18
C TYR B 205 29.83 -51.76 -11.58
N ILE B 206 29.41 -51.16 -10.45
CA ILE B 206 28.11 -51.51 -9.90
C ILE B 206 26.99 -51.15 -10.85
N LEU B 207 27.06 -49.97 -11.48
CA LEU B 207 26.03 -49.59 -12.43
C LEU B 207 26.05 -50.45 -13.69
N ILE B 208 27.24 -50.73 -14.23
CA ILE B 208 27.34 -51.61 -15.39
C ILE B 208 26.81 -53.01 -15.07
N ASP B 209 27.05 -53.48 -13.86
CA ASP B 209 26.46 -54.74 -13.40
C ASP B 209 24.94 -54.65 -13.35
N GLU B 210 24.39 -53.82 -12.46
CA GLU B 210 22.98 -53.91 -12.13
C GLU B 210 22.09 -53.48 -13.28
N TYR B 211 22.61 -52.79 -14.29
CA TYR B 211 21.84 -52.45 -15.47
C TYR B 211 22.37 -53.09 -16.75
N SER B 212 23.37 -53.97 -16.64
CA SER B 212 23.86 -54.77 -17.76
C SER B 212 24.47 -53.93 -18.87
N ILE B 213 23.66 -53.07 -19.50
CA ILE B 213 24.09 -52.03 -20.44
C ILE B 213 24.85 -52.59 -21.64
N GLU B 214 25.76 -53.55 -21.42
CA GLU B 214 26.76 -53.93 -22.43
C GLU B 214 27.68 -52.81 -22.89
N ASP B 215 27.14 -51.64 -23.22
CA ASP B 215 27.95 -50.55 -23.76
C ASP B 215 28.55 -49.76 -22.59
N GLU B 216 29.81 -50.08 -22.26
CA GLU B 216 30.53 -49.36 -21.21
C GLU B 216 30.53 -47.86 -21.41
N SER B 217 30.56 -47.39 -22.67
CA SER B 217 30.60 -45.96 -22.92
C SER B 217 29.33 -45.24 -22.50
N LYS B 218 28.20 -45.94 -22.40
CA LYS B 218 26.97 -45.30 -21.95
C LYS B 218 27.07 -44.82 -20.51
N ILE B 219 27.69 -45.61 -19.64
CA ILE B 219 27.84 -45.20 -18.24
C ILE B 219 28.93 -44.14 -18.08
N ASP B 220 30.03 -44.24 -18.83
CA ASP B 220 31.02 -43.16 -18.79
C ASP B 220 30.42 -41.84 -19.23
N ASN B 221 29.61 -41.84 -20.30
CA ASN B 221 28.95 -40.62 -20.74
C ASN B 221 27.97 -40.10 -19.71
N PHE B 222 27.24 -41.01 -19.05
CA PHE B 222 26.31 -40.60 -18.01
C PHE B 222 27.01 -39.90 -16.84
N LEU B 223 28.02 -40.56 -16.27
CA LEU B 223 28.74 -39.98 -15.14
C LEU B 223 29.46 -38.68 -15.49
N LYS B 224 29.98 -38.57 -16.71
CA LYS B 224 30.59 -37.32 -17.13
C LYS B 224 29.58 -36.16 -17.09
N GLN B 225 28.34 -36.41 -17.48
CA GLN B 225 27.32 -35.37 -17.39
C GLN B 225 27.12 -34.90 -15.95
N LEU B 226 27.01 -35.83 -15.01
CA LEU B 226 26.85 -35.46 -13.61
C LEU B 226 28.04 -34.66 -13.07
N ILE B 227 29.25 -35.05 -13.44
CA ILE B 227 30.43 -34.35 -12.95
C ILE B 227 30.52 -32.96 -13.57
N GLU B 228 30.31 -32.86 -14.88
CA GLU B 228 30.39 -31.58 -15.57
C GLU B 228 29.33 -30.60 -15.06
N ARG B 229 28.16 -31.09 -14.67
CA ARG B 229 27.10 -30.26 -14.12
C ARG B 229 27.17 -30.13 -12.61
N GLU B 230 28.23 -30.62 -11.98
CA GLU B 230 28.50 -30.42 -10.55
C GLU B 230 27.45 -31.06 -9.64
N PHE B 231 26.71 -32.06 -10.13
CA PHE B 231 25.97 -32.92 -9.21
C PHE B 231 26.91 -33.81 -8.40
N LEU B 232 28.04 -34.20 -8.96
CA LEU B 232 29.12 -34.86 -8.22
C LEU B 232 30.30 -33.91 -8.02
N ILE B 233 30.84 -33.90 -6.80
CA ILE B 233 31.98 -33.06 -6.42
C ILE B 233 33.16 -33.99 -6.12
N SER B 234 34.32 -33.70 -6.72
CA SER B 234 35.50 -34.51 -6.46
C SER B 234 36.22 -34.08 -5.19
N ASN B 235 37.09 -34.96 -4.69
CA ASN B 235 37.92 -34.68 -3.53
C ASN B 235 38.94 -33.56 -3.75
N LEU B 236 39.28 -33.23 -5.00
CA LEU B 236 40.33 -32.24 -5.22
C LEU B 236 39.91 -30.82 -4.83
N ARG B 237 38.63 -30.51 -4.89
CA ARG B 237 38.18 -29.16 -4.65
C ARG B 237 38.34 -28.78 -3.18
N PRO B 238 39.15 -27.77 -2.85
CA PRO B 238 39.45 -27.49 -1.44
C PRO B 238 38.28 -26.86 -0.71
N PRO B 239 38.18 -27.06 0.61
CA PRO B 239 37.20 -26.32 1.41
C PRO B 239 37.57 -24.86 1.57
N LEU B 240 36.54 -24.01 1.66
CA LEU B 240 36.73 -22.61 2.02
C LEU B 240 37.02 -22.43 3.51
N THR B 241 36.74 -23.43 4.34
CA THR B 241 36.85 -23.32 5.79
C THR B 241 38.13 -23.92 6.36
N VAL B 242 39.10 -24.26 5.52
CA VAL B 242 40.42 -24.64 6.00
C VAL B 242 41.35 -23.43 5.92
N LEU B 243 42.47 -23.54 6.64
CA LEU B 243 43.40 -22.42 6.77
C LEU B 243 44.21 -22.16 5.50
N ASP B 244 44.43 -23.18 4.66
CA ASP B 244 45.27 -22.99 3.47
C ASP B 244 44.74 -23.89 2.37
N GLN B 245 44.06 -23.28 1.40
CA GLN B 245 43.50 -24.03 0.27
C GLN B 245 44.57 -24.60 -0.64
N PHE B 246 45.72 -23.92 -0.78
CA PHE B 246 46.75 -24.39 -1.71
C PHE B 246 47.50 -25.59 -1.16
N ASP B 247 47.83 -25.59 0.12
CA ASP B 247 48.45 -26.75 0.74
C ASP B 247 47.54 -27.99 0.69
N TYR B 248 46.23 -27.80 0.87
CA TYR B 248 45.27 -28.89 0.72
C TYR B 248 45.33 -29.52 -0.66
N LEU B 249 45.30 -28.71 -1.72
CA LEU B 249 45.33 -29.25 -3.08
C LEU B 249 46.57 -30.09 -3.36
N ILE B 250 47.75 -29.63 -2.94
CA ILE B 250 48.97 -30.41 -3.13
C ILE B 250 48.90 -31.74 -2.39
N ASN B 251 48.37 -31.73 -1.16
CA ASN B 251 48.21 -32.97 -0.42
C ASN B 251 47.30 -33.94 -1.15
N GLU B 252 46.21 -33.43 -1.73
CA GLU B 252 45.27 -34.32 -2.40
C GLU B 252 45.87 -34.91 -3.67
N VAL B 253 46.53 -34.10 -4.49
CA VAL B 253 47.18 -34.64 -5.69
C VAL B 253 48.29 -35.62 -5.32
N LYS B 254 48.90 -35.46 -4.14
CA LYS B 254 49.85 -36.47 -3.68
C LYS B 254 49.19 -37.78 -3.28
N LYS B 255 47.96 -37.74 -2.77
CA LYS B 255 47.24 -38.98 -2.51
C LYS B 255 46.84 -39.71 -3.79
N ALA B 256 46.42 -38.97 -4.82
CA ALA B 256 46.01 -39.61 -6.06
C ALA B 256 47.18 -40.12 -6.88
N GLU B 257 48.37 -39.55 -6.69
CA GLU B 257 49.56 -39.94 -7.44
C GLU B 257 49.34 -39.75 -8.94
N ILE B 258 48.96 -38.52 -9.30
CA ILE B 258 48.64 -38.15 -10.68
C ILE B 258 49.52 -36.98 -11.09
N GLU B 259 49.78 -36.89 -12.40
CA GLU B 259 50.37 -35.70 -13.02
C GLU B 259 51.66 -35.28 -12.29
N ILE B 260 52.57 -36.23 -12.16
CA ILE B 260 53.75 -36.09 -11.29
C ILE B 260 54.60 -34.89 -11.71
N PRO B 261 54.70 -34.55 -13.01
CA PRO B 261 55.39 -33.30 -13.36
C PRO B 261 54.76 -32.05 -12.78
N LEU B 262 53.43 -32.00 -12.71
CA LEU B 262 52.75 -30.83 -12.12
C LEU B 262 53.01 -30.72 -10.63
N VAL B 263 53.12 -31.85 -9.93
CA VAL B 263 53.36 -31.81 -8.49
C VAL B 263 54.67 -31.10 -8.18
N ASP B 264 55.70 -31.30 -9.00
CA ASP B 264 56.97 -30.60 -8.77
C ASP B 264 56.84 -29.11 -9.07
N GLU B 265 56.12 -28.75 -10.14
CA GLU B 265 55.95 -27.34 -10.49
C GLU B 265 55.20 -26.58 -9.40
N LEU B 266 54.16 -27.18 -8.84
CA LEU B 266 53.45 -26.58 -7.72
C LEU B 266 54.32 -26.45 -6.48
N THR B 267 55.16 -27.44 -6.19
CA THR B 267 56.08 -27.32 -5.06
C THR B 267 57.07 -26.17 -5.26
N GLU B 268 57.54 -25.97 -6.49
CA GLU B 268 58.45 -24.86 -6.74
C GLU B 268 57.74 -23.52 -6.65
N ILE B 269 56.48 -23.44 -7.11
CA ILE B 269 55.71 -22.22 -6.92
C ILE B 269 55.51 -21.94 -5.43
N LYS B 270 55.22 -22.96 -4.65
CA LYS B 270 55.10 -22.78 -3.21
C LYS B 270 56.38 -22.25 -2.58
N GLU B 271 57.53 -22.71 -3.05
CA GLU B 271 58.80 -22.22 -2.49
C GLU B 271 59.11 -20.78 -2.93
N LYS B 272 58.86 -20.47 -4.20
CA LYS B 272 58.98 -19.09 -4.65
C LYS B 272 58.09 -18.16 -3.85
N LEU B 273 56.84 -18.57 -3.64
CA LEU B 273 55.88 -17.77 -2.88
C LEU B 273 56.36 -17.57 -1.45
N LYS B 274 56.92 -18.60 -0.83
CA LYS B 274 57.48 -18.43 0.51
C LYS B 274 58.62 -17.41 0.52
N LEU B 275 59.48 -17.46 -0.49
CA LEU B 275 60.56 -16.46 -0.56
C LEU B 275 60.02 -15.04 -0.71
N TYR B 276 59.04 -14.84 -1.60
CA TYR B 276 58.47 -13.51 -1.80
C TYR B 276 57.93 -12.90 -0.52
N ASN B 277 57.25 -13.69 0.32
CA ASN B 277 56.67 -13.14 1.54
C ASN B 277 57.69 -12.60 2.51
N GLU B 278 58.97 -12.96 2.39
CA GLU B 278 59.99 -12.38 3.27
C GLU B 278 60.54 -11.04 2.80
N THR B 279 60.33 -10.67 1.54
CA THR B 279 60.89 -9.41 1.04
C THR B 279 60.15 -8.22 1.63
N PRO B 280 60.85 -7.18 2.07
CA PRO B 280 60.16 -6.00 2.61
C PRO B 280 59.43 -5.25 1.51
N VAL B 281 58.52 -4.37 1.94
CA VAL B 281 57.70 -3.60 1.00
C VAL B 281 58.59 -2.65 0.21
N GLY B 282 58.39 -2.63 -1.11
CA GLY B 282 59.22 -1.89 -2.05
C GLY B 282 60.35 -2.69 -2.68
N ALA B 283 60.83 -3.74 -2.01
CA ALA B 283 61.90 -4.58 -2.54
C ALA B 283 61.39 -5.71 -3.44
N GLY B 284 60.08 -5.97 -3.48
CA GLY B 284 59.55 -7.16 -4.09
C GLY B 284 59.23 -7.12 -5.57
N GLU B 285 59.43 -5.99 -6.25
CA GLU B 285 58.88 -5.83 -7.60
C GLU B 285 59.33 -6.92 -8.55
N GLU B 286 60.65 -7.14 -8.67
CA GLU B 286 61.14 -8.14 -9.61
C GLU B 286 60.77 -9.55 -9.19
N THR B 287 60.77 -9.81 -7.88
CA THR B 287 60.41 -11.14 -7.39
C THR B 287 58.95 -11.47 -7.68
N TYR B 288 58.07 -10.48 -7.59
CA TYR B 288 56.67 -10.67 -7.96
C TYR B 288 56.51 -11.07 -9.43
N LEU B 289 57.27 -10.44 -10.32
CA LEU B 289 57.11 -10.73 -11.75
C LEU B 289 57.61 -12.13 -12.14
N GLU B 290 58.66 -12.62 -11.50
CA GLU B 290 59.08 -14.01 -11.73
C GLU B 290 58.00 -15.00 -11.31
N LEU B 291 57.48 -14.83 -10.09
CA LEU B 291 56.43 -15.71 -9.60
C LEU B 291 55.18 -15.60 -10.45
N TYR B 292 54.80 -14.37 -10.81
CA TYR B 292 53.61 -14.16 -11.62
C TYR B 292 53.74 -14.82 -12.99
N LYS B 293 54.93 -14.73 -13.60
CA LYS B 293 55.16 -15.41 -14.87
C LYS B 293 55.11 -16.93 -14.74
N LYS B 294 55.69 -17.48 -13.67
CA LYS B 294 55.64 -18.94 -13.49
C LYS B 294 54.21 -19.44 -13.27
N MET B 295 53.44 -18.74 -12.44
CA MET B 295 52.06 -19.13 -12.23
C MET B 295 51.23 -18.93 -13.50
N GLU B 296 51.46 -17.87 -14.26
CA GLU B 296 50.74 -17.72 -15.53
C GLU B 296 51.11 -18.82 -16.51
N SER B 297 52.33 -19.35 -16.42
CA SER B 297 52.71 -20.47 -17.26
C SER B 297 52.01 -21.75 -16.82
N VAL B 298 51.62 -21.86 -15.54
CA VAL B 298 50.87 -23.04 -15.11
C VAL B 298 49.39 -22.92 -15.45
N ALA B 299 48.77 -21.77 -15.17
CA ALA B 299 47.35 -21.56 -15.49
C ALA B 299 47.13 -20.09 -15.81
N ASN B 300 46.63 -19.81 -17.00
CA ASN B 300 46.46 -18.44 -17.49
C ASN B 300 45.10 -17.89 -17.08
N VAL B 301 45.07 -17.16 -15.97
CA VAL B 301 43.87 -16.47 -15.49
C VAL B 301 44.25 -15.04 -15.11
N LYS B 302 43.23 -14.19 -14.99
CA LYS B 302 43.48 -12.76 -14.86
C LYS B 302 44.02 -12.37 -13.49
N ASN B 303 43.65 -13.07 -12.41
CA ASN B 303 43.95 -12.61 -11.06
C ASN B 303 45.21 -13.24 -10.46
N ILE B 304 45.24 -14.57 -10.38
CA ILE B 304 46.43 -15.30 -9.93
C ILE B 304 46.81 -15.07 -8.47
N LEU B 305 47.12 -13.84 -8.07
CA LEU B 305 47.60 -13.59 -6.71
C LEU B 305 46.74 -12.60 -5.94
N GLN B 306 46.51 -12.91 -4.67
CA GLN B 306 45.90 -12.04 -3.68
C GLN B 306 46.93 -11.67 -2.63
N VAL B 307 46.96 -10.39 -2.21
CA VAL B 307 47.95 -9.93 -1.25
C VAL B 307 47.29 -9.11 -0.14
N ASP B 308 47.75 -9.32 1.09
CA ASP B 308 47.37 -8.55 2.27
C ASP B 308 48.65 -8.17 3.01
N MET B 309 48.56 -7.18 3.91
CA MET B 309 49.70 -6.87 4.77
C MET B 309 49.28 -6.57 6.20
N LYS B 310 50.20 -6.84 7.12
CA LYS B 310 50.04 -6.69 8.56
C LYS B 310 50.87 -5.52 9.08
N LEU B 311 50.27 -4.66 9.90
CA LEU B 311 50.96 -3.43 10.32
C LEU B 311 52.20 -3.73 11.16
N ASN B 312 52.12 -4.73 12.04
CA ASN B 312 53.24 -5.08 12.91
C ASN B 312 53.58 -3.97 13.91
N LEU B 313 52.55 -3.48 14.61
CA LEU B 313 52.71 -2.43 15.61
C LEU B 313 53.53 -2.90 16.82
N ARG B 314 54.27 -1.96 17.41
CA ARG B 314 55.03 -2.23 18.62
C ARG B 314 54.15 -2.21 19.86
N ASP B 315 53.39 -1.14 20.05
CA ASP B 315 52.39 -1.01 21.10
C ASP B 315 51.00 -0.96 20.48
N LYS B 316 50.04 -1.59 21.14
CA LYS B 316 48.68 -1.67 20.62
C LYS B 316 47.66 -1.84 21.74
N LYS B 317 47.59 -0.84 22.61
CA LYS B 317 46.73 -0.85 23.79
C LYS B 317 45.80 0.37 23.74
N ILE B 318 44.54 0.18 24.12
CA ILE B 318 43.61 1.28 24.33
C ILE B 318 43.01 1.21 25.71
N ASN B 319 42.70 2.39 26.26
CA ASN B 319 42.02 2.50 27.54
C ASN B 319 40.62 1.92 27.46
N LYS B 320 40.35 0.89 28.27
CA LYS B 320 39.06 0.21 28.26
C LYS B 320 37.88 1.14 28.56
N LYS B 321 38.14 2.36 29.01
CA LYS B 321 37.11 3.39 29.09
C LYS B 321 36.25 3.47 27.83
N ILE B 322 36.82 3.16 26.66
CA ILE B 322 36.07 3.12 25.41
C ILE B 322 34.82 2.24 25.49
N ILE B 323 34.85 1.18 26.29
CA ILE B 323 33.70 0.28 26.38
C ILE B 323 32.55 0.90 27.15
N SER B 324 32.83 1.73 28.15
CA SER B 324 31.76 2.43 28.85
C SER B 324 31.07 3.47 27.98
N ASP B 325 31.82 4.12 27.09
CA ASP B 325 31.22 5.06 26.15
C ASP B 325 30.28 4.38 25.17
N VAL B 326 30.75 3.31 24.52
CA VAL B 326 29.94 2.62 23.54
C VAL B 326 28.66 2.04 24.14
N ASN B 327 28.70 1.63 25.41
CA ASN B 327 27.48 1.17 26.07
C ASN B 327 26.45 2.28 26.26
N ASP B 328 26.88 3.53 26.38
CA ASP B 328 25.93 4.64 26.43
C ASP B 328 25.22 4.84 25.10
N LEU B 329 25.96 4.81 23.99
CA LEU B 329 25.38 4.95 22.67
C LEU B 329 24.32 3.88 22.39
N MET B 330 24.62 2.62 22.69
CA MET B 330 23.66 1.55 22.43
C MET B 330 22.35 1.71 23.21
N ASN B 331 22.40 2.26 24.42
CA ASN B 331 21.16 2.47 25.16
C ASN B 331 20.21 3.43 24.46
N ILE B 332 20.70 4.60 24.05
CA ILE B 332 19.82 5.56 23.41
C ILE B 332 19.34 5.06 22.04
N LEU B 333 20.20 4.39 21.28
CA LEU B 333 19.78 3.87 19.98
C LEU B 333 18.74 2.76 20.11
N LEU B 334 18.89 1.88 21.09
CA LEU B 334 17.89 0.84 21.29
C LEU B 334 16.60 1.40 21.88
N ASP B 335 16.68 2.46 22.67
CA ASP B 335 15.46 3.14 23.10
C ASP B 335 14.72 3.75 21.92
N LEU B 336 15.43 4.47 21.05
CA LEU B 336 14.79 5.05 19.88
C LEU B 336 14.22 3.99 18.94
N SER B 337 14.84 2.81 18.88
CA SER B 337 14.33 1.77 17.98
C SER B 337 12.90 1.34 18.29
N MET B 338 12.40 1.59 19.49
CA MET B 338 11.04 1.21 19.83
C MET B 338 9.97 2.09 19.21
N SER B 339 10.34 3.20 18.57
CA SER B 339 9.37 4.04 17.88
C SER B 339 8.88 3.48 16.55
N ILE B 340 9.57 2.50 15.97
CA ILE B 340 9.17 1.90 14.69
C ILE B 340 8.45 0.60 14.99
N GLU B 341 7.20 0.51 14.55
CA GLU B 341 6.31 -0.60 14.89
C GLU B 341 6.44 -1.79 13.94
N ASN B 342 6.84 -1.57 12.69
CA ASN B 342 6.92 -2.62 11.68
C ASN B 342 8.25 -2.52 10.93
N PRO B 343 9.37 -2.78 11.60
CA PRO B 343 10.68 -2.54 10.97
C PRO B 343 11.03 -3.49 9.82
N GLU B 344 10.35 -4.62 9.67
CA GLU B 344 10.62 -5.58 8.59
C GLU B 344 9.34 -5.94 7.86
N PRO B 345 8.82 -5.03 7.05
CA PRO B 345 7.46 -5.24 6.51
C PRO B 345 7.32 -6.45 5.59
N PHE B 346 8.32 -6.74 4.77
CA PHE B 346 8.22 -7.89 3.87
C PHE B 346 8.27 -9.23 4.61
N LEU B 347 9.15 -9.37 5.60
CA LEU B 347 9.17 -10.61 6.37
C LEU B 347 7.94 -10.75 7.24
N SER B 348 7.41 -9.65 7.75
CA SER B 348 6.17 -9.69 8.54
C SER B 348 4.98 -10.14 7.71
N LYS B 349 4.86 -9.66 6.47
CA LYS B 349 3.83 -10.17 5.57
C LYS B 349 3.99 -11.66 5.29
N TYR B 350 5.24 -12.13 5.16
CA TYR B 350 5.49 -13.53 4.86
C TYR B 350 5.02 -14.46 5.98
N LYS B 351 5.12 -14.03 7.25
CA LYS B 351 4.56 -14.81 8.34
C LYS B 351 3.06 -15.03 8.18
N GLN B 352 2.33 -14.02 7.70
CA GLN B 352 0.90 -14.18 7.49
C GLN B 352 0.59 -15.20 6.40
N GLU B 353 1.35 -15.19 5.32
CA GLU B 353 1.18 -16.20 4.28
C GLU B 353 1.47 -17.60 4.80
N PHE B 354 2.53 -17.75 5.61
CA PHE B 354 2.87 -19.05 6.19
C PHE B 354 1.77 -19.57 7.11
N ILE B 355 1.25 -18.71 7.98
CA ILE B 355 0.20 -19.16 8.90
C ILE B 355 -1.07 -19.52 8.14
N GLU B 356 -1.45 -18.72 7.15
CA GLU B 356 -2.67 -19.00 6.41
C GLU B 356 -2.57 -20.30 5.61
N LYS B 357 -1.37 -20.67 5.16
CA LYS B 357 -1.18 -21.94 4.46
C LYS B 357 -1.02 -23.13 5.39
N TYR B 358 -0.18 -23.00 6.42
CA TYR B 358 0.31 -24.16 7.17
C TYR B 358 -0.17 -24.21 8.62
N GLY B 359 -0.76 -23.16 9.15
CA GLY B 359 -1.10 -23.11 10.55
C GLY B 359 0.10 -23.02 11.47
N GLN B 360 -0.17 -23.25 12.75
CA GLN B 360 0.81 -23.13 13.81
C GLN B 360 1.54 -24.43 14.16
N ASP B 361 1.08 -25.58 13.66
CA ASP B 361 1.45 -26.88 14.23
C ASP B 361 2.33 -27.72 13.32
N ARG B 362 2.79 -27.20 12.19
CA ARG B 362 3.57 -27.97 11.24
C ARG B 362 4.97 -27.39 11.07
N GLU B 363 5.92 -28.27 10.75
CA GLU B 363 7.23 -27.89 10.24
C GLU B 363 7.36 -28.29 8.77
N ILE B 364 7.85 -27.36 7.95
CA ILE B 364 7.87 -27.50 6.49
C ILE B 364 9.31 -27.52 6.03
N SER B 365 9.61 -28.35 5.05
CA SER B 365 10.93 -28.36 4.42
C SER B 365 11.27 -26.98 3.85
N LEU B 366 12.47 -26.49 4.16
CA LEU B 366 12.91 -25.19 3.66
C LEU B 366 12.82 -25.09 2.13
N LEU B 367 13.24 -26.13 1.41
CA LEU B 367 13.26 -26.06 -0.05
C LEU B 367 11.89 -26.25 -0.69
N GLU B 368 11.01 -27.01 -0.04
CA GLU B 368 9.61 -27.03 -0.47
C GLU B 368 8.93 -25.69 -0.24
N MET B 369 9.12 -25.10 0.94
CA MET B 369 8.43 -23.86 1.29
C MET B 369 8.75 -22.74 0.30
N LEU B 370 10.04 -22.55 -0.02
CA LEU B 370 10.45 -21.50 -0.93
C LEU B 370 10.14 -21.77 -2.40
N ASP B 371 9.66 -22.95 -2.75
CA ASP B 371 9.37 -23.26 -4.15
C ASP B 371 8.11 -22.54 -4.61
N ASN B 372 8.13 -22.02 -5.84
CA ASN B 372 6.98 -21.30 -6.37
C ASN B 372 5.79 -22.21 -6.61
N ASP B 373 6.01 -23.49 -6.92
CA ASP B 373 4.93 -24.36 -7.36
C ASP B 373 4.40 -25.28 -6.27
N ILE B 374 5.28 -25.81 -5.42
CA ILE B 374 4.86 -26.69 -4.34
C ILE B 374 4.85 -25.97 -2.99
N GLY B 375 5.37 -24.75 -2.92
CA GLY B 375 5.40 -23.98 -1.69
C GLY B 375 4.55 -22.73 -1.76
N ILE B 376 4.92 -21.70 -1.01
CA ILE B 376 4.30 -20.39 -1.07
C ILE B 376 5.19 -19.36 -1.75
N GLY B 377 6.33 -19.79 -2.29
CA GLY B 377 7.35 -18.90 -2.80
C GLY B 377 8.14 -18.16 -1.74
N PRO B 378 9.09 -17.34 -2.18
CA PRO B 378 9.86 -16.51 -1.25
C PRO B 378 9.12 -15.24 -0.86
N PRO B 379 9.66 -14.49 0.09
CA PRO B 379 9.17 -13.14 0.34
C PRO B 379 9.23 -12.27 -0.91
N MET B 380 8.36 -11.26 -0.96
CA MET B 380 8.14 -10.51 -2.18
C MET B 380 9.30 -9.58 -2.56
N ASN B 381 10.29 -9.38 -1.70
CA ASN B 381 11.46 -8.58 -2.05
C ASN B 381 12.69 -9.41 -2.45
N TYR B 382 12.59 -10.74 -2.49
CA TYR B 382 13.70 -11.57 -2.91
C TYR B 382 13.79 -11.60 -4.44
N GLU B 383 14.97 -11.31 -4.97
CA GLU B 383 15.16 -11.11 -6.40
C GLU B 383 15.67 -12.35 -7.12
N ARG B 384 16.46 -13.18 -6.47
CA ARG B 384 16.71 -14.51 -7.00
C ARG B 384 15.40 -15.28 -7.04
N PRO B 385 15.19 -16.13 -8.05
CA PRO B 385 13.83 -16.62 -8.36
C PRO B 385 12.72 -15.77 -7.75
N ARG B 386 12.39 -14.65 -8.38
CA ARG B 386 11.36 -13.77 -7.85
C ARG B 386 10.08 -14.56 -7.65
N ASN B 387 9.27 -14.12 -6.69
CA ASN B 387 7.95 -14.71 -6.49
C ASN B 387 7.07 -14.36 -7.69
N ASN B 388 6.55 -15.38 -8.36
CA ASN B 388 5.78 -15.19 -9.58
C ASN B 388 4.32 -14.84 -9.34
N ARG B 389 3.89 -14.68 -8.09
CA ARG B 389 2.51 -14.35 -7.74
C ARG B 389 2.32 -12.84 -7.76
N SER B 390 1.10 -12.42 -8.09
CA SER B 390 0.72 -11.00 -8.16
C SER B 390 0.40 -10.38 -6.81
N LEU B 391 1.13 -10.74 -5.75
CA LEU B 391 0.81 -10.27 -4.41
C LEU B 391 1.05 -8.76 -4.24
N ASP B 392 0.37 -8.20 -3.25
CA ASP B 392 0.51 -6.78 -2.89
C ASP B 392 1.89 -6.48 -2.31
N VAL B 393 2.61 -5.57 -2.98
CA VAL B 393 3.96 -5.18 -2.56
C VAL B 393 4.00 -3.96 -1.64
N SER B 394 2.86 -3.36 -1.29
CA SER B 394 2.86 -2.18 -0.43
C SER B 394 3.35 -2.50 0.98
N VAL B 395 3.95 -1.49 1.62
CA VAL B 395 4.54 -1.64 2.95
C VAL B 395 4.46 -0.30 3.67
N ASN B 396 4.41 -0.36 4.99
CA ASN B 396 4.54 0.83 5.83
C ASN B 396 5.14 0.45 7.17
N GLU B 397 6.21 1.14 7.57
CA GLU B 397 6.89 0.85 8.83
C GLU B 397 6.23 1.46 10.06
N LEU B 398 5.28 2.40 9.89
CA LEU B 398 4.52 2.98 10.99
C LEU B 398 5.44 3.61 12.04
N LEU B 399 6.04 4.74 11.66
CA LEU B 399 6.77 5.56 12.61
C LEU B 399 5.79 6.32 13.52
N ASP B 400 6.16 6.44 14.79
CA ASP B 400 5.38 7.25 15.74
C ASP B 400 5.41 8.73 15.37
N ASN B 401 4.22 9.33 15.27
CA ASN B 401 4.10 10.73 14.87
C ASN B 401 4.74 11.71 15.86
N ASN B 402 4.85 11.35 17.13
CA ASN B 402 5.59 12.20 18.06
C ASN B 402 7.07 12.24 17.78
N VAL B 403 7.64 11.13 17.31
CA VAL B 403 9.06 11.08 17.00
C VAL B 403 9.35 11.76 15.67
N ARG B 404 8.45 11.64 14.71
CA ARG B 404 8.56 12.44 13.49
C ARG B 404 8.54 13.94 13.77
N ASP B 405 7.67 14.40 14.67
CA ASP B 405 7.66 15.81 15.07
C ASP B 405 8.97 16.23 15.70
N TYR B 406 9.45 15.47 16.69
CA TYR B 406 10.67 15.82 17.41
C TYR B 406 11.86 16.09 16.49
N PHE B 407 12.10 15.19 15.54
CA PHE B 407 13.20 15.39 14.60
C PHE B 407 12.96 16.54 13.62
N MET B 408 11.71 16.85 13.31
CA MET B 408 11.47 17.97 12.41
C MET B 408 11.64 19.30 13.12
N GLU B 409 11.28 19.39 14.39
CA GLU B 409 11.60 20.58 15.17
C GLU B 409 13.10 20.74 15.35
N LYS B 410 13.82 19.62 15.52
CA LYS B 410 15.28 19.70 15.58
C LYS B 410 15.86 20.28 14.30
N TYR B 411 15.38 19.81 13.14
CA TYR B 411 15.87 20.32 11.86
C TYR B 411 15.55 21.79 11.66
N PHE B 412 14.31 22.19 11.93
CA PHE B 412 13.93 23.60 11.81
C PHE B 412 14.79 24.49 12.70
N GLN B 413 14.97 24.11 13.97
CA GLN B 413 15.80 24.91 14.85
C GLN B 413 17.25 24.98 14.37
N ALA B 414 17.77 23.89 13.79
CA ALA B 414 19.13 23.92 13.29
C ALA B 414 19.28 24.91 12.14
N LEU B 415 18.35 24.89 11.19
CA LEU B 415 18.44 25.85 10.09
C LEU B 415 18.28 27.28 10.61
N LYS B 416 17.27 27.53 11.45
CA LYS B 416 17.05 28.90 11.91
C LYS B 416 18.25 29.46 12.65
N THR B 417 18.88 28.67 13.52
CA THR B 417 20.05 29.16 14.24
C THR B 417 21.36 28.97 13.49
N ASN B 418 21.33 28.41 12.29
CA ASN B 418 22.54 28.21 11.49
C ASN B 418 23.56 27.36 12.24
N SER B 419 23.11 26.22 12.74
CA SER B 419 23.97 25.26 13.43
C SER B 419 24.35 24.18 12.43
N ARG B 420 25.61 23.77 12.46
CA ARG B 420 26.06 22.67 11.63
C ARG B 420 25.74 21.29 12.18
N ASN B 421 25.18 21.16 13.40
CA ASN B 421 24.91 19.86 13.97
C ASN B 421 23.58 19.84 14.73
N ILE B 422 23.00 18.64 14.81
CA ILE B 422 21.86 18.33 15.67
C ILE B 422 22.33 17.41 16.78
N ALA B 423 21.95 17.70 18.01
CA ALA B 423 22.27 16.84 19.15
C ALA B 423 21.02 16.27 19.79
N ILE B 424 20.99 14.95 19.97
CA ILE B 424 19.98 14.26 20.77
C ILE B 424 20.46 14.12 22.21
N ARG B 425 19.52 14.01 23.14
CA ARG B 425 19.83 13.97 24.56
C ARG B 425 18.92 12.99 25.27
N ASP B 426 19.46 12.39 26.34
CA ASP B 426 18.74 11.33 27.07
C ASP B 426 17.40 11.79 27.61
N ASP B 427 17.37 12.97 28.23
CA ASP B 427 16.13 13.44 28.85
C ASP B 427 15.10 13.92 27.83
N GLU B 428 15.53 14.43 26.68
CA GLU B 428 14.61 14.69 25.60
C GLU B 428 13.93 13.41 25.11
N ILE B 429 14.70 12.34 24.97
CA ILE B 429 14.12 11.06 24.56
C ILE B 429 13.22 10.48 25.64
N LYS B 430 13.57 10.67 26.90
CA LYS B 430 12.72 10.18 28.00
C LYS B 430 11.33 10.82 27.98
N ASN B 431 11.25 12.11 27.67
CA ASN B 431 9.95 12.77 27.55
C ASN B 431 9.09 12.27 26.38
N LEU B 432 9.64 11.44 25.49
CA LEU B 432 8.82 10.91 24.40
C LEU B 432 7.89 9.79 24.83
N GLU B 433 8.00 9.28 26.06
CA GLU B 433 7.06 8.29 26.58
C GLU B 433 7.09 6.97 25.80
N LEU B 434 8.26 6.62 25.25
CA LEU B 434 8.37 5.42 24.44
C LEU B 434 8.31 4.13 25.28
N GLN B 435 7.74 3.08 24.69
CA GLN B 435 7.72 1.75 25.27
C GLN B 435 9.13 1.18 25.42
N LYS B 436 9.42 0.57 26.57
CA LYS B 436 10.72 -0.02 26.84
C LYS B 436 10.95 -1.33 26.07
N ILE B 437 12.20 -1.53 25.64
CA ILE B 437 12.63 -2.71 24.91
C ILE B 437 12.68 -3.93 25.81
N ASP B 438 12.15 -5.06 25.34
CA ASP B 438 12.28 -6.33 26.04
C ASP B 438 13.59 -7.04 25.74
N TYR B 439 14.12 -7.72 26.77
CA TYR B 439 15.44 -8.36 26.71
C TYR B 439 15.58 -9.35 25.56
N GLU B 440 14.53 -10.08 25.22
CA GLU B 440 14.61 -11.03 24.13
C GLU B 440 14.78 -10.39 22.75
N ASN B 441 14.50 -9.10 22.61
CA ASN B 441 14.70 -8.37 21.36
C ASN B 441 16.08 -7.76 21.20
N ILE B 442 16.89 -7.74 22.25
CA ILE B 442 18.23 -7.15 22.17
C ILE B 442 19.16 -8.08 21.41
N PRO B 443 19.89 -7.59 20.41
CA PRO B 443 20.77 -8.47 19.63
C PRO B 443 21.95 -8.99 20.44
N ASP B 444 22.34 -10.23 20.15
CA ASP B 444 23.25 -10.97 21.01
C ASP B 444 24.72 -10.61 20.84
N SER B 445 25.12 -10.07 19.69
CA SER B 445 26.45 -9.50 19.55
C SER B 445 26.45 -8.53 18.38
N LEU B 446 27.48 -7.69 18.31
CA LEU B 446 27.60 -6.71 17.24
C LEU B 446 29.05 -6.25 17.12
N GLU B 447 29.36 -5.60 16.00
CA GLU B 447 30.60 -4.88 15.78
C GLU B 447 30.32 -3.43 15.39
N ILE B 448 31.11 -2.50 15.95
CA ILE B 448 31.05 -1.10 15.58
C ILE B 448 32.42 -0.62 15.11
N ASN B 449 32.42 0.18 14.04
CA ASN B 449 33.63 0.78 13.48
C ASN B 449 33.77 2.22 13.95
N LEU B 450 34.93 2.57 14.51
CA LEU B 450 35.16 3.89 15.06
C LEU B 450 36.47 4.48 14.55
N LEU B 451 36.41 5.70 14.04
CA LEU B 451 37.58 6.56 13.95
C LEU B 451 37.77 7.30 15.27
N VAL B 452 38.99 7.27 15.79
CA VAL B 452 39.29 7.84 17.11
C VAL B 452 40.30 8.97 16.92
N LYS B 453 39.97 10.14 17.46
CA LYS B 453 40.86 11.29 17.48
C LYS B 453 40.96 11.78 18.91
N ASN B 454 42.15 12.22 19.31
CA ASN B 454 42.35 12.82 20.62
C ASN B 454 41.87 14.26 20.64
N LYS B 455 41.05 14.59 21.64
CA LYS B 455 40.36 15.88 21.66
C LYS B 455 41.26 17.03 22.13
N SER B 456 42.23 16.76 23.00
CA SER B 456 43.18 17.79 23.40
C SER B 456 44.43 17.15 23.99
N GLU B 457 45.57 17.35 23.36
CA GLU B 457 46.86 17.03 23.97
C GLU B 457 47.17 17.93 25.17
N ASP B 458 46.66 19.16 25.17
CA ASP B 458 46.97 20.11 26.23
C ASP B 458 46.30 19.81 27.55
N ASN B 459 45.29 18.92 27.57
CA ASN B 459 44.73 18.46 28.83
C ASN B 459 45.43 17.21 29.37
N LEU B 460 46.33 16.60 28.61
CA LEU B 460 47.07 15.43 29.05
C LEU B 460 46.12 14.34 29.55
N SER B 461 45.08 14.08 28.77
CA SER B 461 44.07 13.11 29.15
C SER B 461 43.53 12.43 27.91
N ASP B 462 43.00 11.23 28.11
CA ASP B 462 42.25 10.52 27.06
C ASP B 462 40.87 11.13 26.85
N GLU B 463 40.82 12.39 26.45
CA GLU B 463 39.59 12.99 25.94
C GLU B 463 39.48 12.65 24.45
N PHE B 464 38.59 11.74 24.11
CA PHE B 464 38.48 11.20 22.76
C PHE B 464 37.19 11.63 22.09
N GLN B 465 37.29 11.91 20.80
CA GLN B 465 36.17 12.21 19.92
C GLN B 465 35.99 11.04 18.97
N TYR B 466 34.78 10.50 18.87
CA TYR B 466 34.50 9.33 18.05
C TYR B 466 33.68 9.73 16.82
N TYR B 467 34.04 9.15 15.68
CA TYR B 467 33.22 9.20 14.48
C TYR B 467 32.91 7.79 14.04
N ILE B 468 31.64 7.48 13.81
CA ILE B 468 31.27 6.17 13.28
C ILE B 468 31.68 6.08 11.82
N GLY B 469 32.36 5.00 11.47
CA GLY B 469 32.91 4.84 10.14
C GLY B 469 31.84 4.74 9.07
N PRO B 470 32.25 4.91 7.82
CA PRO B 470 31.28 4.97 6.73
C PRO B 470 30.46 3.70 6.54
N ASN B 471 30.97 2.53 6.92
CA ASN B 471 30.23 1.28 6.83
C ASN B 471 29.53 0.89 8.13
N LEU B 472 29.62 1.70 9.17
CA LEU B 472 28.91 1.46 10.43
C LEU B 472 29.40 0.26 11.24
N GLY B 473 29.35 -0.94 10.68
CA GLY B 473 29.65 -2.11 11.50
C GLY B 473 29.11 -3.38 10.86
N SER B 474 28.71 -4.32 11.73
CA SER B 474 28.08 -5.55 11.27
C SER B 474 27.12 -6.08 12.32
N THR B 475 26.25 -6.99 11.88
CA THR B 475 25.22 -7.58 12.73
C THR B 475 25.69 -8.72 13.61
N SER B 476 26.97 -9.11 13.55
CA SER B 476 27.45 -10.16 14.43
C SER B 476 28.95 -10.02 14.66
N ALA B 477 29.38 -10.26 15.88
CA ALA B 477 30.81 -10.33 16.18
C ALA B 477 31.46 -11.49 15.46
N GLY B 478 32.57 -11.21 14.77
CA GLY B 478 33.32 -12.20 14.03
C GLY B 478 33.28 -12.05 12.53
N LYS B 479 32.29 -11.35 11.99
CA LYS B 479 32.17 -11.23 10.54
C LYS B 479 33.31 -10.42 9.94
N SER B 480 33.68 -9.31 10.58
CA SER B 480 34.79 -8.51 10.09
C SER B 480 36.14 -9.19 10.23
N PHE B 481 36.29 -10.12 11.18
CA PHE B 481 37.58 -10.73 11.46
C PHE B 481 37.89 -11.95 10.61
N GLY B 482 36.88 -12.65 10.10
CA GLY B 482 37.12 -13.93 9.47
C GLY B 482 38.04 -13.86 8.27
N ARG B 483 37.93 -12.78 7.49
CA ARG B 483 38.80 -12.61 6.33
C ARG B 483 40.29 -12.60 6.64
N PHE B 484 40.68 -12.34 7.89
CA PHE B 484 42.09 -12.24 8.27
C PHE B 484 42.55 -13.41 9.14
N SER B 485 41.82 -14.52 9.13
CA SER B 485 42.16 -15.65 9.99
C SER B 485 43.56 -16.18 9.76
N HIS B 486 44.11 -16.02 8.55
CA HIS B 486 45.47 -16.50 8.29
C HIS B 486 46.55 -15.55 8.82
N MET B 487 46.20 -14.31 9.15
CA MET B 487 47.14 -13.36 9.71
C MET B 487 47.14 -13.34 11.24
N MET B 488 46.06 -13.77 11.88
CA MET B 488 46.02 -13.86 13.33
C MET B 488 46.98 -14.93 13.85
N SER B 489 47.59 -14.66 15.00
CA SER B 489 48.52 -15.60 15.61
C SER B 489 47.82 -16.86 16.11
N GLU B 490 46.62 -16.74 16.66
CA GLU B 490 45.91 -17.86 17.30
C GLU B 490 44.43 -17.79 16.97
N PRO B 491 44.08 -17.97 15.70
CA PRO B 491 42.68 -17.76 15.28
C PRO B 491 41.67 -18.67 15.96
N LYS B 492 42.03 -19.92 16.27
CA LYS B 492 41.10 -20.83 16.93
C LYS B 492 40.66 -20.33 18.29
N LYS B 493 41.57 -19.72 19.05
CA LYS B 493 41.21 -19.22 20.38
C LYS B 493 40.24 -18.05 20.31
N PHE B 494 40.31 -17.24 19.24
CA PHE B 494 39.36 -16.16 19.06
C PHE B 494 37.94 -16.67 18.81
N PHE B 495 37.78 -17.58 17.85
CA PHE B 495 36.47 -18.09 17.51
C PHE B 495 35.89 -19.07 18.54
N GLU B 496 36.73 -19.79 19.27
CA GLU B 496 36.23 -20.59 20.38
C GLU B 496 35.53 -19.75 21.44
N GLU B 497 36.06 -18.56 21.72
CA GLU B 497 35.40 -17.67 22.68
C GLU B 497 34.01 -17.25 22.21
N LEU B 498 33.90 -16.84 20.94
CA LEU B 498 32.61 -16.46 20.40
C LEU B 498 31.62 -17.62 20.42
N ASP B 499 32.08 -18.81 20.07
CA ASP B 499 31.19 -19.98 20.10
C ASP B 499 30.73 -20.29 21.52
N GLU B 500 31.64 -20.20 22.49
CA GLU B 500 31.28 -20.43 23.89
C GLU B 500 30.24 -19.43 24.37
N ARG B 501 30.45 -18.14 24.11
CA ARG B 501 29.49 -17.13 24.53
C ARG B 501 28.14 -17.26 23.83
N ASN B 502 28.13 -17.71 22.58
CA ASN B 502 26.86 -17.99 21.91
C ASN B 502 26.12 -19.14 22.59
N ILE B 503 26.82 -20.23 22.87
CA ILE B 503 26.17 -21.35 23.54
C ILE B 503 25.70 -20.94 24.94
N GLU B 504 26.46 -20.09 25.61
CA GLU B 504 26.07 -19.62 26.93
C GLU B 504 24.79 -18.80 26.91
N LEU B 505 24.53 -18.06 25.83
CA LEU B 505 23.33 -17.23 25.82
C LEU B 505 22.04 -17.96 25.48
N ILE B 506 22.09 -19.17 24.94
CA ILE B 506 20.90 -19.83 24.40
C ILE B 506 20.53 -21.06 25.23
N ASP B 507 19.31 -21.54 25.00
CA ASP B 507 18.77 -22.71 25.70
C ASP B 507 19.65 -23.94 25.53
N SER B 508 20.06 -24.53 26.65
CA SER B 508 20.89 -25.73 26.62
C SER B 508 20.16 -26.93 26.02
N GLU B 509 20.93 -27.82 25.43
CA GLU B 509 20.47 -29.09 24.88
C GLU B 509 19.52 -29.00 23.69
N GLU B 510 18.82 -27.88 23.51
CA GLU B 510 17.93 -27.77 22.36
C GLU B 510 18.65 -27.35 21.09
N TYR B 511 19.77 -26.63 21.21
CA TYR B 511 20.43 -25.97 20.09
C TYR B 511 21.81 -26.54 19.84
N VAL B 512 22.22 -26.50 18.57
CA VAL B 512 23.60 -26.72 18.15
C VAL B 512 24.00 -25.64 17.16
N THR B 513 25.29 -25.28 17.17
CA THR B 513 25.84 -24.29 16.25
C THR B 513 26.22 -24.93 14.91
N CYS B 514 25.85 -24.25 13.82
CA CYS B 514 26.16 -24.72 12.47
C CYS B 514 26.68 -23.58 11.60
N GLU B 515 27.75 -23.83 10.85
CA GLU B 515 28.33 -22.88 9.91
C GLU B 515 27.81 -23.13 8.49
N ILE B 516 27.45 -22.04 7.80
CA ILE B 516 27.09 -22.09 6.38
C ILE B 516 28.26 -21.64 5.52
N SER B 517 28.58 -22.44 4.51
CA SER B 517 29.70 -22.21 3.60
C SER B 517 29.24 -22.43 2.17
N TYR B 518 29.64 -21.55 1.25
CA TYR B 518 29.05 -21.55 -0.09
C TYR B 518 30.04 -20.99 -1.09
N LEU B 519 30.27 -21.74 -2.18
CA LEU B 519 31.13 -21.31 -3.28
C LEU B 519 30.30 -20.86 -4.48
N PRO B 520 30.25 -19.57 -4.81
CA PRO B 520 29.45 -19.14 -5.96
C PRO B 520 30.02 -19.56 -7.29
N SER B 521 29.20 -19.40 -8.33
CA SER B 521 29.60 -19.73 -9.69
C SER B 521 30.74 -18.83 -10.18
N GLU B 522 30.63 -17.53 -9.95
CA GLU B 522 31.73 -16.59 -10.19
C GLU B 522 32.61 -16.55 -8.95
N VAL B 523 33.73 -17.28 -8.99
CA VAL B 523 34.53 -17.53 -7.80
C VAL B 523 35.35 -16.34 -7.33
N ARG B 524 35.51 -15.29 -8.14
CA ARG B 524 36.17 -14.09 -7.64
C ARG B 524 35.52 -13.58 -6.36
N ASN B 525 34.20 -13.68 -6.27
CA ASN B 525 33.47 -13.21 -5.10
C ASN B 525 33.81 -13.98 -3.83
N ALA B 526 34.35 -15.19 -3.95
CA ALA B 526 34.61 -16.02 -2.78
C ALA B 526 35.94 -15.72 -2.09
N ASN B 527 36.80 -14.90 -2.68
CA ASN B 527 38.10 -14.63 -2.08
C ASN B 527 38.02 -13.96 -0.71
N VAL B 528 36.89 -13.31 -0.38
CA VAL B 528 36.68 -12.80 0.96
C VAL B 528 35.88 -13.76 1.85
N THR B 529 35.45 -14.88 1.31
CA THR B 529 34.57 -15.82 2.00
C THR B 529 35.30 -17.04 2.55
N ARG B 530 36.63 -17.07 2.47
CA ARG B 530 37.39 -18.16 3.10
C ARG B 530 37.93 -17.71 4.46
N ASN B 531 37.58 -18.49 5.48
CA ASN B 531 37.74 -18.14 6.89
C ASN B 531 37.73 -19.41 7.72
N ILE B 532 38.25 -19.30 8.94
CA ILE B 532 38.11 -20.34 9.97
C ILE B 532 36.80 -20.15 10.74
N HIS B 533 36.37 -21.21 11.43
CA HIS B 533 35.24 -21.14 12.36
C HIS B 533 35.38 -22.23 13.42
N SER B 534 34.56 -22.13 14.48
CA SER B 534 34.52 -23.16 15.53
C SER B 534 33.13 -23.69 15.82
N SER B 535 32.13 -23.42 14.98
CA SER B 535 30.84 -24.09 15.10
C SER B 535 30.98 -25.61 15.02
N GLU B 536 30.08 -26.30 15.71
CA GLU B 536 30.16 -27.75 15.83
C GLU B 536 29.84 -28.47 14.53
N TYR B 537 28.86 -27.98 13.77
CA TYR B 537 28.47 -28.54 12.49
C TYR B 537 28.82 -27.60 11.35
N GLU B 538 28.85 -28.15 10.14
CA GLU B 538 29.09 -27.37 8.94
C GLU B 538 28.17 -27.82 7.82
N MET B 539 27.66 -26.86 7.05
CA MET B 539 26.98 -27.12 5.79
C MET B 539 27.76 -26.45 4.66
N SER B 540 28.37 -27.26 3.80
CA SER B 540 29.25 -26.79 2.74
C SER B 540 28.64 -27.09 1.37
N LEU B 541 28.37 -26.04 0.60
CA LEU B 541 27.62 -26.16 -0.64
C LEU B 541 28.55 -25.92 -1.82
N PHE B 542 28.52 -26.82 -2.80
CA PHE B 542 29.42 -26.85 -3.95
C PHE B 542 30.89 -27.00 -3.59
N THR B 543 31.20 -27.45 -2.38
CA THR B 543 32.59 -27.65 -1.97
C THR B 543 32.66 -28.83 -1.02
N ASN B 544 33.86 -29.37 -0.86
CA ASN B 544 34.16 -30.25 0.26
C ASN B 544 34.11 -29.48 1.58
N GLY B 545 33.64 -30.18 2.62
CA GLY B 545 33.66 -29.63 3.96
C GLY B 545 34.92 -29.97 4.74
N SER B 546 35.20 -29.13 5.74
CA SER B 546 36.28 -29.41 6.69
C SER B 546 35.90 -30.46 7.71
N LYS B 547 34.61 -30.64 7.98
CA LYS B 547 34.13 -31.57 8.98
C LYS B 547 34.10 -33.01 8.48
N ASP B 548 34.28 -33.94 9.39
CA ASP B 548 33.97 -35.35 9.17
C ASP B 548 32.48 -35.56 8.96
N ASN B 549 32.15 -36.67 8.27
CA ASN B 549 30.78 -36.94 7.86
C ASN B 549 29.80 -37.03 9.02
N LEU B 550 30.29 -37.21 10.24
CA LEU B 550 29.40 -37.19 11.41
C LEU B 550 28.81 -35.81 11.65
N TYR B 551 29.50 -34.75 11.23
CA TYR B 551 29.08 -33.38 11.48
C TYR B 551 28.69 -32.63 10.21
N ARG B 552 28.31 -33.36 9.16
CA ARG B 552 27.91 -32.79 7.89
C ARG B 552 26.39 -32.64 7.81
N ILE B 553 25.93 -31.46 7.38
CA ILE B 553 24.51 -31.12 7.29
C ILE B 553 24.14 -30.87 5.83
N LYS B 554 22.88 -31.16 5.50
CA LYS B 554 22.38 -31.09 4.12
C LYS B 554 21.15 -30.19 4.08
N LEU B 555 20.96 -29.47 2.96
CA LEU B 555 19.84 -28.54 2.85
C LEU B 555 18.49 -29.24 2.91
N ASN B 556 18.36 -30.41 2.30
CA ASN B 556 17.08 -31.11 2.34
C ASN B 556 16.75 -31.67 3.71
N ASP B 557 17.64 -31.55 4.68
CA ASP B 557 17.37 -31.91 6.06
C ASP B 557 16.85 -30.75 6.93
N ILE B 558 16.81 -29.52 6.42
CA ILE B 558 16.38 -28.36 7.19
C ILE B 558 14.86 -28.17 7.12
N TYR B 559 14.21 -28.12 8.28
CA TYR B 559 12.78 -27.86 8.41
C TYR B 559 12.52 -26.54 9.13
N ILE B 560 11.53 -25.79 8.65
CA ILE B 560 11.20 -24.47 9.18
C ILE B 560 9.88 -24.52 9.94
N GLY B 561 9.85 -23.90 11.12
CA GLY B 561 8.62 -23.75 11.87
C GLY B 561 8.50 -22.37 12.50
N LEU B 562 7.30 -22.04 12.96
CA LEU B 562 7.05 -20.88 13.81
C LEU B 562 6.89 -21.27 15.27
N GLU B 563 7.44 -20.45 16.16
CA GLU B 563 7.13 -20.51 17.57
C GLU B 563 7.15 -19.10 18.16
N ASN B 564 6.15 -18.80 18.98
CA ASN B 564 5.99 -17.45 19.53
C ASN B 564 6.04 -16.38 18.45
N ASN B 565 5.47 -16.69 17.29
CA ASN B 565 5.51 -15.79 16.13
C ASN B 565 6.94 -15.49 15.66
N THR B 566 7.91 -16.36 15.92
CA THR B 566 9.25 -16.19 15.35
C THR B 566 9.72 -17.50 14.72
N PHE B 567 10.41 -17.40 13.59
CA PHE B 567 10.88 -18.57 12.85
C PHE B 567 12.08 -19.21 13.53
N TYR B 568 12.19 -20.53 13.37
CA TYR B 568 13.37 -21.28 13.74
C TYR B 568 13.66 -22.33 12.67
N ALA B 569 14.89 -22.84 12.66
CA ALA B 569 15.30 -23.94 11.80
C ALA B 569 15.69 -25.16 12.64
N LYS B 570 15.30 -26.34 12.17
CA LYS B 570 15.60 -27.60 12.84
C LYS B 570 16.17 -28.61 11.86
N SER B 571 17.17 -29.37 12.31
CA SER B 571 17.62 -30.56 11.59
C SER B 571 16.78 -31.77 11.96
N LYS B 572 16.25 -32.46 10.94
CA LYS B 572 15.46 -33.66 11.18
C LYS B 572 16.29 -34.85 11.66
N THR B 573 17.46 -35.08 11.06
CA THR B 573 18.30 -36.20 11.48
C THR B 573 18.84 -36.00 12.90
N LEU B 574 19.26 -34.80 13.24
CA LEU B 574 19.74 -34.53 14.60
C LEU B 574 18.59 -34.35 15.58
N ASN B 575 17.43 -33.90 15.11
CA ASN B 575 16.35 -33.43 15.98
C ASN B 575 16.84 -32.33 16.91
N LYS B 576 17.60 -31.39 16.37
CA LYS B 576 18.09 -30.22 17.08
C LYS B 576 17.71 -28.96 16.32
N LYS B 577 17.42 -27.90 17.07
CA LYS B 577 17.37 -26.56 16.49
C LYS B 577 18.76 -26.07 16.15
N LEU B 578 18.87 -25.31 15.07
CA LEU B 578 20.15 -24.84 14.56
C LEU B 578 20.35 -23.36 14.87
N LEU B 579 21.47 -23.04 15.50
CA LEU B 579 21.96 -21.68 15.64
C LEU B 579 23.00 -21.42 14.55
N LEU B 580 22.64 -20.60 13.57
CA LEU B 580 23.38 -20.50 12.32
C LEU B 580 24.33 -19.31 12.29
N THR B 581 25.55 -19.54 11.81
CA THR B 581 26.60 -18.52 11.78
C THR B 581 27.18 -18.40 10.37
N ILE B 582 27.66 -17.20 10.05
CA ILE B 582 28.43 -16.95 8.83
C ILE B 582 29.52 -15.94 9.16
N ASN B 583 30.75 -16.41 9.34
CA ASN B 583 31.85 -15.57 9.81
C ASN B 583 32.53 -14.77 8.71
N ASN B 584 31.78 -14.18 7.79
CA ASN B 584 32.37 -13.37 6.74
C ASN B 584 31.34 -12.37 6.26
N MET B 585 31.81 -11.34 5.57
CA MET B 585 30.95 -10.27 5.06
C MET B 585 30.33 -10.59 3.71
N LEU B 586 29.94 -11.84 3.48
CA LEU B 586 29.08 -12.17 2.35
C LEU B 586 27.80 -11.35 2.41
N ASN B 587 27.47 -10.68 1.31
CA ASN B 587 26.26 -9.88 1.21
C ASN B 587 25.06 -10.78 1.00
N PRO B 588 24.12 -10.85 1.96
CA PRO B 588 22.97 -11.75 1.81
C PRO B 588 22.08 -11.43 0.62
N GLN B 589 21.96 -10.16 0.24
CA GLN B 589 20.96 -9.77 -0.74
C GLN B 589 21.26 -10.26 -2.15
N THR B 590 22.48 -10.72 -2.42
CA THR B 590 22.82 -11.29 -3.71
C THR B 590 22.99 -12.79 -3.68
N ALA B 591 22.72 -13.45 -2.57
CA ALA B 591 22.81 -14.89 -2.45
C ALA B 591 21.53 -15.57 -2.91
N PRO B 592 21.57 -16.87 -3.19
CA PRO B 592 20.34 -17.63 -3.42
C PRO B 592 19.34 -17.51 -2.27
N ASN B 593 18.06 -17.74 -2.60
CA ASN B 593 16.98 -17.46 -1.66
C ASN B 593 17.09 -18.27 -0.38
N ALA B 594 17.54 -19.52 -0.47
CA ALA B 594 17.70 -20.33 0.74
C ALA B 594 18.74 -19.76 1.69
N ILE B 595 19.89 -19.33 1.17
CA ILE B 595 20.92 -18.73 2.01
C ILE B 595 20.46 -17.39 2.58
N ARG B 596 19.82 -16.57 1.76
CA ARG B 596 19.28 -15.31 2.25
C ARG B 596 18.24 -15.54 3.35
N PHE B 597 17.37 -16.52 3.17
CA PHE B 597 16.36 -16.80 4.20
C PHE B 597 16.98 -17.30 5.50
N LEU B 598 17.96 -18.20 5.42
CA LEU B 598 18.62 -18.65 6.64
C LEU B 598 19.40 -17.55 7.33
N ASN B 599 19.97 -16.61 6.58
CA ASN B 599 20.49 -15.39 7.20
C ASN B 599 19.40 -14.58 7.89
N ASP B 600 18.31 -14.29 7.18
CA ASP B 600 17.25 -13.44 7.72
C ASP B 600 16.68 -13.98 9.03
N ILE B 601 16.35 -15.27 9.08
CA ILE B 601 15.69 -15.77 10.29
C ILE B 601 16.62 -15.85 11.49
N SER B 602 17.93 -15.89 11.30
CA SER B 602 18.83 -15.81 12.44
C SER B 602 18.75 -14.47 13.16
N LEU B 603 18.18 -13.44 12.52
CA LEU B 603 18.01 -12.11 13.09
C LEU B 603 16.56 -11.78 13.35
N ASP B 604 15.66 -12.75 13.25
CA ASP B 604 14.24 -12.48 13.38
C ASP B 604 13.89 -11.95 14.76
N GLU B 605 13.06 -10.90 14.80
CA GLU B 605 12.62 -10.18 15.99
C GLU B 605 13.72 -9.50 16.77
N LYS B 606 14.96 -9.50 16.29
CA LYS B 606 16.00 -8.67 16.88
C LYS B 606 16.03 -7.29 16.24
N LYS B 607 16.42 -6.28 17.03
CA LYS B 607 16.65 -4.95 16.48
C LYS B 607 17.94 -4.90 15.69
N LEU B 608 17.91 -4.17 14.58
CA LEU B 608 19.11 -3.86 13.81
C LEU B 608 19.65 -2.51 14.29
N TRP B 609 20.82 -2.55 14.94
CA TRP B 609 21.26 -1.39 15.72
C TRP B 609 21.57 -0.17 14.86
N TYR B 610 22.04 -0.35 13.63
CA TYR B 610 22.37 0.77 12.75
C TYR B 610 21.24 1.19 11.81
N LYS B 611 20.02 0.71 12.01
CA LYS B 611 18.84 1.22 11.30
C LYS B 611 18.30 2.45 12.02
N PHE B 612 18.67 3.64 11.57
CA PHE B 612 18.38 4.86 12.31
C PHE B 612 16.99 5.40 12.01
N VAL B 613 16.30 5.85 13.07
CA VAL B 613 14.91 6.27 12.97
C VAL B 613 14.77 7.48 12.05
N TRP B 614 15.64 8.47 12.21
CA TRP B 614 15.53 9.72 11.47
C TRP B 614 15.77 9.55 9.98
N SER B 615 16.27 8.40 9.54
CA SER B 615 16.63 8.22 8.14
C SER B 615 15.45 8.48 7.22
N ASP B 616 14.27 8.01 7.59
CA ASP B 616 13.06 8.25 6.81
C ASP B 616 12.52 9.67 6.94
N VAL B 617 12.72 10.33 8.08
CA VAL B 617 12.26 11.70 8.25
C VAL B 617 12.97 12.66 7.30
N TYR B 618 14.29 12.50 7.14
CA TYR B 618 15.10 13.44 6.37
C TYR B 618 15.39 13.00 4.94
N LYS B 619 14.77 11.93 4.46
CA LYS B 619 15.18 11.38 3.17
C LYS B 619 14.98 12.32 1.99
N ASP B 620 14.17 13.37 2.12
CA ASP B 620 13.89 14.27 1.02
C ASP B 620 14.76 15.53 0.99
N PHE B 621 15.59 15.76 1.99
CA PHE B 621 16.36 17.00 2.07
C PHE B 621 17.68 16.88 1.31
N SER B 622 18.03 17.95 0.59
CA SER B 622 19.34 18.07 -0.04
C SER B 622 20.47 18.41 0.91
N TYR B 623 20.16 18.87 2.12
CA TYR B 623 21.18 19.17 3.12
C TYR B 623 20.72 18.64 4.47
N ILE B 624 21.63 17.98 5.19
CA ILE B 624 21.34 17.50 6.54
C ILE B 624 22.50 17.84 7.46
N PRO B 625 22.25 18.44 8.63
CA PRO B 625 23.31 18.64 9.61
C PRO B 625 23.90 17.33 10.12
N ALA B 626 25.08 17.43 10.71
CA ALA B 626 25.63 16.30 11.45
C ALA B 626 24.75 15.96 12.64
N ILE B 627 24.59 14.67 12.91
CA ILE B 627 23.83 14.16 14.04
C ILE B 627 24.80 13.57 15.04
N LYS B 628 24.70 14.00 16.30
CA LYS B 628 25.69 13.61 17.30
C LYS B 628 25.02 13.34 18.63
N TYR B 629 25.72 12.57 19.47
CA TYR B 629 25.31 12.27 20.83
C TYR B 629 26.54 12.34 21.73
N LYS B 630 26.53 13.23 22.70
CA LYS B 630 27.64 13.41 23.62
C LYS B 630 28.95 13.59 22.87
N ASN B 631 29.81 12.58 22.83
CA ASN B 631 31.07 12.66 22.11
C ASN B 631 31.15 11.69 20.93
N PHE B 632 30.01 11.24 20.42
CA PHE B 632 29.92 10.50 19.16
C PHE B 632 29.31 11.38 18.08
N VAL B 633 29.98 11.50 16.95
CA VAL B 633 29.34 11.91 15.70
C VAL B 633 28.79 10.67 15.02
N ILE B 634 27.48 10.58 14.91
CA ILE B 634 26.83 9.38 14.41
C ILE B 634 26.75 9.37 12.90
N MET B 635 26.27 10.47 12.31
CA MET B 635 26.32 10.69 10.88
C MET B 635 27.05 11.99 10.60
N PRO B 636 27.87 12.05 9.55
CA PRO B 636 28.47 13.33 9.16
C PRO B 636 27.46 14.27 8.51
N GLU B 637 27.86 15.53 8.46
CA GLU B 637 27.16 16.53 7.66
C GLU B 637 27.23 16.18 6.18
N THR B 638 26.12 16.39 5.46
CA THR B 638 26.02 15.85 4.11
C THR B 638 25.24 16.77 3.18
N TRP B 639 25.68 16.80 1.93
CA TRP B 639 25.09 17.56 0.85
C TRP B 639 24.86 16.62 -0.32
N LYS B 640 23.80 16.86 -1.08
CA LYS B 640 23.61 16.12 -2.32
C LYS B 640 23.09 17.05 -3.41
N MET B 641 23.26 16.60 -4.65
CA MET B 641 23.07 17.43 -5.83
C MET B 641 21.93 16.89 -6.69
N ASN B 642 21.18 17.80 -7.30
CA ASN B 642 20.01 17.44 -8.09
C ASN B 642 19.86 18.45 -9.21
N LYS B 643 18.96 18.14 -10.15
CA LYS B 643 18.73 19.00 -11.31
C LYS B 643 18.26 20.40 -10.95
N ILE B 644 17.77 20.63 -9.74
CA ILE B 644 17.35 21.98 -9.36
C ILE B 644 18.54 22.82 -8.93
N ASN B 645 19.40 22.28 -8.07
CA ASN B 645 20.49 23.06 -7.50
C ASN B 645 21.77 23.00 -8.34
N MET B 646 21.94 21.97 -9.18
CA MET B 646 23.01 21.93 -10.15
C MET B 646 22.42 21.63 -11.52
N LYS B 647 22.77 22.45 -12.50
CA LYS B 647 22.19 22.39 -13.85
C LYS B 647 23.26 21.95 -14.85
N ILE B 648 23.41 20.65 -15.02
CA ILE B 648 24.53 20.06 -15.75
C ILE B 648 24.00 19.06 -16.77
N ASN B 649 24.68 18.98 -17.91
CA ASN B 649 24.42 17.96 -18.92
C ASN B 649 25.74 17.32 -19.34
N LYS B 650 25.63 16.17 -20.01
CA LYS B 650 26.81 15.58 -20.64
C LYS B 650 27.41 16.48 -21.72
N LYS B 651 26.61 17.37 -22.30
CA LYS B 651 27.11 18.39 -23.22
C LYS B 651 27.64 19.63 -22.50
N THR B 652 27.57 19.68 -21.18
CA THR B 652 28.18 20.76 -20.42
C THR B 652 29.70 20.64 -20.47
N GLU B 653 30.39 21.70 -20.06
CA GLU B 653 31.84 21.77 -20.20
C GLU B 653 32.43 22.35 -18.92
N PHE B 654 33.70 22.01 -18.70
CA PHE B 654 34.49 22.60 -17.63
C PHE B 654 34.59 24.11 -17.85
N ASN B 655 35.04 24.82 -16.81
CA ASN B 655 34.86 26.26 -16.68
C ASN B 655 33.39 26.67 -16.52
N GLU B 656 32.49 26.08 -17.30
CA GLU B 656 31.07 26.33 -17.10
C GLU B 656 30.56 25.63 -15.85
N PHE B 657 30.94 24.35 -15.68
CA PHE B 657 30.72 23.66 -14.42
C PHE B 657 31.38 24.40 -13.26
N LYS B 658 32.62 24.85 -13.45
CA LYS B 658 33.35 25.50 -12.36
C LYS B 658 32.59 26.70 -11.80
N ASN B 659 32.03 27.53 -12.68
CA ASN B 659 31.24 28.67 -12.23
C ASN B 659 29.97 28.22 -11.51
N GLN B 660 29.26 27.25 -12.10
CA GLN B 660 28.04 26.73 -11.51
C GLN B 660 28.28 26.13 -10.12
N PHE B 661 29.38 25.39 -9.95
CA PHE B 661 29.66 24.76 -8.67
C PHE B 661 30.06 25.74 -7.57
N ASN B 662 30.75 26.83 -7.90
CA ASN B 662 31.09 27.81 -6.87
C ASN B 662 29.85 28.49 -6.30
N ASP B 663 28.81 28.61 -7.10
CA ASP B 663 27.55 29.15 -6.59
C ASP B 663 26.92 28.18 -5.62
N TYR B 664 27.01 26.88 -5.90
CA TYR B 664 26.53 25.88 -4.96
C TYR B 664 27.30 25.94 -3.64
N ARG B 665 28.62 25.99 -3.71
CA ARG B 665 29.42 26.10 -2.50
C ARG B 665 29.03 27.31 -1.66
N ILE B 666 28.75 28.45 -2.30
CA ILE B 666 28.39 29.63 -1.52
C ILE B 666 26.98 29.51 -0.97
N LYS B 667 26.04 29.01 -1.75
CA LYS B 667 24.67 28.88 -1.29
C LYS B 667 24.52 27.93 -0.11
N TYR B 668 25.20 26.79 -0.14
CA TYR B 668 25.02 25.77 0.90
C TYR B 668 26.15 25.69 1.92
N GLY B 669 27.21 26.47 1.79
CA GLY B 669 28.25 26.43 2.79
C GLY B 669 29.14 25.20 2.78
N VAL B 670 29.42 24.64 1.61
CA VAL B 670 30.24 23.42 1.51
C VAL B 670 31.67 23.75 1.91
N PRO B 671 32.28 23.02 2.86
CA PRO B 671 33.64 23.35 3.30
C PRO B 671 34.71 22.92 2.30
N GLN B 672 35.94 23.33 2.60
CA GLN B 672 37.08 23.05 1.73
C GLN B 672 37.33 21.56 1.48
N TYR B 673 37.15 20.72 2.49
CA TYR B 673 37.38 19.28 2.35
C TYR B 673 36.07 18.51 2.49
N VAL B 674 35.83 17.60 1.54
CA VAL B 674 34.70 16.70 1.58
C VAL B 674 35.11 15.35 1.02
N TYR B 675 34.35 14.31 1.35
CA TYR B 675 34.44 13.02 0.69
C TYR B 675 33.38 12.92 -0.39
N ILE B 676 33.80 12.46 -1.57
CA ILE B 676 32.85 12.03 -2.59
C ILE B 676 32.58 10.56 -2.36
N THR B 677 31.33 10.24 -2.03
CA THR B 677 31.02 9.01 -1.29
C THR B 677 30.83 7.86 -2.27
N PHE B 678 31.93 7.47 -2.89
CA PHE B 678 32.00 6.22 -3.63
C PHE B 678 33.42 5.68 -3.43
N ALA B 679 34.19 5.53 -4.51
CA ALA B 679 35.59 5.11 -4.42
C ALA B 679 36.57 6.25 -4.69
N ASP B 680 36.09 7.49 -4.80
CA ASP B 680 36.94 8.65 -5.08
C ASP B 680 37.36 9.41 -3.83
N ASN B 681 36.51 9.43 -2.81
CA ASN B 681 36.82 9.76 -1.41
C ASN B 681 37.38 11.19 -1.32
N ARG B 682 38.40 11.43 -0.49
CA ARG B 682 38.69 12.78 -0.01
C ARG B 682 39.13 13.71 -1.11
N ILE B 683 38.33 14.76 -1.35
CA ILE B 683 38.59 15.78 -2.36
C ILE B 683 38.85 17.16 -1.76
N LEU B 684 39.96 17.78 -2.17
CA LEU B 684 40.30 19.16 -1.83
C LEU B 684 39.74 20.11 -2.88
N LEU B 685 38.71 20.89 -2.51
CA LEU B 685 37.99 21.69 -3.49
C LEU B 685 38.74 22.93 -3.94
N ASN B 686 39.68 23.44 -3.16
CA ASN B 686 40.55 24.54 -3.59
C ASN B 686 41.70 24.09 -4.47
N LEU B 687 41.46 23.13 -5.36
CA LEU B 687 42.51 22.57 -6.21
C LEU B 687 41.84 22.06 -7.47
N ASP B 688 42.29 22.56 -8.63
CA ASP B 688 41.55 22.37 -9.86
C ASP B 688 41.51 20.92 -10.31
N ASP B 689 42.59 20.17 -10.08
CA ASP B 689 42.60 18.75 -10.45
C ASP B 689 41.57 17.97 -9.66
N GLU B 690 41.29 18.39 -8.42
CA GLU B 690 40.28 17.71 -7.62
C GLU B 690 38.88 17.97 -8.15
N GLN B 691 38.61 19.19 -8.60
CA GLN B 691 37.37 19.49 -9.31
C GLN B 691 37.26 18.78 -10.66
N CYS B 692 38.38 18.43 -11.29
CA CYS B 692 38.30 17.59 -12.47
C CYS B 692 37.83 16.18 -12.11
N VAL B 693 38.29 15.64 -10.98
CA VAL B 693 37.71 14.39 -10.50
C VAL B 693 36.22 14.57 -10.22
N LYS B 694 35.87 15.68 -9.58
CA LYS B 694 34.48 15.99 -9.27
C LYS B 694 33.60 15.98 -10.51
N ILE B 695 33.97 16.76 -11.54
CA ILE B 695 33.15 16.88 -12.74
C ILE B 695 33.04 15.57 -13.50
N LEU B 696 34.13 14.80 -13.61
CA LEU B 696 34.03 13.52 -14.30
C LEU B 696 33.06 12.57 -13.62
N TYR B 697 33.08 12.53 -12.29
CA TYR B 697 32.13 11.72 -11.54
C TYR B 697 30.71 12.26 -11.70
N HIS B 698 30.56 13.58 -11.57
CA HIS B 698 29.25 14.21 -11.71
C HIS B 698 28.63 13.90 -13.07
N GLU B 699 29.44 13.89 -14.12
CA GLU B 699 28.93 13.71 -15.47
C GLU B 699 28.68 12.25 -15.82
N CYS B 700 29.48 11.33 -15.28
CA CYS B 700 29.14 9.91 -15.42
C CYS B 700 27.90 9.55 -14.60
N LYS B 701 27.77 10.08 -13.39
CA LYS B 701 26.62 9.88 -12.51
C LYS B 701 25.41 10.74 -12.88
N ASN B 702 25.32 11.22 -14.11
CA ASN B 702 24.13 11.89 -14.64
C ASN B 702 23.72 13.12 -13.81
N SER B 703 24.66 13.70 -13.05
CA SER B 703 24.36 14.81 -12.14
C SER B 703 23.33 14.47 -11.07
N PHE B 704 23.24 13.22 -10.64
CA PHE B 704 22.45 12.94 -9.44
C PHE B 704 22.87 11.66 -8.74
N ASN B 705 23.21 10.63 -9.49
CA ASN B 705 23.24 9.27 -8.97
C ASN B 705 24.38 9.14 -7.95
N GLU B 706 24.01 9.10 -6.66
CA GLU B 706 24.99 8.92 -5.58
C GLU B 706 26.05 10.01 -5.57
N ILE B 707 25.69 11.21 -6.00
CA ILE B 707 26.58 12.39 -5.85
C ILE B 707 26.30 12.96 -4.46
N ILE B 708 26.92 12.34 -3.46
CA ILE B 708 26.75 12.70 -2.05
C ILE B 708 28.09 13.14 -1.50
N LEU B 709 28.13 14.34 -0.91
CA LEU B 709 29.31 14.88 -0.27
C LEU B 709 29.18 14.79 1.25
N ASN B 710 30.24 14.35 1.92
CA ASN B 710 30.31 14.34 3.37
C ASN B 710 31.49 15.17 3.86
N SER B 711 31.31 15.83 4.99
CA SER B 711 32.40 16.59 5.60
C SER B 711 33.50 15.66 6.12
N TYR B 712 34.73 16.18 6.11
CA TYR B 712 35.87 15.53 6.73
C TYR B 712 35.82 15.61 8.26
N GLU B 713 36.51 14.67 8.91
CA GLU B 713 36.65 14.62 10.36
C GLU B 713 37.59 15.69 10.89
N GLU B 714 37.20 16.96 10.80
CA GLU B 714 38.11 18.08 10.84
C GLU B 714 38.45 18.59 12.24
N GLU B 715 38.16 17.84 13.31
CA GLU B 715 38.60 18.27 14.63
C GLU B 715 39.12 17.10 15.46
N GLY B 716 39.94 17.44 16.46
CA GLY B 716 40.83 16.52 17.14
C GLY B 716 42.12 16.26 16.37
N VAL B 717 42.97 15.41 16.95
CA VAL B 717 44.23 15.02 16.34
C VAL B 717 44.38 13.50 16.42
N ASN B 718 45.14 12.95 15.48
CA ASN B 718 45.27 11.51 15.34
C ASN B 718 46.11 10.89 16.46
N ILE B 719 45.69 9.71 16.92
CA ILE B 719 46.31 9.06 18.07
C ILE B 719 47.53 8.20 17.73
N VAL B 720 47.66 7.75 16.48
CA VAL B 720 48.76 6.87 16.09
C VAL B 720 49.89 7.71 15.52
N LYS B 721 51.09 7.55 16.08
CA LYS B 721 52.24 8.35 15.69
C LYS B 721 53.45 7.45 15.47
N GLU B 722 54.25 7.80 14.47
CA GLU B 722 55.58 7.24 14.27
C GLU B 722 56.59 8.38 14.29
N SER B 723 57.45 8.37 15.30
CA SER B 723 58.38 9.49 15.51
C SER B 723 57.61 10.79 15.67
N HIS B 724 57.26 11.43 14.55
CA HIS B 724 56.51 12.68 14.58
C HIS B 724 55.40 12.71 13.53
N LYS B 725 55.14 11.60 12.87
CA LYS B 725 54.22 11.53 11.73
C LYS B 725 52.91 10.90 12.19
N ASP B 726 51.79 11.57 11.92
CA ASP B 726 50.47 11.08 12.31
C ASP B 726 49.90 10.14 11.26
N TYR B 727 49.24 9.08 11.73
CA TYR B 727 48.50 8.14 10.91
C TYR B 727 47.03 8.12 11.32
N ILE B 728 46.15 8.15 10.31
CA ILE B 728 44.71 7.99 10.55
C ILE B 728 44.39 6.53 10.87
N CYS B 729 43.50 6.32 11.84
CA CYS B 729 43.33 5.03 12.50
C CYS B 729 41.86 4.73 12.71
N GLU B 730 41.45 3.49 12.43
CA GLU B 730 40.10 3.03 12.69
C GLU B 730 40.12 1.76 13.55
N LEU B 731 39.21 1.70 14.53
CA LEU B 731 39.02 0.55 15.40
C LEU B 731 37.75 -0.21 15.03
N VAL B 732 37.81 -1.55 15.08
CA VAL B 732 36.63 -2.41 15.08
C VAL B 732 36.50 -3.07 16.44
N ILE B 733 35.40 -2.82 17.13
CA ILE B 733 35.16 -3.27 18.50
C ILE B 733 34.08 -4.33 18.49
N PRO B 734 34.40 -5.60 18.74
CA PRO B 734 33.35 -6.62 18.92
C PRO B 734 32.81 -6.67 20.36
N LEU B 735 31.48 -6.77 20.47
CA LEU B 735 30.80 -6.74 21.75
C LEU B 735 29.81 -7.90 21.86
N THR B 736 29.70 -8.49 23.05
CA THR B 736 28.75 -9.57 23.32
C THR B 736 27.81 -9.23 24.47
N LYS B 737 26.56 -9.65 24.33
CA LYS B 737 25.48 -9.35 25.26
C LYS B 737 25.69 -10.03 26.63
N ILE B 738 25.50 -9.26 27.70
CA ILE B 738 25.54 -9.77 29.06
C ILE B 738 24.25 -10.53 29.38
N LYS B 739 24.40 -11.77 29.85
CA LYS B 739 23.26 -12.64 30.10
C LYS B 739 22.42 -12.18 31.28
N GLN B 740 21.09 -12.20 31.11
CA GLN B 740 20.13 -11.95 32.18
C GLN B 740 19.34 -13.23 32.41
N GLU B 741 19.43 -13.76 33.64
CA GLU B 741 18.66 -14.95 34.00
C GLU B 741 17.16 -14.67 34.03
N SER B 754 5.13 -34.59 12.76
CA SER B 754 4.20 -35.23 11.83
C SER B 754 4.92 -35.74 10.58
N ASP B 755 4.49 -36.91 10.11
CA ASP B 755 5.01 -37.54 8.91
C ASP B 755 4.00 -37.57 7.75
N ILE B 756 2.89 -36.87 7.86
CA ILE B 756 1.93 -36.74 6.76
C ILE B 756 2.42 -35.65 5.81
N SER B 757 2.70 -36.03 4.56
CA SER B 757 3.19 -35.08 3.59
C SER B 757 2.09 -34.13 3.12
N SER B 758 2.53 -33.05 2.46
CA SER B 758 1.62 -31.99 2.03
C SER B 758 0.58 -32.44 1.01
N LEU B 759 0.84 -33.49 0.24
CA LEU B 759 -0.10 -33.98 -0.75
C LEU B 759 -0.54 -35.42 -0.49
N SER B 760 -0.42 -35.87 0.75
CA SER B 760 -1.03 -37.14 1.13
C SER B 760 -2.52 -37.12 0.81
N LYS B 761 -3.05 -38.29 0.42
CA LYS B 761 -4.48 -38.43 0.19
C LYS B 761 -5.30 -38.38 1.47
N GLU B 762 -4.67 -38.44 2.64
CA GLU B 762 -5.37 -38.20 3.89
C GLU B 762 -5.59 -36.72 4.14
N ARG B 763 -4.70 -35.86 3.63
CA ARG B 763 -4.76 -34.42 3.86
C ARG B 763 -5.65 -33.70 2.85
N VAL B 764 -5.44 -33.94 1.55
CA VAL B 764 -6.12 -33.19 0.49
C VAL B 764 -7.12 -34.11 -0.19
N LYS B 765 -8.39 -33.69 -0.21
CA LYS B 765 -9.48 -34.46 -0.81
C LYS B 765 -9.94 -33.75 -2.07
N ASP B 766 -9.81 -34.41 -3.22
CA ASP B 766 -10.34 -33.90 -4.47
C ASP B 766 -11.86 -33.74 -4.41
N PRO B 767 -12.42 -32.87 -5.26
CA PRO B 767 -13.87 -32.78 -5.36
C PRO B 767 -14.55 -34.12 -5.59
N PHE B 768 -15.58 -34.40 -4.78
CA PHE B 768 -16.32 -35.66 -4.71
C PHE B 768 -15.53 -36.83 -4.14
N ASP B 769 -14.26 -36.64 -3.77
CA ASP B 769 -13.51 -37.70 -3.09
C ASP B 769 -13.95 -37.76 -1.62
N GLU B 770 -15.05 -38.48 -1.38
CA GLU B 770 -15.71 -38.60 -0.09
C GLU B 770 -16.27 -37.31 0.50
N TRP B 771 -15.84 -36.14 0.00
CA TRP B 771 -16.37 -34.87 0.46
C TRP B 771 -16.80 -34.03 -0.74
N LEU B 772 -17.92 -33.34 -0.60
CA LEU B 772 -18.32 -32.28 -1.51
C LEU B 772 -18.25 -30.95 -0.77
N TYR B 773 -17.45 -30.02 -1.28
CA TYR B 773 -17.17 -28.74 -0.62
C TYR B 773 -17.60 -27.60 -1.53
N ILE B 774 -18.63 -26.87 -1.10
CA ILE B 774 -19.29 -25.84 -1.90
C ILE B 774 -19.04 -24.48 -1.27
N LYS B 775 -18.65 -23.50 -2.08
CA LYS B 775 -18.60 -22.09 -1.67
C LYS B 775 -19.75 -21.31 -2.29
N LEU B 776 -20.57 -20.68 -1.43
CA LEU B 776 -21.74 -19.92 -1.85
C LEU B 776 -21.46 -18.42 -1.74
N TYR B 777 -21.56 -17.71 -2.85
CA TYR B 777 -21.27 -16.28 -2.90
C TYR B 777 -22.54 -15.43 -2.97
N GLY B 778 -22.40 -14.16 -2.62
CA GLY B 778 -23.50 -13.21 -2.67
C GLY B 778 -24.52 -13.34 -1.56
N ILE B 779 -24.09 -13.73 -0.36
CA ILE B 779 -24.98 -14.17 0.71
C ILE B 779 -25.14 -13.15 1.83
N SER B 780 -24.36 -12.07 1.85
CA SER B 780 -24.17 -11.29 3.07
C SER B 780 -25.44 -10.62 3.58
N SER B 781 -26.36 -10.24 2.70
CA SER B 781 -27.60 -9.63 3.17
C SER B 781 -28.58 -10.60 3.82
N ASN B 782 -28.42 -11.91 3.63
CA ASN B 782 -29.43 -12.88 4.07
C ASN B 782 -28.82 -14.04 4.85
N VAL B 783 -27.63 -13.86 5.41
CA VAL B 783 -26.87 -15.00 5.92
C VAL B 783 -27.68 -15.79 6.93
N ASP B 784 -28.32 -15.10 7.89
CA ASP B 784 -28.99 -15.80 8.98
C ASP B 784 -30.26 -16.51 8.54
N ASP B 785 -31.02 -15.94 7.60
CA ASP B 785 -32.19 -16.65 7.11
C ASP B 785 -31.82 -17.85 6.25
N LEU B 786 -30.76 -17.71 5.44
CA LEU B 786 -30.32 -18.82 4.62
C LEU B 786 -29.86 -20.00 5.47
N ILE B 787 -29.07 -19.73 6.52
CA ILE B 787 -28.64 -20.77 7.44
C ILE B 787 -29.85 -21.36 8.17
N ALA B 788 -30.63 -20.51 8.82
CA ALA B 788 -31.63 -21.03 9.76
C ALA B 788 -32.74 -21.78 9.06
N TYR B 789 -33.07 -21.42 7.82
CA TYR B 789 -34.13 -22.11 7.09
C TYR B 789 -33.63 -23.00 5.96
N TYR B 790 -33.01 -22.43 4.93
CA TYR B 790 -32.76 -23.19 3.71
C TYR B 790 -31.74 -24.30 3.91
N ILE B 791 -30.52 -23.96 4.30
CA ILE B 791 -29.49 -24.98 4.49
C ILE B 791 -29.90 -26.04 5.50
N SER B 792 -30.50 -25.61 6.62
CA SER B 792 -30.96 -26.55 7.63
C SER B 792 -31.89 -27.63 7.07
N GLU B 793 -32.95 -27.23 6.37
CA GLU B 793 -33.92 -28.20 5.88
C GLU B 793 -33.33 -29.18 4.89
N PHE B 794 -32.54 -28.69 3.93
CA PHE B 794 -32.07 -29.56 2.86
C PHE B 794 -31.06 -30.59 3.39
N CYS B 795 -30.05 -30.11 4.12
CA CYS B 795 -29.01 -31.02 4.59
C CYS B 795 -29.56 -31.97 5.65
N ASN B 796 -30.45 -31.49 6.52
CA ASN B 796 -31.01 -32.38 7.52
C ASN B 796 -31.93 -33.41 6.89
N GLU B 797 -32.55 -33.10 5.75
CA GLU B 797 -33.27 -34.12 5.01
C GLU B 797 -32.33 -35.17 4.42
N LEU B 798 -31.23 -34.72 3.80
CA LEU B 798 -30.28 -35.68 3.24
C LEU B 798 -29.67 -36.60 4.31
N VAL B 799 -29.46 -36.10 5.52
CA VAL B 799 -28.99 -36.97 6.60
C VAL B 799 -30.01 -38.05 6.93
N GLU B 800 -31.28 -37.67 7.06
CA GLU B 800 -32.32 -38.63 7.40
C GLU B 800 -32.51 -39.69 6.32
N GLU B 801 -32.40 -39.33 5.05
CA GLU B 801 -32.41 -40.32 3.98
C GLU B 801 -31.13 -41.13 3.90
N GLU B 802 -30.17 -40.91 4.80
CA GLU B 802 -28.89 -41.60 4.84
C GLU B 802 -28.08 -41.42 3.55
N ILE B 803 -28.34 -40.37 2.78
CA ILE B 803 -27.54 -40.10 1.60
C ILE B 803 -26.16 -39.60 2.00
N ILE B 804 -26.08 -38.76 3.03
CA ILE B 804 -24.83 -38.27 3.58
C ILE B 804 -24.79 -38.61 5.07
N SER B 805 -23.59 -38.83 5.58
CA SER B 805 -23.44 -39.15 7.00
C SER B 805 -23.38 -37.92 7.89
N LYS B 806 -22.78 -36.82 7.44
CA LYS B 806 -22.73 -35.61 8.25
C LYS B 806 -22.38 -34.43 7.35
N TYR B 807 -22.56 -33.23 7.90
CA TYR B 807 -22.14 -31.99 7.26
C TYR B 807 -21.74 -30.97 8.32
N PHE B 808 -20.97 -29.96 7.90
CA PHE B 808 -20.79 -28.75 8.70
C PHE B 808 -20.54 -27.56 7.78
N PHE B 809 -20.78 -26.36 8.31
CA PHE B 809 -20.53 -25.11 7.59
C PHE B 809 -19.74 -24.12 8.43
N MET B 810 -19.09 -23.17 7.76
CA MET B 810 -18.50 -22.01 8.41
C MET B 810 -18.41 -20.85 7.43
N ARG B 811 -18.20 -19.64 7.97
CA ARG B 811 -18.20 -18.40 7.21
C ARG B 811 -16.77 -17.90 7.03
N TYR B 812 -16.41 -17.46 5.83
CA TYR B 812 -15.06 -16.97 5.56
C TYR B 812 -15.08 -15.81 4.58
N VAL B 813 -13.91 -15.17 4.46
CA VAL B 813 -13.67 -14.09 3.51
C VAL B 813 -12.53 -14.49 2.58
N ASP B 814 -12.82 -14.53 1.30
CA ASP B 814 -11.81 -14.27 0.29
C ASP B 814 -12.01 -12.80 0.03
N PRO B 815 -11.57 -12.25 -1.07
CA PRO B 815 -12.28 -11.07 -1.55
C PRO B 815 -13.72 -11.44 -1.88
N GLU B 816 -14.65 -10.87 -1.11
CA GLU B 816 -16.06 -11.28 -1.09
C GLU B 816 -16.33 -12.38 -0.09
N GLN B 817 -17.38 -12.19 0.70
CA GLN B 817 -17.83 -13.11 1.72
C GLN B 817 -18.61 -14.28 1.14
N HIS B 818 -18.46 -15.45 1.76
CA HIS B 818 -19.14 -16.65 1.30
C HIS B 818 -19.35 -17.61 2.48
N ILE B 819 -20.28 -18.55 2.28
CA ILE B 819 -20.45 -19.72 3.14
C ILE B 819 -19.63 -20.87 2.58
N ARG B 820 -18.92 -21.58 3.46
CA ARG B 820 -18.28 -22.85 3.12
C ARG B 820 -19.12 -24.01 3.67
N LEU B 821 -19.66 -24.83 2.79
CA LEU B 821 -20.50 -25.96 3.16
C LEU B 821 -19.86 -27.27 2.71
N ARG B 822 -19.67 -28.19 3.65
CA ARG B 822 -19.00 -29.46 3.40
C ARG B 822 -19.90 -30.65 3.74
N LEU B 823 -20.10 -31.55 2.77
CA LEU B 823 -20.92 -32.74 2.91
C LEU B 823 -20.07 -33.99 2.78
N ASN B 824 -20.29 -34.97 3.66
CA ASN B 824 -19.52 -36.20 3.69
C ASN B 824 -20.38 -37.39 3.28
N SER B 825 -19.90 -38.15 2.30
CA SER B 825 -20.52 -39.41 1.87
C SER B 825 -19.51 -40.14 0.99
N SER B 826 -19.98 -41.16 0.26
CA SER B 826 -19.18 -41.82 -0.76
C SER B 826 -19.25 -41.07 -2.10
N GLN B 827 -18.22 -41.26 -2.91
CA GLN B 827 -18.18 -40.62 -4.23
C GLN B 827 -19.38 -41.01 -5.10
N GLU B 828 -19.83 -42.26 -5.01
CA GLU B 828 -20.99 -42.68 -5.80
C GLU B 828 -22.25 -41.94 -5.38
N LYS B 829 -22.53 -41.90 -4.09
CA LYS B 829 -23.71 -41.19 -3.60
C LYS B 829 -23.65 -39.70 -3.87
N LEU B 830 -22.47 -39.09 -3.76
CA LEU B 830 -22.34 -37.66 -4.04
C LEU B 830 -22.61 -37.32 -5.50
N LEU B 831 -22.08 -38.09 -6.44
CA LEU B 831 -22.40 -37.84 -7.84
C LEU B 831 -23.86 -38.14 -8.16
N MET B 832 -24.49 -39.04 -7.42
CA MET B 832 -25.91 -39.35 -7.66
C MET B 832 -26.83 -38.19 -7.28
N ILE B 833 -26.58 -37.51 -6.15
CA ILE B 833 -27.42 -36.40 -5.75
C ILE B 833 -27.07 -35.05 -6.36
N TYR B 834 -25.92 -34.88 -6.96
CA TYR B 834 -25.55 -33.55 -7.45
C TYR B 834 -26.62 -32.90 -8.32
N PRO B 835 -27.32 -33.60 -9.20
CA PRO B 835 -28.43 -32.96 -9.92
C PRO B 835 -29.51 -32.32 -9.04
N LYS B 836 -29.81 -32.89 -7.87
CA LYS B 836 -30.76 -32.24 -6.96
C LYS B 836 -30.17 -31.04 -6.24
N ILE B 837 -28.86 -31.04 -5.97
CA ILE B 837 -28.20 -29.88 -5.39
C ILE B 837 -28.23 -28.69 -6.35
N ARG B 838 -28.05 -28.94 -7.64
CA ARG B 838 -28.20 -27.87 -8.63
C ARG B 838 -29.60 -27.23 -8.59
N GLU B 839 -30.64 -28.05 -8.56
CA GLU B 839 -32.00 -27.50 -8.52
C GLU B 839 -32.23 -26.66 -7.27
N TRP B 840 -31.81 -27.18 -6.13
CA TRP B 840 -31.82 -26.44 -4.87
C TRP B 840 -31.14 -25.08 -4.98
N LEU B 841 -29.90 -25.05 -5.43
CA LEU B 841 -29.18 -23.79 -5.50
C LEU B 841 -29.73 -22.85 -6.56
N SER B 842 -30.37 -23.38 -7.60
CA SER B 842 -31.08 -22.52 -8.55
C SER B 842 -32.32 -21.88 -7.92
N MET B 843 -33.03 -22.64 -7.08
CA MET B 843 -34.14 -22.08 -6.34
C MET B 843 -33.70 -20.98 -5.38
N ILE B 844 -32.60 -21.19 -4.66
CA ILE B 844 -32.07 -20.13 -3.80
C ILE B 844 -31.71 -18.87 -4.59
N ARG B 845 -31.09 -19.04 -5.76
CA ARG B 845 -30.74 -17.87 -6.58
C ARG B 845 -31.98 -17.08 -7.02
N LYS B 846 -33.02 -17.76 -7.46
CA LYS B 846 -34.19 -17.08 -7.99
C LYS B 846 -34.88 -16.21 -6.94
N LYS B 847 -34.83 -16.61 -5.67
CA LYS B 847 -35.30 -15.75 -4.58
C LYS B 847 -34.35 -14.60 -4.27
N GLY B 848 -33.18 -14.56 -4.90
CA GLY B 848 -32.23 -13.49 -4.68
C GLY B 848 -31.33 -13.65 -3.48
N LEU B 849 -31.24 -14.84 -2.91
CA LEU B 849 -30.46 -15.08 -1.70
C LEU B 849 -29.00 -15.42 -1.97
N MET B 850 -28.62 -15.69 -3.21
CA MET B 850 -27.23 -16.00 -3.55
C MET B 850 -26.98 -15.65 -5.00
N THR B 851 -25.69 -15.62 -5.38
CA THR B 851 -25.29 -15.29 -6.75
C THR B 851 -24.72 -16.49 -7.49
N TYR B 852 -23.52 -16.96 -7.15
CA TYR B 852 -22.89 -18.09 -7.83
C TYR B 852 -22.19 -18.97 -6.80
N PHE B 853 -21.76 -20.15 -7.23
CA PHE B 853 -21.05 -21.07 -6.34
C PHE B 853 -19.94 -21.80 -7.08
N SER B 854 -19.02 -22.37 -6.29
CA SER B 854 -17.86 -23.12 -6.77
C SER B 854 -17.68 -24.38 -5.94
N ILE B 855 -16.95 -25.34 -6.50
CA ILE B 855 -16.60 -26.59 -5.82
C ILE B 855 -15.08 -26.64 -5.66
N ASP B 856 -14.63 -26.99 -4.46
CA ASP B 856 -13.22 -26.85 -4.09
C ASP B 856 -12.67 -28.13 -3.48
N SER B 857 -11.33 -28.21 -3.44
CA SER B 857 -10.60 -29.25 -2.72
C SER B 857 -10.58 -28.98 -1.21
N TYR B 858 -10.99 -29.96 -0.43
CA TYR B 858 -10.97 -29.85 1.02
C TYR B 858 -9.59 -30.23 1.57
N ASP B 859 -8.95 -29.30 2.27
CA ASP B 859 -7.63 -29.49 2.86
C ASP B 859 -7.75 -29.60 4.38
N ARG B 860 -7.47 -30.79 4.92
CA ARG B 860 -7.79 -31.13 6.30
C ARG B 860 -6.67 -30.73 7.25
N GLU B 861 -7.02 -29.98 8.30
CA GLU B 861 -6.09 -29.49 9.32
C GLU B 861 -5.73 -30.56 10.36
N ILE B 862 -5.13 -31.65 9.88
CA ILE B 862 -4.94 -32.85 10.70
C ILE B 862 -4.23 -32.53 12.01
N GLU B 863 -3.11 -31.81 11.94
CA GLU B 863 -2.30 -31.55 13.13
C GLU B 863 -2.98 -30.62 14.14
N ARG B 864 -3.88 -29.76 13.69
CA ARG B 864 -4.49 -28.79 14.60
C ARG B 864 -5.42 -29.45 15.61
N TYR B 865 -6.23 -30.42 15.16
CA TYR B 865 -7.22 -31.07 16.00
C TYR B 865 -6.76 -32.41 16.56
N GLY B 866 -5.47 -32.70 16.52
CA GLY B 866 -4.92 -33.78 17.32
C GLY B 866 -4.36 -34.96 16.57
N GLY B 867 -4.23 -34.90 15.26
CA GLY B 867 -3.67 -35.99 14.48
C GLY B 867 -4.72 -36.84 13.81
N ILE B 868 -4.21 -37.87 13.13
CA ILE B 868 -5.01 -38.63 12.17
C ILE B 868 -6.15 -39.39 12.82
N GLU B 869 -6.03 -39.74 14.10
CA GLU B 869 -7.15 -40.37 14.81
C GLU B 869 -8.22 -39.35 15.22
N LEU B 870 -7.81 -38.25 15.83
CA LEU B 870 -8.76 -37.39 16.52
C LEU B 870 -9.58 -36.51 15.58
N ILE B 871 -9.05 -36.14 14.42
CA ILE B 871 -9.78 -35.26 13.51
C ILE B 871 -11.09 -35.87 13.02
N ASN B 872 -11.22 -37.20 13.01
CA ASN B 872 -12.52 -37.80 12.73
C ASN B 872 -13.56 -37.44 13.79
N ILE B 873 -13.13 -37.25 15.03
CA ILE B 873 -14.06 -36.87 16.08
C ILE B 873 -14.30 -35.37 16.08
N ALA B 874 -13.29 -34.57 15.76
CA ALA B 874 -13.50 -33.14 15.63
C ALA B 874 -14.49 -32.82 14.52
N GLU B 875 -14.44 -33.56 13.41
CA GLU B 875 -15.43 -33.38 12.36
C GLU B 875 -16.85 -33.77 12.77
N LYS B 876 -17.01 -34.64 13.77
CA LYS B 876 -18.33 -34.85 14.37
C LYS B 876 -18.72 -33.73 15.32
N VAL B 877 -17.76 -33.20 16.07
CA VAL B 877 -18.03 -32.03 16.90
C VAL B 877 -18.53 -30.86 16.06
N PHE B 878 -17.95 -30.66 14.88
CA PHE B 878 -18.41 -29.59 13.99
C PHE B 878 -19.82 -29.85 13.46
N PHE B 879 -20.19 -31.11 13.28
CA PHE B 879 -21.54 -31.46 12.84
C PHE B 879 -22.62 -31.08 13.85
N PHE B 880 -22.43 -31.45 15.12
CA PHE B 880 -23.40 -31.09 16.15
C PHE B 880 -23.44 -29.60 16.43
N ASP B 881 -22.30 -28.92 16.38
CA ASP B 881 -22.31 -27.48 16.61
C ASP B 881 -23.02 -26.71 15.49
N SER B 882 -23.05 -27.26 14.27
CA SER B 882 -23.86 -26.65 13.21
C SER B 882 -25.34 -26.72 13.52
N ILE B 883 -25.84 -27.89 13.92
CA ILE B 883 -27.25 -28.04 14.27
C ILE B 883 -27.65 -27.06 15.37
N VAL B 884 -26.88 -27.01 16.46
CA VAL B 884 -27.18 -26.08 17.54
C VAL B 884 -27.21 -24.64 17.06
N THR B 885 -26.28 -24.25 16.19
CA THR B 885 -26.30 -22.90 15.64
C THR B 885 -27.56 -22.63 14.84
N GLU B 886 -27.94 -23.56 13.96
CA GLU B 886 -29.18 -23.40 13.21
C GLU B 886 -30.38 -23.24 14.14
N ASP B 887 -30.43 -24.02 15.22
CA ASP B 887 -31.56 -23.95 16.14
C ASP B 887 -31.60 -22.64 16.91
N ILE B 888 -30.45 -22.16 17.37
CA ILE B 888 -30.40 -20.87 18.04
C ILE B 888 -30.80 -19.73 17.10
N LEU B 889 -30.27 -19.72 15.88
CA LEU B 889 -30.66 -18.68 14.92
C LEU B 889 -32.15 -18.70 14.62
N ARG B 890 -32.75 -19.89 14.51
CA ARG B 890 -34.19 -19.96 14.30
C ARG B 890 -34.97 -19.43 15.50
N ALA B 891 -34.68 -19.95 16.69
CA ALA B 891 -35.40 -19.52 17.89
C ALA B 891 -35.27 -18.02 18.12
N LYS B 892 -34.13 -17.44 17.76
CA LYS B 892 -33.97 -15.99 17.86
C LYS B 892 -34.86 -15.26 16.86
N ARG B 893 -34.92 -15.75 15.63
CA ARG B 893 -35.79 -15.15 14.62
C ARG B 893 -37.27 -15.35 14.96
N GLU B 894 -37.62 -16.53 15.45
CA GLU B 894 -38.98 -16.81 15.89
C GLU B 894 -39.37 -16.06 17.16
N GLY B 895 -38.44 -15.37 17.80
CA GLY B 895 -38.75 -14.61 18.99
C GLY B 895 -38.91 -15.41 20.27
N SER B 896 -38.45 -16.67 20.28
CA SER B 896 -38.66 -17.51 21.45
C SER B 896 -37.89 -17.05 22.67
N PHE B 897 -36.87 -16.22 22.51
CA PHE B 897 -36.22 -15.58 23.64
C PHE B 897 -35.64 -14.24 23.19
N ASP B 898 -35.26 -13.43 24.18
CA ASP B 898 -34.91 -12.04 23.95
C ASP B 898 -33.52 -11.67 24.47
N PHE B 899 -32.64 -12.65 24.66
CA PHE B 899 -31.30 -12.35 25.14
C PHE B 899 -30.49 -11.63 24.07
N CYS B 900 -29.60 -10.75 24.52
CA CYS B 900 -28.66 -10.10 23.60
C CYS B 900 -27.63 -11.10 23.09
N ASP B 901 -26.95 -10.70 22.01
CA ASP B 901 -25.91 -11.54 21.43
C ASP B 901 -24.78 -11.81 22.41
N GLU B 902 -24.42 -10.83 23.23
CA GLU B 902 -23.35 -11.04 24.21
C GLU B 902 -23.70 -12.12 25.23
N ILE B 903 -24.96 -12.17 25.66
CA ILE B 903 -25.37 -13.19 26.62
C ILE B 903 -25.26 -14.58 26.00
N ILE B 904 -25.75 -14.74 24.77
CA ILE B 904 -25.68 -16.04 24.12
C ILE B 904 -24.22 -16.47 23.92
N GLY B 905 -23.37 -15.55 23.51
CA GLY B 905 -21.95 -15.87 23.40
C GLY B 905 -21.34 -16.33 24.71
N MET B 906 -21.58 -15.57 25.79
CA MET B 906 -21.03 -15.92 27.09
C MET B 906 -21.49 -17.30 27.55
N ILE B 907 -22.80 -17.56 27.44
CA ILE B 907 -23.31 -18.87 27.85
C ILE B 907 -22.71 -19.97 26.99
N SER B 908 -22.52 -19.72 25.70
CA SER B 908 -21.95 -20.75 24.84
C SER B 908 -20.50 -21.05 25.18
N VAL B 909 -19.68 -20.03 25.43
CA VAL B 909 -18.30 -20.24 25.86
C VAL B 909 -18.24 -21.04 27.17
N VAL B 910 -19.07 -20.67 28.13
CA VAL B 910 -19.03 -21.37 29.41
C VAL B 910 -19.50 -22.81 29.25
N HIS B 911 -20.58 -23.04 28.50
CA HIS B 911 -21.04 -24.40 28.26
C HIS B 911 -19.99 -25.25 27.54
N TYR B 912 -19.23 -24.64 26.63
CA TYR B 912 -18.11 -25.34 26.02
C TYR B 912 -17.07 -25.78 27.04
N MET B 913 -16.58 -24.86 27.86
CA MET B 913 -15.55 -25.25 28.83
C MET B 913 -16.08 -26.27 29.85
N GLU B 914 -17.31 -26.10 30.30
CA GLU B 914 -17.90 -27.06 31.23
C GLU B 914 -18.01 -28.45 30.63
N SER B 915 -18.42 -28.56 29.37
CA SER B 915 -18.59 -29.88 28.79
C SER B 915 -17.26 -30.48 28.35
N PHE B 916 -16.30 -29.66 27.93
CA PHE B 916 -14.98 -30.18 27.61
C PHE B 916 -14.22 -30.62 28.86
N GLY B 917 -14.66 -30.19 30.04
CA GLY B 917 -14.07 -30.71 31.26
C GLY B 917 -12.90 -29.94 31.80
N LEU B 918 -12.81 -28.65 31.52
CA LEU B 918 -11.74 -27.82 32.06
C LEU B 918 -12.20 -27.25 33.40
N PRO B 919 -11.63 -27.69 34.53
CA PRO B 919 -12.21 -27.35 35.83
C PRO B 919 -12.09 -25.87 36.17
N TYR B 920 -13.00 -25.44 37.06
CA TYR B 920 -13.21 -24.02 37.34
C TYR B 920 -11.93 -23.29 37.74
N ALA B 921 -11.03 -23.96 38.46
CA ALA B 921 -9.80 -23.31 38.87
C ALA B 921 -8.96 -22.86 37.67
N LYS B 922 -9.09 -23.55 36.55
CA LYS B 922 -8.37 -23.20 35.33
C LYS B 922 -9.11 -22.22 34.44
N GLN B 923 -10.44 -22.26 34.45
CA GLN B 923 -11.25 -21.53 33.48
C GLN B 923 -10.90 -20.05 33.40
N VAL B 924 -10.80 -19.37 34.55
CA VAL B 924 -10.51 -17.94 34.51
C VAL B 924 -9.14 -17.66 33.90
N GLU B 925 -8.13 -18.41 34.32
CA GLU B 925 -6.79 -18.20 33.78
C GLU B 925 -6.71 -18.53 32.30
N PHE B 926 -7.51 -19.49 31.83
CA PHE B 926 -7.59 -19.78 30.40
C PHE B 926 -8.30 -18.68 29.63
N LEU B 927 -9.38 -18.12 30.17
CA LEU B 927 -10.05 -17.00 29.50
C LEU B 927 -9.31 -15.68 29.65
N ARG B 928 -8.48 -15.53 30.69
CA ARG B 928 -7.46 -14.50 30.67
C ARG B 928 -6.35 -14.90 29.70
N SER B 929 -5.14 -14.41 29.92
CA SER B 929 -3.99 -14.79 29.10
C SER B 929 -4.17 -14.37 27.65
N GLN B 930 -5.09 -13.46 27.37
CA GLN B 930 -5.42 -13.08 26.01
C GLN B 930 -6.06 -11.70 25.97
N ARG B 937 -13.60 -4.30 29.36
CA ARG B 937 -15.05 -4.16 29.46
C ARG B 937 -15.47 -3.95 30.91
N GLU B 938 -14.55 -3.49 31.74
CA GLU B 938 -14.77 -3.54 33.19
C GLU B 938 -16.03 -2.80 33.58
N ASP B 939 -16.31 -1.66 32.94
CA ASP B 939 -17.49 -0.87 33.27
C ASP B 939 -18.74 -1.33 32.55
N PHE B 940 -18.59 -2.18 31.52
CA PHE B 940 -19.75 -2.78 30.86
C PHE B 940 -20.26 -4.01 31.59
N LYS B 941 -19.59 -4.43 32.66
CA LYS B 941 -20.07 -5.45 33.57
C LYS B 941 -21.23 -4.97 34.43
N GLN B 942 -21.59 -3.68 34.35
CA GLN B 942 -22.55 -3.09 35.29
C GLN B 942 -23.88 -3.83 35.34
N LYS B 943 -24.16 -4.70 34.38
CA LYS B 943 -25.26 -5.65 34.48
C LYS B 943 -24.95 -6.81 35.42
N ARG B 944 -24.11 -6.56 36.43
CA ARG B 944 -23.48 -7.64 37.20
C ARG B 944 -24.48 -8.72 37.60
N THR B 945 -25.63 -8.30 38.15
CA THR B 945 -26.58 -9.28 38.66
C THR B 945 -27.08 -10.22 37.57
N GLU B 946 -27.31 -9.68 36.37
CA GLU B 946 -27.77 -10.52 35.27
C GLU B 946 -26.70 -11.52 34.82
N TYR B 947 -25.47 -11.06 34.60
CA TYR B 947 -24.42 -11.96 34.13
C TYR B 947 -24.04 -13.00 35.17
N MET B 948 -23.97 -12.61 36.45
CA MET B 948 -23.67 -13.59 37.48
C MET B 948 -24.80 -14.59 37.68
N LYS B 949 -26.04 -14.18 37.47
CA LYS B 949 -27.15 -15.11 37.54
C LYS B 949 -27.11 -16.13 36.40
N LEU B 950 -26.86 -15.67 35.17
CA LEU B 950 -26.96 -16.53 34.01
C LEU B 950 -25.76 -17.46 33.81
N CYS B 951 -24.55 -16.98 34.06
CA CYS B 951 -23.36 -17.80 33.82
C CYS B 951 -23.09 -18.84 34.90
N ASN B 952 -23.86 -18.88 35.99
CA ASN B 952 -23.66 -19.89 37.02
C ASN B 952 -24.22 -21.23 36.56
N SER B 953 -23.34 -22.22 36.40
CA SER B 953 -23.71 -23.55 35.92
C SER B 953 -24.19 -24.48 37.04
N ASN B 954 -24.17 -24.02 38.29
CA ASN B 954 -24.38 -24.92 39.43
C ASN B 954 -25.73 -25.61 39.39
N LYS B 955 -25.78 -26.79 40.00
CA LYS B 955 -26.84 -27.78 39.86
C LYS B 955 -27.04 -28.22 38.41
N ASP B 956 -27.88 -27.50 37.67
CA ASP B 956 -27.97 -27.69 36.23
C ASP B 956 -28.40 -26.36 35.64
N TRP B 957 -27.50 -25.38 35.69
CA TRP B 957 -27.78 -24.03 35.23
C TRP B 957 -29.02 -23.47 35.92
N GLU B 958 -29.10 -23.69 37.23
CA GLU B 958 -30.31 -23.42 37.99
C GLU B 958 -30.79 -21.99 37.84
N GLY B 959 -29.87 -21.03 37.80
CA GLY B 959 -30.23 -19.64 37.62
C GLY B 959 -30.76 -19.32 36.23
N LEU B 960 -30.41 -20.12 35.23
CA LEU B 960 -30.89 -19.90 33.86
C LEU B 960 -32.22 -20.60 33.62
N ARG B 961 -32.37 -21.82 34.12
CA ARG B 961 -33.61 -22.59 34.02
C ARG B 961 -34.78 -21.91 34.71
N GLU B 962 -34.51 -20.79 35.38
CA GLU B 962 -35.55 -20.10 36.15
C GLU B 962 -36.68 -19.60 35.26
N SER B 963 -36.36 -19.12 34.06
CA SER B 963 -37.36 -18.66 33.10
C SER B 963 -37.49 -19.67 31.96
N GLU B 964 -38.72 -19.80 31.44
CA GLU B 964 -38.97 -20.72 30.34
C GLU B 964 -38.18 -20.34 29.09
N GLU B 965 -37.95 -19.05 28.88
CA GLU B 965 -37.06 -18.63 27.80
C GLU B 965 -35.66 -19.21 27.98
N GLY B 966 -35.13 -19.11 29.20
CA GLY B 966 -33.84 -19.72 29.49
C GLY B 966 -33.83 -21.23 29.43
N ASN B 967 -34.96 -21.86 29.75
CA ASN B 967 -35.04 -23.31 29.63
C ASN B 967 -34.96 -23.78 28.18
N ILE B 968 -35.63 -23.07 27.27
CA ILE B 968 -35.48 -23.38 25.85
C ILE B 968 -34.02 -23.31 25.41
N LEU B 969 -33.32 -22.24 25.80
CA LEU B 969 -31.93 -22.06 25.39
C LEU B 969 -31.04 -23.21 25.83
N ILE B 970 -31.11 -23.59 27.11
CA ILE B 970 -30.22 -24.65 27.59
C ILE B 970 -30.56 -26.01 27.00
N GLU B 971 -31.82 -26.26 26.70
CA GLU B 971 -32.18 -27.53 26.07
C GLU B 971 -31.68 -27.65 24.63
N ILE B 972 -31.50 -26.53 23.93
CA ILE B 972 -30.81 -26.58 22.65
C ILE B 972 -29.33 -26.88 22.83
N LEU B 973 -28.65 -26.11 23.67
CA LEU B 973 -27.21 -26.29 23.86
C LEU B 973 -26.84 -27.72 24.25
N ASN B 974 -27.67 -28.38 25.07
CA ASN B 974 -27.33 -29.72 25.52
C ASN B 974 -27.37 -30.78 24.43
N LYS B 975 -27.85 -30.47 23.22
CA LYS B 975 -27.69 -31.41 22.11
C LYS B 975 -26.22 -31.65 21.79
N ARG B 976 -25.38 -30.65 22.07
CA ARG B 976 -23.97 -30.66 21.73
C ARG B 976 -23.08 -31.25 22.82
N ARG B 977 -23.59 -31.39 24.04
CA ARG B 977 -22.73 -31.65 25.19
C ARG B 977 -21.98 -32.97 25.07
N LYS B 978 -22.70 -34.06 24.81
CA LYS B 978 -22.13 -35.40 24.96
C LYS B 978 -20.98 -35.68 23.99
N ILE B 979 -21.04 -35.16 22.76
CA ILE B 979 -19.92 -35.36 21.84
C ILE B 979 -18.68 -34.58 22.27
N ILE B 980 -18.84 -33.43 22.90
CA ILE B 980 -17.67 -32.69 23.36
C ILE B 980 -16.99 -33.39 24.52
N GLU B 981 -17.77 -33.92 25.47
CA GLU B 981 -17.20 -34.73 26.54
C GLU B 981 -16.37 -35.89 25.99
N TYR B 982 -16.90 -36.60 25.01
CA TYR B 982 -16.16 -37.72 24.42
C TYR B 982 -14.86 -37.26 23.76
N TYR B 983 -14.90 -36.16 23.01
CA TYR B 983 -13.70 -35.63 22.39
C TYR B 983 -12.67 -35.18 23.44
N GLY B 984 -13.13 -34.53 24.49
CA GLY B 984 -12.22 -34.15 25.57
C GLY B 984 -11.49 -35.31 26.22
N ASN B 985 -12.20 -36.40 26.49
CA ASN B 985 -11.57 -37.56 27.10
C ASN B 985 -10.50 -38.18 26.20
N LYS B 986 -10.76 -38.25 24.89
CA LYS B 986 -9.76 -38.77 23.96
C LYS B 986 -8.54 -37.86 23.85
N VAL B 987 -8.73 -36.55 23.89
CA VAL B 987 -7.59 -35.63 23.83
C VAL B 987 -6.68 -35.79 25.03
N ARG B 988 -7.25 -36.00 26.22
CA ARG B 988 -6.43 -36.27 27.39
C ARG B 988 -5.90 -37.70 27.41
N GLU B 989 -6.66 -38.65 26.87
CA GLU B 989 -6.19 -40.02 26.75
C GLU B 989 -5.00 -40.14 25.80
N ASN B 990 -4.81 -39.17 24.90
CA ASN B 990 -3.66 -39.20 23.99
C ASN B 990 -2.41 -38.65 24.68
N GLU B 991 -1.36 -39.48 24.72
CA GLU B 991 -0.10 -39.08 25.32
C GLU B 991 0.76 -38.25 24.38
N GLU B 992 0.57 -38.40 23.07
CA GLU B 992 1.32 -37.63 22.09
C GLU B 992 0.83 -36.19 21.97
N VAL B 993 -0.38 -35.91 22.42
CA VAL B 993 -0.96 -34.57 22.34
C VAL B 993 -0.79 -33.90 23.69
N SER B 994 -0.41 -32.63 23.67
CA SER B 994 -0.19 -31.85 24.87
C SER B 994 -0.71 -30.44 24.67
N THR B 995 -1.06 -29.80 25.78
CA THR B 995 -1.78 -28.52 25.77
C THR B 995 -3.05 -28.63 24.93
N ASP B 996 -3.95 -29.50 25.42
CA ASP B 996 -5.30 -29.55 24.89
C ASP B 996 -6.02 -28.22 24.97
N LEU B 997 -5.53 -27.30 25.80
CA LEU B 997 -6.05 -25.94 25.81
C LEU B 997 -5.93 -25.26 24.46
N SER B 998 -4.95 -25.65 23.63
CA SER B 998 -4.90 -25.14 22.27
C SER B 998 -6.00 -25.71 21.40
N ILE B 999 -6.37 -26.98 21.61
CA ILE B 999 -7.50 -27.57 20.88
C ILE B 999 -8.81 -26.94 21.33
N LEU B 1000 -9.02 -26.86 22.64
CA LEU B 1000 -10.22 -26.20 23.17
C LEU B 1000 -10.38 -24.77 22.65
N ASP B 1001 -9.29 -24.01 22.63
CA ASP B 1001 -9.36 -22.65 22.09
C ASP B 1001 -9.77 -22.64 20.62
N SER B 1002 -9.30 -23.60 19.83
CA SER B 1002 -9.65 -23.64 18.41
C SER B 1002 -11.14 -23.88 18.17
N ILE B 1003 -11.74 -24.84 18.88
CA ILE B 1003 -13.16 -25.12 18.68
C ILE B 1003 -14.06 -24.01 19.20
N ILE B 1004 -13.61 -23.22 20.19
CA ILE B 1004 -14.41 -22.08 20.62
C ILE B 1004 -14.46 -21.01 19.54
N HIS B 1005 -13.34 -20.72 18.88
CA HIS B 1005 -13.36 -19.75 17.79
C HIS B 1005 -14.35 -20.10 16.70
N LEU B 1006 -14.43 -21.38 16.33
CA LEU B 1006 -15.33 -21.80 15.26
C LEU B 1006 -16.81 -21.64 15.61
N ASN B 1007 -17.20 -21.94 16.84
CA ASN B 1007 -18.58 -21.67 17.26
C ASN B 1007 -18.93 -20.19 17.16
N CYS B 1008 -18.02 -19.32 17.59
CA CYS B 1008 -18.25 -17.88 17.45
C CYS B 1008 -18.36 -17.49 15.99
N ASN B 1009 -17.49 -18.04 15.14
CA ASN B 1009 -17.61 -17.77 13.71
C ASN B 1009 -18.97 -18.19 13.17
N ARG B 1010 -19.45 -19.37 13.52
CA ARG B 1010 -20.73 -19.84 13.01
C ARG B 1010 -21.86 -18.92 13.44
N MET B 1011 -21.90 -18.52 14.71
CA MET B 1011 -23.03 -17.71 15.15
C MET B 1011 -22.94 -16.25 14.69
N PHE B 1012 -21.77 -15.61 14.77
CA PHE B 1012 -21.67 -14.18 14.63
C PHE B 1012 -20.90 -13.69 13.40
N GLY B 1013 -20.28 -14.58 12.63
CA GLY B 1013 -19.42 -14.17 11.55
C GLY B 1013 -18.06 -13.70 12.04
N ILE B 1014 -17.36 -13.04 11.13
CA ILE B 1014 -16.03 -12.51 11.41
C ILE B 1014 -16.15 -11.16 12.10
N ASP B 1015 -15.85 -11.11 13.39
CA ASP B 1015 -15.81 -9.84 14.11
C ASP B 1015 -14.89 -10.03 15.31
N ARG B 1016 -13.65 -9.58 15.16
CA ARG B 1016 -12.62 -9.84 16.15
C ARG B 1016 -12.87 -9.09 17.44
N GLU B 1017 -13.33 -7.85 17.34
CA GLU B 1017 -13.69 -7.10 18.54
C GLU B 1017 -14.89 -7.72 19.26
N PHE B 1018 -15.87 -8.23 18.52
CA PHE B 1018 -16.99 -8.88 19.18
C PHE B 1018 -16.55 -10.15 19.91
N GLU B 1019 -15.74 -10.99 19.27
CA GLU B 1019 -15.26 -12.18 19.97
C GLU B 1019 -14.44 -11.81 21.20
N LYS B 1020 -13.57 -10.81 21.08
CA LYS B 1020 -12.77 -10.36 22.21
C LYS B 1020 -13.66 -9.91 23.38
N LYS B 1021 -14.71 -9.15 23.07
CA LYS B 1021 -15.67 -8.73 24.09
C LYS B 1021 -16.31 -9.90 24.82
N VAL B 1022 -16.73 -10.94 24.08
CA VAL B 1022 -17.40 -12.05 24.73
C VAL B 1022 -16.47 -12.79 25.68
N ARG B 1023 -15.18 -12.88 25.35
CA ARG B 1023 -14.26 -13.62 26.20
C ARG B 1023 -13.88 -12.81 27.44
N ALA B 1024 -13.84 -11.48 27.31
CA ALA B 1024 -13.61 -10.62 28.48
C ALA B 1024 -14.82 -10.65 29.39
N LEU B 1025 -16.00 -10.35 28.85
CA LEU B 1025 -17.23 -10.24 29.61
C LEU B 1025 -17.61 -11.53 30.32
N ALA B 1026 -16.93 -12.64 30.03
CA ALA B 1026 -17.21 -13.91 30.67
C ALA B 1026 -16.13 -14.33 31.65
N SER B 1027 -14.99 -13.63 31.66
CA SER B 1027 -13.94 -13.90 32.64
C SER B 1027 -14.23 -13.14 33.92
N HIS B 1028 -14.96 -12.04 33.81
CA HIS B 1028 -15.34 -11.23 34.96
C HIS B 1028 -16.49 -11.86 35.72
N ALA B 1029 -17.45 -12.47 35.02
CA ALA B 1029 -18.53 -13.14 35.71
C ALA B 1029 -18.02 -14.41 36.38
N LEU B 1030 -17.17 -15.18 35.70
CA LEU B 1030 -16.61 -16.36 36.33
C LEU B 1030 -15.73 -15.98 37.50
N TYR B 1031 -15.03 -14.86 37.42
CA TYR B 1031 -14.22 -14.41 38.55
C TYR B 1031 -15.11 -14.02 39.73
N ALA B 1032 -16.14 -13.20 39.48
CA ALA B 1032 -17.06 -12.80 40.54
C ALA B 1032 -17.80 -13.98 41.16
N LEU B 1033 -18.01 -15.06 40.42
CA LEU B 1033 -18.62 -16.25 41.00
C LEU B 1033 -17.65 -17.07 41.86
N LYS B 1034 -16.47 -16.54 42.14
CA LYS B 1034 -15.47 -17.22 42.96
C LYS B 1034 -16.06 -17.84 44.22
N HIS B 1035 -16.95 -17.11 44.90
CA HIS B 1035 -17.54 -17.61 46.13
C HIS B 1035 -18.52 -18.76 45.91
N PHE B 1036 -18.94 -19.01 44.67
CA PHE B 1036 -19.85 -20.08 44.35
C PHE B 1036 -19.27 -21.11 43.39
N LYS B 1037 -18.17 -20.78 42.72
CA LYS B 1037 -17.59 -21.65 41.71
C LYS B 1037 -18.62 -22.04 40.66
#